data_4ACB
#
_entry.id   4ACB
#
_cell.length_a   146.630
_cell.length_b   146.630
_cell.length_c   297.220
_cell.angle_alpha   90.00
_cell.angle_beta   90.00
_cell.angle_gamma   120.00
#
_symmetry.space_group_name_H-M   'P 31 1 2'
#
loop_
_entity.id
_entity.type
_entity.pdbx_description
1 polymer 'TRANSLATION ELONGATION FACTOR SELB'
2 non-polymer 'PHOSPHOAMINOPHOSPHONIC ACID-GUANYLATE ESTER'
3 non-polymer 'MAGNESIUM ION'
4 non-polymer "GUANOSINE-5'-DIPHOSPHATE"
5 non-polymer 'SULFATE ION'
6 non-polymer '(3ALPHA,5BETA,12ALPHA)-3,12-DIHYDROXYCHOLAN-24-OIC ACID'
7 non-polymer "GUANOSINE-5'-MONOPHOSPHATE"
8 water water
#
_entity_poly.entity_id   1
_entity_poly.type   'polypeptide(L)'
_entity_poly.pdbx_seq_one_letter_code
;MHHHHHHSIEGRPHMDFKNINLGIFGHIDHGKTTLSKVLTEIASTSAHDKLPESQKRGITIDIGFSAFKLENYRITLVDA
PGHADLIRAVVSAADIIDLALIVVDAKEGPKTQTGEHMLILDHFNIPIIVVITKSDNAGTEEIKRTEMIMKSILQSTHNL
KNSSIIPISAKTGFGVDELKNLIITTLNNAEIIRNTESYFKMPLDHAFPIKGAGTVVTGTINKGIVKVGDELKVLPINMS
TKVRSIQYFKESVMEAKAGDRVGMAIQGVDAKQIYRG(CMH)ILTSKDTKLQTVDKIVAKIKISDIFKYNLTPKMKVHLN
VGMLIVPAVAVPFKKVTFGKTEENIILNEVISGNE(CMH)Y(CMH)AFELEEKVLAEVGDRVLITRLDLPPTTLRI
(CMH)GHGLIEEFKPIKDLNIKKEVLREGKVKIDKGRTVIDGLAQSKVAAEKLIGEEISIEGKDIVGKIKGTFGTKGLLT
AEFSGNVENRDKVILNRLRRWG
;
_entity_poly.pdbx_strand_id   A,B,C,D
#
loop_
_chem_comp.id
_chem_comp.type
_chem_comp.name
_chem_comp.formula
5GP non-polymer GUANOSINE-5'-MONOPHOSPHATE 'C10 H14 N5 O8 P'
DXC non-polymer '(3ALPHA,5BETA,12ALPHA)-3,12-DIHYDROXYCHOLAN-24-OIC ACID' 'C24 H40 O4'
GDP RNA linking GUANOSINE-5'-DIPHOSPHATE 'C10 H15 N5 O11 P2'
GNP non-polymer 'PHOSPHOAMINOPHOSPHONIC ACID-GUANYLATE ESTER' 'C10 H17 N6 O13 P3'
MG non-polymer 'MAGNESIUM ION' 'Mg 2'
SO4 non-polymer 'SULFATE ION' 'O4 S -2'
#
# COMPACT_ATOMS: atom_id res chain seq x y z
N HIS A 14 -2.13 -21.12 -11.84
CA HIS A 14 -2.95 -21.55 -12.97
C HIS A 14 -2.23 -22.65 -13.76
N MET A 15 -2.44 -22.69 -15.07
CA MET A 15 -1.86 -23.72 -15.92
C MET A 15 -0.48 -23.34 -16.45
N ASP A 16 0.37 -24.34 -16.68
CA ASP A 16 1.71 -24.09 -17.21
C ASP A 16 1.67 -23.87 -18.71
N PHE A 17 2.19 -22.73 -19.17
CA PHE A 17 2.21 -22.39 -20.59
C PHE A 17 3.46 -22.93 -21.27
N LYS A 18 3.40 -23.16 -22.57
CA LYS A 18 4.63 -23.47 -23.30
C LYS A 18 5.01 -22.38 -24.29
N ASN A 19 6.27 -21.98 -24.25
CA ASN A 19 6.77 -20.90 -25.08
C ASN A 19 7.03 -21.35 -26.50
N ILE A 20 6.38 -20.70 -27.46
CA ILE A 20 6.46 -21.10 -28.86
C ILE A 20 6.78 -19.94 -29.80
N ASN A 21 7.73 -20.13 -30.70
CA ASN A 21 7.95 -19.16 -31.76
C ASN A 21 7.41 -19.62 -33.12
N LEU A 22 6.59 -18.76 -33.72
CA LEU A 22 5.91 -19.07 -34.95
C LEU A 22 6.28 -18.10 -36.06
N GLY A 23 6.95 -18.61 -37.08
CA GLY A 23 7.33 -17.80 -38.22
C GLY A 23 6.18 -17.58 -39.18
N ILE A 24 6.27 -16.54 -39.99
CA ILE A 24 5.32 -16.29 -41.07
C ILE A 24 6.06 -15.78 -42.30
N PHE A 25 6.01 -16.55 -43.38
CA PHE A 25 6.82 -16.30 -44.57
C PHE A 25 5.96 -16.31 -45.82
N GLY A 26 6.48 -15.71 -46.88
CA GLY A 26 5.79 -15.73 -48.16
C GLY A 26 6.17 -14.60 -49.08
N HIS A 27 5.60 -14.60 -50.28
CA HIS A 27 5.87 -13.56 -51.28
C HIS A 27 5.27 -12.24 -50.82
N ILE A 28 5.77 -11.12 -51.37
CA ILE A 28 5.22 -9.82 -51.00
C ILE A 28 3.75 -9.68 -51.40
N ASP A 29 2.96 -9.11 -50.49
CA ASP A 29 1.51 -8.96 -50.64
C ASP A 29 0.78 -10.30 -50.75
N HIS A 30 1.38 -11.36 -50.20
CA HIS A 30 0.72 -12.65 -50.17
C HIS A 30 -0.10 -12.78 -48.91
N GLY A 31 -0.13 -11.73 -48.10
CA GLY A 31 -1.02 -11.66 -46.96
C GLY A 31 -0.43 -12.10 -45.63
N LYS A 32 0.89 -11.92 -45.48
CA LYS A 32 1.57 -12.28 -44.24
C LYS A 32 1.07 -11.44 -43.07
N THR A 33 1.35 -10.14 -43.16
CA THR A 33 0.97 -9.15 -42.15
C THR A 33 -0.50 -9.27 -41.73
N THR A 34 -1.39 -9.41 -42.70
CA THR A 34 -2.82 -9.47 -42.40
C THR A 34 -3.15 -10.74 -41.63
N LEU A 35 -2.54 -11.85 -42.05
CA LEU A 35 -2.65 -13.09 -41.30
C LEU A 35 -2.12 -12.87 -39.88
N SER A 36 -0.99 -12.17 -39.79
CA SER A 36 -0.39 -11.86 -38.49
C SER A 36 -1.36 -11.15 -37.56
N LYS A 37 -1.96 -10.06 -38.06
CA LYS A 37 -2.92 -9.28 -37.27
C LYS A 37 -4.13 -10.09 -36.83
N VAL A 38 -4.62 -10.97 -37.70
CA VAL A 38 -5.79 -11.78 -37.38
C VAL A 38 -5.48 -12.81 -36.29
N LEU A 39 -4.23 -13.26 -36.24
CA LEU A 39 -3.78 -14.16 -35.20
C LEU A 39 -3.54 -13.45 -33.87
N THR A 40 -2.93 -12.27 -33.94
CA THR A 40 -2.48 -11.56 -32.74
C THR A 40 -3.63 -11.15 -31.84
N GLU A 41 -4.79 -10.90 -32.44
CA GLU A 41 -5.90 -10.27 -31.72
C GLU A 41 -6.70 -11.21 -30.82
N ILE A 42 -6.41 -12.51 -30.85
CA ILE A 42 -7.03 -13.44 -29.91
C ILE A 42 -6.04 -13.82 -28.80
N THR A 60 6.46 -3.88 -44.09
CA THR A 60 7.31 -4.76 -43.29
C THR A 60 8.76 -4.75 -43.79
N ILE A 61 9.60 -3.91 -43.18
CA ILE A 61 11.04 -3.89 -43.49
C ILE A 61 11.82 -4.81 -42.56
N ASP A 62 11.69 -4.58 -41.26
CA ASP A 62 12.31 -5.44 -40.26
C ASP A 62 11.37 -6.62 -40.05
N ILE A 63 11.68 -7.45 -39.06
CA ILE A 63 10.80 -8.53 -38.70
C ILE A 63 9.76 -8.01 -37.71
N GLY A 64 8.53 -8.50 -37.81
CA GLY A 64 7.49 -8.12 -36.87
C GLY A 64 7.43 -9.06 -35.68
N PHE A 65 7.06 -8.52 -34.52
CA PHE A 65 6.98 -9.33 -33.31
C PHE A 65 5.69 -9.10 -32.54
N SER A 66 4.97 -10.19 -32.30
CA SER A 66 3.67 -10.12 -31.65
C SER A 66 3.45 -11.40 -30.88
N ALA A 67 2.36 -11.46 -30.12
CA ALA A 67 2.11 -12.61 -29.28
C ALA A 67 0.64 -12.96 -29.21
N PHE A 68 0.35 -14.26 -29.11
CA PHE A 68 -1.01 -14.70 -28.87
C PHE A 68 -1.00 -16.06 -28.19
N LYS A 69 -2.08 -16.42 -27.53
CA LYS A 69 -2.20 -17.73 -26.91
C LYS A 69 -3.17 -18.67 -27.63
N LEU A 70 -2.74 -19.91 -27.84
CA LEU A 70 -3.61 -20.99 -28.31
C LEU A 70 -3.55 -22.16 -27.34
N GLU A 71 -4.66 -22.48 -26.70
CA GLU A 71 -4.67 -23.43 -25.61
C GLU A 71 -3.68 -22.96 -24.55
N ASN A 72 -2.69 -23.78 -24.21
CA ASN A 72 -1.67 -23.34 -23.26
C ASN A 72 -0.34 -23.06 -23.97
N TYR A 73 -0.44 -22.72 -25.25
CA TYR A 73 0.73 -22.34 -26.03
C TYR A 73 0.86 -20.82 -26.07
N ARG A 74 1.95 -20.31 -25.52
CA ARG A 74 2.26 -18.89 -25.68
C ARG A 74 3.02 -18.73 -26.97
N ILE A 75 2.38 -18.13 -27.96
CA ILE A 75 2.97 -18.05 -29.27
C ILE A 75 3.46 -16.66 -29.60
N THR A 76 4.78 -16.54 -29.77
CA THR A 76 5.40 -15.27 -30.15
C THR A 76 5.60 -15.24 -31.67
N LEU A 77 4.84 -14.37 -32.32
CA LEU A 77 4.79 -14.30 -33.76
C LEU A 77 5.99 -13.58 -34.36
N VAL A 78 6.65 -14.22 -35.31
CA VAL A 78 7.75 -13.61 -36.04
C VAL A 78 7.28 -13.30 -37.45
N ASP A 79 7.05 -12.03 -37.75
CA ASP A 79 6.52 -11.62 -39.05
C ASP A 79 7.65 -11.30 -40.02
N ALA A 80 7.89 -12.18 -40.99
CA ALA A 80 9.02 -12.01 -41.91
C ALA A 80 8.69 -11.11 -43.10
N PRO A 81 9.66 -10.26 -43.49
CA PRO A 81 9.53 -9.36 -44.64
C PRO A 81 9.44 -10.13 -45.94
N GLY A 82 8.49 -9.77 -46.79
CA GLY A 82 8.29 -10.46 -48.04
C GLY A 82 9.33 -10.09 -49.09
N HIS A 83 9.75 -8.83 -49.05
CA HIS A 83 10.63 -8.28 -50.09
C HIS A 83 11.96 -9.02 -50.15
N ALA A 84 12.55 -9.03 -51.35
CA ALA A 84 13.68 -9.89 -51.65
C ALA A 84 15.02 -9.24 -51.38
N ASP A 85 15.01 -7.93 -51.17
CA ASP A 85 16.22 -7.26 -50.74
C ASP A 85 16.36 -7.44 -49.23
N LEU A 86 15.25 -7.79 -48.59
CA LEU A 86 15.19 -7.94 -47.15
C LEU A 86 15.37 -9.40 -46.71
N ILE A 87 15.77 -10.25 -47.65
CA ILE A 87 15.85 -11.69 -47.39
C ILE A 87 16.87 -12.02 -46.28
N ARG A 88 17.76 -11.08 -46.00
CA ARG A 88 18.68 -11.16 -44.87
C ARG A 88 17.92 -11.31 -43.56
N ALA A 89 16.79 -10.62 -43.48
CA ALA A 89 15.92 -10.68 -42.32
C ALA A 89 15.22 -12.02 -42.28
N VAL A 90 14.84 -12.51 -43.46
CA VAL A 90 14.11 -13.78 -43.56
C VAL A 90 14.98 -14.95 -43.06
N VAL A 91 16.21 -15.02 -43.53
CA VAL A 91 17.16 -16.03 -43.07
C VAL A 91 17.31 -15.95 -41.57
N SER A 92 17.53 -14.73 -41.09
CA SER A 92 17.79 -14.49 -39.68
C SER A 92 16.54 -14.70 -38.83
N ALA A 93 15.40 -14.89 -39.48
CA ALA A 93 14.16 -15.14 -38.75
C ALA A 93 13.95 -16.63 -38.53
N ALA A 94 14.83 -17.45 -39.09
CA ALA A 94 14.70 -18.90 -39.05
C ALA A 94 15.29 -19.53 -37.79
N ASP A 95 16.44 -18.99 -37.35
CA ASP A 95 17.19 -19.54 -36.21
C ASP A 95 16.36 -19.60 -34.92
N ILE A 96 15.36 -18.73 -34.83
CA ILE A 96 14.52 -18.57 -33.66
C ILE A 96 13.38 -19.59 -33.55
N ILE A 97 12.67 -19.77 -34.66
CA ILE A 97 11.36 -20.41 -34.67
C ILE A 97 11.37 -21.93 -34.61
N ASP A 98 10.31 -22.49 -34.05
CA ASP A 98 10.12 -23.94 -34.01
C ASP A 98 8.97 -24.38 -34.93
N LEU A 99 8.36 -23.40 -35.60
CA LEU A 99 7.27 -23.67 -36.52
C LEU A 99 7.13 -22.49 -37.48
N ALA A 100 6.47 -22.69 -38.61
CA ALA A 100 6.32 -21.61 -39.58
C ALA A 100 5.03 -21.73 -40.36
N LEU A 101 4.61 -20.61 -40.95
CA LEU A 101 3.48 -20.61 -41.86
C LEU A 101 3.95 -20.01 -43.17
N ILE A 102 3.79 -20.75 -44.27
CA ILE A 102 4.18 -20.22 -45.56
C ILE A 102 2.94 -19.83 -46.31
N VAL A 103 2.80 -18.54 -46.59
CA VAL A 103 1.60 -18.09 -47.27
C VAL A 103 1.80 -17.98 -48.77
N VAL A 104 0.73 -18.29 -49.48
CA VAL A 104 0.72 -18.24 -50.92
C VAL A 104 -0.66 -17.82 -51.38
N ASP A 105 -0.69 -16.79 -52.23
CA ASP A 105 -1.94 -16.27 -52.76
C ASP A 105 -2.66 -17.39 -53.51
N ALA A 106 -3.93 -17.58 -53.19
CA ALA A 106 -4.76 -18.54 -53.90
C ALA A 106 -4.67 -18.30 -55.39
N LYS A 107 -5.08 -17.10 -55.80
CA LYS A 107 -5.21 -16.79 -57.21
C LYS A 107 -3.90 -16.90 -58.00
N GLU A 108 -2.86 -16.19 -57.58
CA GLU A 108 -1.61 -16.17 -58.36
C GLU A 108 -0.57 -17.20 -57.91
N GLY A 109 -0.93 -18.02 -56.94
CA GLY A 109 -0.10 -19.16 -56.54
C GLY A 109 1.31 -18.79 -56.10
N PRO A 110 2.17 -19.80 -55.93
CA PRO A 110 3.55 -19.58 -55.48
C PRO A 110 4.33 -18.71 -56.42
N LYS A 111 5.06 -17.77 -55.86
CA LYS A 111 6.02 -16.97 -56.61
C LYS A 111 7.41 -17.28 -56.08
N THR A 112 8.41 -16.58 -56.62
CA THR A 112 9.81 -16.88 -56.37
C THR A 112 10.25 -16.92 -54.91
N GLN A 113 9.80 -15.94 -54.12
CA GLN A 113 10.23 -15.87 -52.73
C GLN A 113 9.65 -17.04 -51.97
N THR A 114 8.48 -17.48 -52.40
CA THR A 114 7.78 -18.59 -51.75
C THR A 114 8.70 -19.80 -51.68
N GLY A 115 9.50 -19.99 -52.72
CA GLY A 115 10.44 -21.10 -52.79
C GLY A 115 11.66 -20.96 -51.89
N GLU A 116 12.32 -19.81 -51.94
CA GLU A 116 13.50 -19.62 -51.09
C GLU A 116 13.14 -19.69 -49.60
N HIS A 117 11.99 -19.13 -49.22
CA HIS A 117 11.49 -19.28 -47.87
C HIS A 117 11.25 -20.76 -47.59
N MET A 118 10.64 -21.44 -48.56
CA MET A 118 10.39 -22.87 -48.47
C MET A 118 11.68 -23.64 -48.32
N LEU A 119 12.67 -23.27 -49.14
CA LEU A 119 13.97 -23.91 -49.08
C LEU A 119 14.57 -23.71 -47.71
N ILE A 120 14.72 -22.44 -47.32
CA ILE A 120 15.34 -22.06 -46.06
C ILE A 120 14.80 -22.89 -44.90
N LEU A 121 13.49 -22.95 -44.78
CA LEU A 121 12.84 -23.71 -43.72
C LEU A 121 13.13 -25.19 -43.84
N ASP A 122 13.27 -25.66 -45.08
CA ASP A 122 13.43 -27.08 -45.28
C ASP A 122 14.85 -27.52 -44.91
N HIS A 123 15.82 -26.65 -45.16
CA HIS A 123 17.21 -26.96 -44.80
C HIS A 123 17.34 -26.97 -43.30
N PHE A 124 16.62 -26.06 -42.65
CA PHE A 124 16.70 -25.91 -41.21
C PHE A 124 15.69 -26.76 -40.48
N ASN A 125 15.03 -27.66 -41.22
CA ASN A 125 14.14 -28.64 -40.62
C ASN A 125 13.06 -27.99 -39.75
N ILE A 126 12.44 -26.95 -40.28
CA ILE A 126 11.38 -26.29 -39.56
C ILE A 126 10.02 -26.72 -40.10
N PRO A 127 9.20 -27.35 -39.25
CA PRO A 127 7.83 -27.74 -39.58
C PRO A 127 7.08 -26.58 -40.21
N ILE A 128 6.41 -26.81 -41.34
CA ILE A 128 5.61 -25.76 -41.93
C ILE A 128 4.16 -26.17 -42.15
N ILE A 129 3.31 -25.16 -42.20
CA ILE A 129 1.94 -25.33 -42.60
C ILE A 129 1.71 -24.36 -43.73
N VAL A 130 1.52 -24.90 -44.93
CA VAL A 130 1.20 -24.07 -46.07
C VAL A 130 -0.20 -23.47 -45.89
N VAL A 131 -0.29 -22.15 -46.04
CA VAL A 131 -1.53 -21.43 -45.86
C VAL A 131 -1.86 -20.66 -47.13
N ILE A 132 -3.01 -20.95 -47.69
CA ILE A 132 -3.41 -20.32 -48.94
C ILE A 132 -4.30 -19.13 -48.63
N THR A 133 -3.73 -17.94 -48.78
CA THR A 133 -4.40 -16.71 -48.41
C THR A 133 -5.19 -16.12 -49.55
N LYS A 134 -6.10 -15.23 -49.21
CA LYS A 134 -6.95 -14.55 -50.19
C LYS A 134 -7.88 -15.50 -50.94
N SER A 135 -8.52 -16.40 -50.20
CA SER A 135 -9.40 -17.41 -50.75
C SER A 135 -10.73 -16.79 -51.12
N ASP A 136 -10.99 -15.62 -50.58
CA ASP A 136 -12.24 -14.93 -50.84
C ASP A 136 -12.13 -14.24 -52.19
N ASN A 137 -10.90 -14.14 -52.69
CA ASN A 137 -10.65 -13.48 -53.96
C ASN A 137 -10.45 -14.47 -55.11
N ALA A 138 -10.69 -15.74 -54.82
CA ALA A 138 -10.53 -16.79 -55.80
C ALA A 138 -11.73 -17.73 -55.78
N GLY A 139 -11.87 -18.53 -56.83
CA GLY A 139 -12.96 -19.49 -56.92
C GLY A 139 -12.50 -20.86 -56.48
N THR A 140 -13.44 -21.75 -56.21
CA THR A 140 -13.13 -23.08 -55.69
C THR A 140 -12.10 -23.75 -56.57
N GLU A 141 -12.27 -23.59 -57.87
CA GLU A 141 -11.36 -24.13 -58.86
C GLU A 141 -9.94 -23.63 -58.63
N GLU A 142 -9.78 -22.32 -58.50
CA GLU A 142 -8.46 -21.68 -58.45
C GLU A 142 -7.71 -21.99 -57.17
N ILE A 143 -8.46 -22.27 -56.11
CA ILE A 143 -7.90 -22.68 -54.84
C ILE A 143 -7.40 -24.11 -54.94
N LYS A 144 -8.23 -24.99 -55.49
CA LYS A 144 -7.88 -26.39 -55.66
C LYS A 144 -6.64 -26.54 -56.53
N ARG A 145 -6.54 -25.69 -57.55
CA ARG A 145 -5.37 -25.68 -58.43
C ARG A 145 -4.11 -25.37 -57.63
N THR A 146 -4.12 -24.20 -57.00
CA THR A 146 -2.98 -23.72 -56.24
C THR A 146 -2.68 -24.68 -55.10
N GLU A 147 -3.74 -25.20 -54.48
CA GLU A 147 -3.59 -26.21 -53.45
C GLU A 147 -2.74 -27.37 -53.92
N MET A 148 -3.09 -27.93 -55.08
CA MET A 148 -2.37 -29.05 -55.66
C MET A 148 -0.95 -28.67 -56.04
N ILE A 149 -0.79 -27.50 -56.65
CA ILE A 149 0.53 -27.02 -57.07
C ILE A 149 1.47 -27.06 -55.88
N MET A 150 0.96 -26.65 -54.73
CA MET A 150 1.74 -26.70 -53.51
C MET A 150 2.08 -28.13 -53.10
N LYS A 151 1.09 -29.00 -53.17
CA LYS A 151 1.28 -30.39 -52.83
C LYS A 151 2.35 -31.02 -53.71
N SER A 152 2.43 -30.56 -54.96
CA SER A 152 3.46 -31.07 -55.87
C SER A 152 4.81 -30.64 -55.33
N ILE A 153 4.88 -29.37 -54.93
CA ILE A 153 6.12 -28.74 -54.50
C ILE A 153 6.67 -29.31 -53.23
N LEU A 154 5.80 -29.43 -52.22
CA LEU A 154 6.16 -30.01 -50.94
C LEU A 154 6.81 -31.37 -51.07
N GLN A 155 6.43 -32.10 -52.12
CA GLN A 155 6.97 -33.43 -52.30
C GLN A 155 8.40 -33.39 -52.84
N SER A 156 8.80 -32.24 -53.35
CA SER A 156 10.14 -32.06 -53.89
C SER A 156 11.12 -31.58 -52.82
N THR A 157 10.65 -31.54 -51.58
CA THR A 157 11.45 -31.02 -50.47
C THR A 157 11.73 -32.14 -49.49
N HIS A 158 12.91 -32.10 -48.88
CA HIS A 158 13.36 -33.20 -48.02
C HIS A 158 12.46 -33.39 -46.81
N ASN A 159 12.51 -32.47 -45.86
CA ASN A 159 11.81 -32.66 -44.59
C ASN A 159 10.33 -32.28 -44.62
N LEU A 160 9.97 -31.34 -45.51
CA LEU A 160 8.61 -30.82 -45.54
C LEU A 160 7.73 -31.69 -46.42
N LYS A 161 8.20 -32.90 -46.69
CA LYS A 161 7.61 -33.78 -47.69
C LYS A 161 6.07 -33.69 -47.74
N ASN A 162 5.42 -33.93 -46.61
CA ASN A 162 3.98 -33.71 -46.55
C ASN A 162 3.54 -32.83 -45.40
N SER A 163 3.35 -31.55 -45.69
CA SER A 163 2.93 -30.59 -44.69
C SER A 163 1.51 -30.18 -45.03
N SER A 164 0.62 -30.13 -44.04
CA SER A 164 -0.78 -29.77 -44.28
C SER A 164 -0.95 -28.49 -45.10
N ILE A 165 -2.13 -28.33 -45.71
CA ILE A 165 -2.43 -27.12 -46.46
C ILE A 165 -3.86 -26.65 -46.23
N ILE A 166 -4.02 -25.40 -45.81
CA ILE A 166 -5.35 -24.83 -45.67
C ILE A 166 -5.52 -23.55 -46.43
N PRO A 167 -6.63 -23.46 -47.16
CA PRO A 167 -7.00 -22.15 -47.70
C PRO A 167 -7.67 -21.38 -46.57
N ILE A 168 -7.34 -20.09 -46.45
CA ILE A 168 -8.09 -19.22 -45.55
C ILE A 168 -8.33 -17.88 -46.22
N SER A 169 -9.23 -17.10 -45.62
CA SER A 169 -9.34 -15.69 -45.91
C SER A 169 -9.24 -14.95 -44.60
N ALA A 170 -8.14 -14.22 -44.40
CA ALA A 170 -7.98 -13.40 -43.22
C ALA A 170 -9.08 -12.35 -43.16
N LYS A 171 -9.37 -11.73 -44.30
CA LYS A 171 -10.46 -10.75 -44.38
C LYS A 171 -11.85 -11.34 -44.05
N THR A 172 -12.12 -12.55 -44.53
CA THR A 172 -13.42 -13.14 -44.37
C THR A 172 -13.48 -13.94 -43.08
N GLY A 173 -12.35 -14.50 -42.68
CA GLY A 173 -12.27 -15.29 -41.46
C GLY A 173 -12.43 -16.74 -41.81
N PHE A 174 -12.49 -16.99 -43.11
CA PHE A 174 -12.77 -18.30 -43.70
C PHE A 174 -11.70 -19.32 -43.33
N GLY A 175 -12.07 -20.29 -42.50
CA GLY A 175 -11.16 -21.37 -42.16
C GLY A 175 -9.98 -20.90 -41.34
N VAL A 176 -10.08 -19.68 -40.84
CA VAL A 176 -9.10 -19.16 -39.91
C VAL A 176 -9.22 -20.01 -38.66
N ASP A 177 -10.46 -20.42 -38.35
CA ASP A 177 -10.71 -21.25 -37.19
C ASP A 177 -9.98 -22.56 -37.24
N GLU A 178 -10.05 -23.21 -38.40
CA GLU A 178 -9.29 -24.43 -38.61
C GLU A 178 -7.79 -24.19 -38.52
N LEU A 179 -7.32 -23.10 -39.12
CA LEU A 179 -5.90 -22.80 -39.14
C LEU A 179 -5.29 -22.83 -37.74
N LYS A 180 -6.05 -22.33 -36.77
CA LYS A 180 -5.59 -22.35 -35.38
C LYS A 180 -5.58 -23.78 -34.83
N ASN A 181 -6.63 -24.54 -35.10
CA ASN A 181 -6.69 -25.93 -34.65
C ASN A 181 -5.55 -26.78 -35.23
N LEU A 182 -4.99 -26.34 -36.35
CA LEU A 182 -3.90 -27.04 -36.99
C LEU A 182 -2.60 -26.67 -36.34
N ILE A 183 -2.44 -25.39 -36.06
CA ILE A 183 -1.28 -24.87 -35.38
C ILE A 183 -1.13 -25.57 -34.04
N ILE A 184 -2.26 -25.86 -33.40
CA ILE A 184 -2.23 -26.61 -32.15
C ILE A 184 -1.72 -28.03 -32.40
N THR A 185 -2.37 -28.73 -33.33
CA THR A 185 -2.02 -30.10 -33.62
C THR A 185 -0.54 -30.23 -33.95
N THR A 186 -0.07 -29.34 -34.82
CA THR A 186 1.31 -29.35 -35.28
C THR A 186 2.28 -29.22 -34.11
N LEU A 187 1.95 -28.36 -33.17
CA LEU A 187 2.80 -28.15 -32.01
C LEU A 187 2.74 -29.34 -31.07
N ASN A 188 1.59 -30.00 -31.02
CA ASN A 188 1.44 -31.18 -30.19
C ASN A 188 2.32 -32.30 -30.71
N ASN A 189 2.54 -32.32 -32.02
CA ASN A 189 3.36 -33.36 -32.62
C ASN A 189 4.83 -33.02 -32.60
N ALA A 190 5.15 -31.80 -33.02
CA ALA A 190 6.54 -31.43 -33.23
C ALA A 190 7.39 -31.61 -31.98
N GLU A 191 8.64 -31.99 -32.18
CA GLU A 191 9.56 -32.16 -31.07
C GLU A 191 10.28 -30.86 -30.80
N ILE A 192 9.95 -30.23 -29.68
CA ILE A 192 10.51 -28.95 -29.34
C ILE A 192 11.54 -29.13 -28.23
N ILE A 193 12.80 -28.98 -28.59
CA ILE A 193 13.89 -29.14 -27.62
C ILE A 193 14.48 -27.81 -27.16
N ARG A 194 14.07 -27.39 -25.98
CA ARG A 194 14.66 -26.25 -25.34
C ARG A 194 15.98 -26.71 -24.73
N ASN A 195 17.08 -26.05 -25.08
CA ASN A 195 18.36 -26.38 -24.46
C ASN A 195 18.70 -25.49 -23.29
N THR A 196 18.41 -25.98 -22.08
CA THR A 196 18.72 -25.25 -20.86
C THR A 196 20.14 -25.56 -20.43
N GLU A 197 20.57 -26.79 -20.72
CA GLU A 197 21.81 -27.34 -20.19
C GLU A 197 23.08 -26.58 -20.56
N SER A 198 23.21 -26.22 -21.82
CA SER A 198 24.44 -25.57 -22.28
C SER A 198 24.49 -24.10 -21.84
N TYR A 199 25.59 -23.43 -22.17
CA TYR A 199 25.80 -22.04 -21.78
C TYR A 199 24.72 -21.14 -22.38
N PHE A 200 24.51 -20.00 -21.73
CA PHE A 200 23.58 -19.00 -22.25
C PHE A 200 24.12 -18.38 -23.53
N LYS A 201 23.31 -18.45 -24.58
CA LYS A 201 23.67 -17.92 -25.89
C LYS A 201 22.45 -17.23 -26.47
N MET A 202 22.55 -15.93 -26.72
CA MET A 202 21.44 -15.16 -27.26
C MET A 202 21.94 -14.06 -28.17
N PRO A 203 21.38 -13.99 -29.38
CA PRO A 203 21.70 -12.92 -30.34
C PRO A 203 20.96 -11.64 -29.98
N LEU A 204 21.36 -10.53 -30.58
CA LEU A 204 20.69 -9.26 -30.33
C LEU A 204 20.11 -8.71 -31.62
N ASP A 205 18.79 -8.60 -31.67
CA ASP A 205 18.10 -8.09 -32.83
C ASP A 205 18.25 -6.58 -32.86
N HIS A 206 17.55 -5.92 -31.93
CA HIS A 206 17.61 -4.48 -31.79
C HIS A 206 18.16 -4.08 -30.43
N ALA A 207 18.80 -2.92 -30.37
CA ALA A 207 19.30 -2.39 -29.10
C ALA A 207 19.05 -0.88 -29.07
N PHE A 208 18.39 -0.41 -28.01
CA PHE A 208 18.13 1.01 -27.90
C PHE A 208 18.49 1.57 -26.51
N PRO A 209 19.01 2.81 -26.49
CA PRO A 209 19.59 3.37 -25.28
C PRO A 209 18.58 3.93 -24.29
N ILE A 210 19.07 4.22 -23.08
CA ILE A 210 18.37 5.04 -22.10
C ILE A 210 19.30 6.16 -21.70
N LYS A 211 20.47 5.80 -21.17
CA LYS A 211 21.56 6.75 -20.91
C LYS A 211 22.92 6.08 -21.01
N GLY A 212 23.96 6.79 -20.60
CA GLY A 212 25.33 6.31 -20.73
C GLY A 212 25.62 5.06 -19.91
N ALA A 213 24.82 4.83 -18.88
CA ALA A 213 25.05 3.71 -17.97
C ALA A 213 24.11 2.53 -18.23
N GLY A 214 23.34 2.62 -19.32
CA GLY A 214 22.37 1.57 -19.62
C GLY A 214 21.97 1.43 -21.07
N THR A 215 21.52 0.22 -21.43
CA THR A 215 21.04 -0.08 -22.77
C THR A 215 20.10 -1.28 -22.77
N VAL A 216 19.01 -1.20 -23.52
CA VAL A 216 18.09 -2.33 -23.64
C VAL A 216 18.23 -3.11 -24.95
N VAL A 217 18.47 -4.41 -24.81
CA VAL A 217 18.65 -5.31 -25.95
C VAL A 217 17.57 -6.39 -25.97
N THR A 218 17.02 -6.63 -27.16
CA THR A 218 16.02 -7.68 -27.34
C THR A 218 16.60 -8.82 -28.15
N GLY A 219 16.09 -10.03 -27.92
CA GLY A 219 16.48 -11.18 -28.70
C GLY A 219 15.91 -12.45 -28.10
N THR A 220 15.73 -13.48 -28.91
CA THR A 220 15.22 -14.73 -28.40
C THR A 220 16.39 -15.64 -28.01
N ILE A 221 16.28 -16.28 -26.85
CA ILE A 221 17.36 -17.09 -26.32
C ILE A 221 17.53 -18.47 -26.97
N ASN A 222 18.68 -18.68 -27.60
CA ASN A 222 19.02 -19.95 -28.22
C ASN A 222 19.19 -21.10 -27.23
N LYS A 223 20.22 -21.01 -26.40
CA LYS A 223 20.52 -22.04 -25.42
C LYS A 223 20.65 -21.40 -24.05
N GLY A 224 20.61 -22.22 -23.00
CA GLY A 224 21.00 -21.77 -21.68
C GLY A 224 19.92 -21.09 -20.85
N ILE A 225 20.35 -20.36 -19.83
CA ILE A 225 19.46 -19.67 -18.89
C ILE A 225 20.04 -18.32 -18.49
N VAL A 226 19.19 -17.34 -18.20
CA VAL A 226 19.63 -16.10 -17.57
C VAL A 226 18.77 -15.74 -16.38
N LYS A 227 19.42 -15.30 -15.31
CA LYS A 227 18.70 -14.79 -14.17
C LYS A 227 19.06 -13.32 -14.00
N VAL A 228 18.12 -12.54 -13.48
CA VAL A 228 18.35 -11.11 -13.30
C VAL A 228 19.59 -10.92 -12.45
N GLY A 229 20.37 -9.89 -12.76
CA GLY A 229 21.60 -9.66 -12.04
C GLY A 229 22.67 -10.67 -12.41
N ASP A 230 22.74 -11.03 -13.68
CA ASP A 230 23.84 -11.86 -14.11
C ASP A 230 24.84 -11.03 -14.88
N GLU A 231 26.09 -11.50 -14.91
CA GLU A 231 27.14 -10.88 -15.71
C GLU A 231 27.28 -11.63 -17.01
N LEU A 232 26.96 -10.97 -18.12
CA LEU A 232 27.11 -11.58 -19.44
C LEU A 232 28.09 -10.78 -20.29
N LYS A 233 28.08 -11.03 -21.59
CA LYS A 233 29.02 -10.34 -22.46
C LYS A 233 28.59 -10.22 -23.94
N VAL A 234 28.85 -9.03 -24.51
CA VAL A 234 28.49 -8.74 -25.89
C VAL A 234 29.67 -9.07 -26.78
N LEU A 235 29.38 -9.60 -27.96
CA LEU A 235 30.41 -9.99 -28.89
C LEU A 235 29.97 -9.51 -30.27
N PRO A 236 30.94 -9.31 -31.18
CA PRO A 236 32.38 -9.61 -31.05
C PRO A 236 33.16 -8.59 -30.25
N ILE A 237 32.58 -7.43 -29.97
CA ILE A 237 33.31 -6.37 -29.26
C ILE A 237 33.83 -6.78 -27.88
N ASN A 238 33.37 -7.94 -27.38
CA ASN A 238 33.79 -8.51 -26.10
C ASN A 238 33.82 -7.55 -24.90
N MET A 239 32.65 -7.06 -24.49
CA MET A 239 32.50 -6.25 -23.26
C MET A 239 31.77 -7.05 -22.18
N SER A 240 31.69 -6.51 -20.97
CA SER A 240 31.10 -7.25 -19.83
C SER A 240 29.98 -6.45 -19.19
N THR A 241 28.77 -7.01 -19.21
CA THR A 241 27.62 -6.27 -18.72
C THR A 241 26.75 -7.11 -17.81
N LYS A 242 25.79 -6.43 -17.18
CA LYS A 242 24.99 -7.03 -16.13
C LYS A 242 23.49 -6.82 -16.36
N VAL A 243 22.74 -7.89 -16.20
CA VAL A 243 21.32 -7.89 -16.48
C VAL A 243 20.49 -7.20 -15.40
N ARG A 244 20.02 -6.01 -15.72
CA ARG A 244 19.21 -5.25 -14.79
C ARG A 244 17.77 -5.72 -14.82
N SER A 245 17.29 -6.11 -16.00
CA SER A 245 15.88 -6.49 -16.13
C SER A 245 15.59 -7.53 -17.21
N ILE A 246 14.71 -8.46 -16.87
CA ILE A 246 14.19 -9.41 -17.85
C ILE A 246 12.70 -9.13 -18.09
N GLN A 247 12.38 -8.63 -19.28
CA GLN A 247 11.00 -8.41 -19.65
C GLN A 247 10.53 -9.48 -20.64
N TYR A 248 9.68 -10.39 -20.17
CA TYR A 248 9.14 -11.41 -21.05
C TYR A 248 7.62 -11.45 -21.05
N PHE A 249 7.03 -11.32 -22.23
CA PHE A 249 5.58 -11.33 -22.41
C PHE A 249 4.95 -10.17 -21.65
N LYS A 250 5.52 -8.98 -21.85
CA LYS A 250 5.03 -7.76 -21.19
C LYS A 250 4.97 -7.91 -19.67
N GLU A 251 5.97 -8.60 -19.13
CA GLU A 251 6.00 -8.89 -17.70
C GLU A 251 7.44 -9.03 -17.24
N SER A 252 7.73 -8.51 -16.06
CA SER A 252 9.08 -8.61 -15.52
C SER A 252 9.22 -9.91 -14.74
N VAL A 253 10.23 -10.69 -15.10
CA VAL A 253 10.48 -11.97 -14.44
C VAL A 253 11.94 -12.08 -14.03
N MET A 254 12.18 -12.93 -13.04
CA MET A 254 13.52 -13.11 -12.51
C MET A 254 14.39 -13.92 -13.45
N GLU A 255 13.80 -14.91 -14.09
CA GLU A 255 14.56 -15.84 -14.90
C GLU A 255 13.97 -16.00 -16.31
N ALA A 256 14.85 -16.14 -17.30
CA ALA A 256 14.43 -16.47 -18.65
C ALA A 256 15.12 -17.76 -19.09
N LYS A 257 14.48 -18.48 -20.01
CA LYS A 257 14.99 -19.75 -20.48
C LYS A 257 15.18 -19.71 -21.99
N ALA A 258 15.81 -20.74 -22.52
CA ALA A 258 16.01 -20.81 -23.95
C ALA A 258 14.67 -21.05 -24.64
N GLY A 259 14.39 -20.26 -25.68
CA GLY A 259 13.14 -20.38 -26.40
C GLY A 259 12.25 -19.20 -26.09
N ASP A 260 12.65 -18.42 -25.09
CA ASP A 260 11.89 -17.25 -24.69
C ASP A 260 12.41 -16.02 -25.42
N ARG A 261 11.50 -15.22 -25.95
CA ARG A 261 11.90 -13.96 -26.55
C ARG A 261 11.77 -12.89 -25.48
N VAL A 262 12.90 -12.42 -24.97
CA VAL A 262 12.90 -11.52 -23.84
C VAL A 262 13.44 -10.15 -24.19
N GLY A 263 12.90 -9.14 -23.52
CA GLY A 263 13.51 -7.83 -23.48
C GLY A 263 14.51 -7.81 -22.34
N MET A 264 15.70 -7.30 -22.61
CA MET A 264 16.75 -7.32 -21.62
C MET A 264 17.47 -6.00 -21.50
N ALA A 265 17.50 -5.48 -20.28
CA ALA A 265 18.23 -4.28 -19.95
C ALA A 265 19.57 -4.69 -19.33
N ILE A 266 20.67 -4.20 -19.90
CA ILE A 266 21.98 -4.47 -19.32
C ILE A 266 22.82 -3.20 -19.20
N GLN A 267 23.74 -3.20 -18.24
CA GLN A 267 24.57 -2.03 -18.00
C GLN A 267 26.05 -2.31 -18.21
N GLY A 268 26.73 -1.35 -18.81
CA GLY A 268 28.14 -1.48 -19.09
C GLY A 268 28.38 -1.40 -20.57
N VAL A 269 27.31 -1.08 -21.30
CA VAL A 269 27.39 -0.85 -22.74
C VAL A 269 26.43 0.25 -23.18
N ASP A 270 26.86 0.92 -24.24
CA ASP A 270 26.12 1.95 -24.91
C ASP A 270 25.43 1.30 -26.09
N ALA A 271 24.23 1.76 -26.41
CA ALA A 271 23.46 1.17 -27.51
C ALA A 271 24.13 1.34 -28.89
N LYS A 272 25.06 2.27 -28.99
CA LYS A 272 25.76 2.50 -30.26
C LYS A 272 26.69 1.35 -30.68
N GLN A 273 27.42 0.76 -29.73
CA GLN A 273 28.38 -0.30 -30.04
C GLN A 273 27.68 -1.57 -30.54
N ILE A 274 26.41 -1.70 -30.21
CA ILE A 274 25.67 -2.92 -30.50
C ILE A 274 24.82 -2.76 -31.75
N TYR A 275 25.17 -3.52 -32.77
CA TYR A 275 24.47 -3.48 -34.04
C TYR A 275 23.99 -4.87 -34.45
N ARG A 276 23.62 -5.01 -35.72
CA ARG A 276 22.96 -6.21 -36.23
C ARG A 276 23.56 -7.56 -35.84
N GLY A 277 24.89 -7.66 -35.82
CA GLY A 277 25.52 -8.95 -35.62
C GLY A 277 25.96 -9.32 -34.22
N CMH A 278 25.54 -8.53 -33.23
CA CMH A 278 26.02 -8.74 -31.86
C CMH A 278 25.37 -9.92 -31.15
O CMH A 278 24.20 -10.24 -31.38
CB CMH A 278 25.93 -7.44 -31.05
SG CMH A 278 27.16 -6.17 -31.43
CM CMH A 278 28.69 -7.93 -35.21
HG CMH A 278 27.93 -6.96 -33.50
N ILE A 279 26.13 -10.59 -30.28
CA ILE A 279 25.64 -11.78 -29.59
C ILE A 279 25.92 -11.79 -28.08
N LEU A 280 24.84 -11.85 -27.31
CA LEU A 280 24.90 -11.84 -25.86
C LEU A 280 24.99 -13.25 -25.27
N THR A 281 26.09 -13.55 -24.59
CA THR A 281 26.30 -14.90 -24.07
C THR A 281 27.11 -14.92 -22.77
N SER A 282 27.04 -16.04 -22.04
CA SER A 282 27.75 -16.15 -20.76
C SER A 282 29.25 -16.27 -20.96
N LYS A 283 29.99 -16.31 -19.85
CA LYS A 283 31.45 -16.26 -19.92
C LYS A 283 32.09 -17.65 -20.11
N ASP A 284 31.26 -18.68 -20.17
CA ASP A 284 31.75 -20.04 -20.39
C ASP A 284 31.51 -20.42 -21.86
N THR A 285 31.12 -19.43 -22.65
CA THR A 285 30.69 -19.64 -24.03
C THR A 285 31.67 -20.41 -24.90
N LYS A 286 31.12 -21.19 -25.83
CA LYS A 286 31.92 -21.92 -26.79
C LYS A 286 32.09 -21.11 -28.07
N LEU A 287 31.36 -20.00 -28.15
CA LEU A 287 31.39 -19.11 -29.31
C LEU A 287 32.80 -18.62 -29.65
N GLN A 288 33.06 -18.48 -30.94
CA GLN A 288 34.36 -18.00 -31.42
C GLN A 288 34.15 -17.02 -32.56
N THR A 289 34.99 -15.98 -32.64
CA THR A 289 34.97 -15.11 -33.80
C THR A 289 35.84 -15.77 -34.85
N VAL A 290 35.27 -16.01 -36.02
CA VAL A 290 35.88 -16.91 -36.99
C VAL A 290 36.18 -16.24 -38.33
N ASP A 291 37.27 -16.68 -38.97
CA ASP A 291 37.58 -16.25 -40.32
C ASP A 291 37.40 -17.42 -41.29
N LYS A 292 38.01 -18.56 -40.96
CA LYS A 292 37.98 -19.71 -41.84
C LYS A 292 37.01 -20.77 -41.31
N ILE A 293 36.12 -21.23 -42.19
CA ILE A 293 35.10 -22.21 -41.81
C ILE A 293 35.18 -23.46 -42.69
N VAL A 294 35.16 -24.63 -42.06
CA VAL A 294 35.03 -25.90 -42.77
C VAL A 294 33.70 -26.55 -42.44
N ALA A 295 32.87 -26.73 -43.45
CA ALA A 295 31.52 -27.22 -43.26
C ALA A 295 31.28 -28.52 -44.01
N LYS A 296 30.32 -29.30 -43.53
CA LYS A 296 29.84 -30.47 -44.27
C LYS A 296 28.63 -30.06 -45.08
N ILE A 297 28.83 -29.79 -46.37
CA ILE A 297 27.75 -29.21 -47.18
C ILE A 297 26.81 -30.22 -47.84
N LYS A 298 25.51 -30.03 -47.64
CA LYS A 298 24.50 -30.67 -48.49
C LYS A 298 23.98 -29.64 -49.50
N ILE A 299 23.76 -30.11 -50.72
CA ILE A 299 23.32 -29.25 -51.80
C ILE A 299 21.79 -29.21 -51.92
N SER A 300 21.26 -28.02 -52.17
CA SER A 300 19.81 -27.83 -52.25
C SER A 300 19.27 -28.44 -53.54
N ASP A 301 19.59 -27.79 -54.66
CA ASP A 301 19.31 -28.35 -55.97
C ASP A 301 20.63 -28.76 -56.63
N ILE A 302 20.72 -30.03 -57.02
CA ILE A 302 21.92 -30.61 -57.63
C ILE A 302 22.29 -29.82 -58.90
N PHE A 303 21.31 -29.72 -59.79
CA PHE A 303 21.47 -29.21 -61.15
C PHE A 303 21.82 -27.73 -61.23
N LYS A 304 21.29 -26.96 -60.30
CA LYS A 304 21.71 -25.58 -60.18
C LYS A 304 23.11 -25.55 -59.57
N TYR A 305 23.58 -26.70 -59.06
CA TYR A 305 24.86 -26.71 -58.35
C TYR A 305 26.08 -26.97 -59.22
N ASN A 306 27.12 -26.20 -58.93
CA ASN A 306 28.38 -26.41 -59.55
C ASN A 306 29.56 -26.42 -58.57
N LEU A 307 30.51 -27.28 -58.92
CA LEU A 307 31.64 -27.69 -58.11
C LEU A 307 32.98 -27.03 -58.51
N THR A 308 32.96 -26.09 -59.45
CA THR A 308 34.17 -25.35 -59.81
C THR A 308 34.68 -24.56 -58.60
N PRO A 309 35.78 -25.04 -58.01
CA PRO A 309 36.27 -24.69 -56.66
C PRO A 309 36.66 -23.24 -56.59
N LYS A 310 36.79 -22.71 -55.37
CA LYS A 310 37.24 -21.35 -55.15
C LYS A 310 36.20 -20.46 -55.79
N MET A 311 35.00 -20.50 -55.22
CA MET A 311 33.82 -19.89 -55.80
C MET A 311 33.35 -18.74 -54.91
N LYS A 312 32.78 -17.69 -55.50
CA LYS A 312 32.42 -16.49 -54.74
C LYS A 312 30.93 -16.41 -54.37
N VAL A 313 30.62 -16.63 -53.10
CA VAL A 313 29.25 -16.63 -52.63
C VAL A 313 29.07 -15.73 -51.41
N HIS A 314 27.85 -15.70 -50.87
CA HIS A 314 27.55 -14.98 -49.63
C HIS A 314 27.12 -15.95 -48.54
N LEU A 315 28.02 -16.24 -47.61
CA LEU A 315 27.75 -17.23 -46.57
C LEU A 315 26.93 -16.68 -45.40
N ASN A 316 25.87 -17.39 -45.03
CA ASN A 316 25.04 -17.01 -43.87
C ASN A 316 25.44 -17.74 -42.61
N VAL A 317 25.99 -17.01 -41.64
CA VAL A 317 26.25 -17.54 -40.32
C VAL A 317 25.66 -16.61 -39.27
N GLY A 318 24.96 -17.18 -38.29
CA GLY A 318 24.30 -16.39 -37.28
C GLY A 318 23.25 -15.50 -37.89
N MET A 319 23.44 -14.18 -37.74
CA MET A 319 22.52 -13.22 -38.33
C MET A 319 23.20 -12.40 -39.42
N LEU A 320 24.47 -12.71 -39.70
CA LEU A 320 25.24 -11.95 -40.68
C LEU A 320 25.24 -12.60 -42.06
N ILE A 321 25.67 -11.82 -43.05
CA ILE A 321 25.94 -12.32 -44.38
C ILE A 321 27.31 -11.83 -44.81
N VAL A 322 28.28 -12.73 -44.85
CA VAL A 322 29.63 -12.37 -45.26
C VAL A 322 29.99 -13.02 -46.60
N PRO A 323 30.46 -12.21 -47.56
CA PRO A 323 31.02 -12.74 -48.79
C PRO A 323 32.13 -13.74 -48.46
N ALA A 324 32.25 -14.78 -49.27
CA ALA A 324 33.19 -15.84 -48.97
C ALA A 324 33.73 -16.51 -50.22
N VAL A 325 34.75 -17.33 -50.02
CA VAL A 325 35.24 -18.19 -51.07
C VAL A 325 35.22 -19.64 -50.59
N ALA A 326 34.64 -20.49 -51.41
CA ALA A 326 34.44 -21.89 -51.06
C ALA A 326 35.24 -22.80 -51.99
N VAL A 327 35.81 -23.85 -51.40
CA VAL A 327 36.49 -24.88 -52.18
C VAL A 327 35.97 -26.26 -51.78
N PRO A 328 35.10 -26.84 -52.62
CA PRO A 328 34.51 -28.15 -52.27
C PRO A 328 35.53 -29.29 -52.31
N PHE A 329 35.39 -30.24 -51.40
CA PHE A 329 36.30 -31.39 -51.36
C PHE A 329 35.67 -32.58 -50.64
N LYS A 330 36.25 -33.76 -50.86
CA LYS A 330 35.77 -34.98 -50.23
C LYS A 330 36.88 -35.62 -49.41
N LYS A 331 36.50 -36.48 -48.46
CA LYS A 331 37.47 -37.16 -47.61
C LYS A 331 37.57 -38.65 -47.98
N VAL A 332 38.69 -39.04 -48.57
CA VAL A 332 38.85 -40.41 -49.06
C VAL A 332 40.01 -41.15 -48.41
N THR A 333 39.68 -42.14 -47.60
CA THR A 333 40.68 -43.00 -46.98
C THR A 333 41.33 -43.91 -48.01
N PHE A 334 42.66 -43.88 -48.08
CA PHE A 334 43.41 -44.65 -49.07
C PHE A 334 44.03 -45.92 -48.50
N GLY A 335 43.66 -46.26 -47.26
CA GLY A 335 44.16 -47.48 -46.65
C GLY A 335 45.15 -47.20 -45.53
N LYS A 336 45.70 -45.99 -45.51
CA LYS A 336 46.58 -45.57 -44.43
C LYS A 336 46.18 -44.22 -43.85
N THR A 337 46.29 -43.18 -44.66
CA THR A 337 45.97 -41.83 -44.21
C THR A 337 44.78 -41.27 -45.01
N GLU A 338 43.87 -40.61 -44.31
CA GLU A 338 42.73 -39.98 -44.95
C GLU A 338 43.19 -38.68 -45.59
N GLU A 339 42.79 -38.45 -46.84
CA GLU A 339 43.19 -37.24 -47.54
C GLU A 339 42.01 -36.38 -47.94
N ASN A 340 42.24 -35.07 -47.98
CA ASN A 340 41.23 -34.14 -48.45
C ASN A 340 41.38 -33.90 -49.94
N ILE A 341 40.44 -34.43 -50.70
CA ILE A 341 40.53 -34.39 -52.14
C ILE A 341 39.51 -33.44 -52.73
N ILE A 342 40.00 -32.49 -53.53
CA ILE A 342 39.12 -31.61 -54.28
C ILE A 342 38.11 -32.46 -55.05
N LEU A 343 36.84 -32.12 -54.90
CA LEU A 343 35.74 -32.89 -55.46
C LEU A 343 35.98 -33.30 -56.90
N ASN A 344 35.81 -34.61 -57.16
CA ASN A 344 35.96 -35.18 -58.50
C ASN A 344 34.74 -34.90 -59.36
N GLU A 345 33.97 -33.91 -58.93
CA GLU A 345 32.71 -33.49 -59.55
C GLU A 345 31.55 -34.48 -59.36
N VAL A 346 31.85 -35.66 -58.82
CA VAL A 346 30.80 -36.60 -58.48
C VAL A 346 30.12 -36.15 -57.17
N ILE A 347 28.80 -36.04 -57.22
CA ILE A 347 28.04 -35.70 -56.02
C ILE A 347 27.42 -36.98 -55.47
N SER A 348 27.79 -38.10 -56.09
CA SER A 348 27.36 -39.41 -55.64
C SER A 348 28.03 -39.73 -54.31
N GLY A 349 27.22 -40.12 -53.33
CA GLY A 349 27.68 -40.17 -51.95
C GLY A 349 27.63 -38.76 -51.38
N ASN A 350 27.32 -38.63 -50.11
CA ASN A 350 27.15 -37.30 -49.51
C ASN A 350 28.37 -36.76 -48.78
N GLU A 351 29.36 -36.33 -49.55
CA GLU A 351 30.51 -35.62 -49.02
C GLU A 351 30.91 -34.47 -49.94
N CMH A 352 30.32 -33.29 -49.71
CA CMH A 352 30.79 -32.08 -50.37
C CMH A 352 31.25 -31.09 -49.30
O CMH A 352 30.71 -30.00 -49.19
CB CMH A 352 29.71 -31.44 -51.24
SG CMH A 352 28.25 -32.42 -51.62
CM CMH A 352 30.11 -36.14 -53.18
HG CMH A 352 29.25 -34.41 -52.34
N TYR A 353 32.24 -31.49 -48.51
CA TYR A 353 32.85 -30.58 -47.55
C TYR A 353 33.31 -29.33 -48.29
N CMH A 354 33.25 -28.19 -47.61
CA CMH A 354 33.57 -26.92 -48.23
C CMH A 354 34.42 -26.05 -47.30
O CMH A 354 33.93 -25.57 -46.28
CB CMH A 354 32.30 -26.18 -48.61
SG CMH A 354 32.18 -25.38 -50.22
CM CMH A 354 29.57 -28.30 -52.21
HG CMH A 354 30.65 -26.82 -51.19
N ALA A 355 35.68 -25.85 -47.66
CA ALA A 355 36.51 -24.92 -46.92
C ALA A 355 36.12 -23.52 -47.31
N PHE A 356 35.54 -22.78 -46.37
CA PHE A 356 35.19 -21.40 -46.61
C PHE A 356 36.28 -20.48 -46.08
N GLU A 357 36.52 -19.40 -46.80
CA GLU A 357 37.36 -18.33 -46.27
C GLU A 357 36.57 -17.04 -46.38
N LEU A 358 36.25 -16.45 -45.22
CA LEU A 358 35.40 -15.28 -45.18
C LEU A 358 36.21 -14.00 -45.38
N GLU A 359 35.57 -12.99 -45.96
CA GLU A 359 36.18 -11.68 -46.17
C GLU A 359 36.12 -10.88 -44.87
N GLU A 360 34.99 -10.95 -44.19
CA GLU A 360 34.81 -10.32 -42.89
C GLU A 360 34.87 -11.41 -41.82
N LYS A 361 34.55 -11.06 -40.57
CA LYS A 361 34.51 -12.02 -39.49
C LYS A 361 33.08 -12.43 -39.19
N VAL A 362 32.94 -13.43 -38.32
CA VAL A 362 31.64 -14.00 -38.00
C VAL A 362 31.72 -14.75 -36.68
N LEU A 363 30.62 -14.78 -35.93
CA LEU A 363 30.59 -15.50 -34.67
C LEU A 363 29.93 -16.86 -34.87
N ALA A 364 30.65 -17.94 -34.58
CA ALA A 364 30.15 -19.29 -34.81
C ALA A 364 30.65 -20.32 -33.81
N GLU A 365 29.99 -21.48 -33.80
CA GLU A 365 30.34 -22.57 -32.93
C GLU A 365 30.40 -23.82 -33.81
N VAL A 366 30.96 -24.90 -33.29
CA VAL A 366 30.99 -26.18 -34.02
C VAL A 366 29.62 -26.84 -34.02
N GLY A 367 29.13 -27.17 -35.21
CA GLY A 367 27.85 -27.85 -35.35
C GLY A 367 26.73 -26.90 -35.71
N ASP A 368 27.07 -25.62 -35.85
CA ASP A 368 26.10 -24.61 -36.25
C ASP A 368 25.73 -24.78 -37.72
N ARG A 369 24.43 -24.80 -38.00
CA ARG A 369 23.94 -24.86 -39.37
C ARG A 369 24.34 -23.61 -40.14
N VAL A 370 24.94 -23.81 -41.30
CA VAL A 370 25.40 -22.72 -42.15
C VAL A 370 24.59 -22.71 -43.44
N LEU A 371 24.38 -21.54 -44.02
CA LEU A 371 23.55 -21.43 -45.21
C LEU A 371 24.29 -20.72 -46.33
N ILE A 372 24.54 -21.44 -47.42
CA ILE A 372 25.26 -20.87 -48.55
C ILE A 372 24.27 -20.27 -49.52
N THR A 373 24.36 -18.96 -49.71
CA THR A 373 23.46 -18.28 -50.62
C THR A 373 24.25 -17.53 -51.67
N ARG A 374 23.62 -17.31 -52.82
CA ARG A 374 24.12 -16.38 -53.80
C ARG A 374 23.06 -15.30 -53.94
N LEU A 375 23.25 -14.21 -53.21
CA LEU A 375 22.24 -13.18 -53.15
C LEU A 375 22.51 -12.08 -54.17
N ASP A 376 23.60 -12.25 -54.92
CA ASP A 376 23.96 -11.33 -55.99
C ASP A 376 22.89 -11.37 -57.09
N LEU A 377 22.26 -12.52 -57.22
CA LEU A 377 21.28 -12.77 -58.27
C LEU A 377 20.03 -11.92 -58.12
N PRO A 378 19.25 -11.76 -59.20
CA PRO A 378 17.95 -11.10 -59.14
C PRO A 378 17.00 -11.84 -58.22
N PRO A 379 16.03 -11.11 -57.65
CA PRO A 379 14.99 -11.67 -56.77
C PRO A 379 14.13 -12.70 -57.50
N THR A 380 14.18 -12.71 -58.82
CA THR A 380 13.31 -13.54 -59.64
C THR A 380 13.75 -14.99 -59.74
N THR A 381 14.95 -15.29 -59.25
CA THR A 381 15.49 -16.65 -59.35
C THR A 381 15.94 -17.16 -58.00
N LEU A 382 15.65 -18.44 -57.73
CA LEU A 382 16.01 -19.12 -56.48
C LEU A 382 17.48 -18.88 -56.12
N ARG A 383 17.70 -18.46 -54.87
CA ARG A 383 18.98 -17.91 -54.46
C ARG A 383 19.74 -18.72 -53.42
N ILE A 384 19.36 -19.97 -53.22
CA ILE A 384 20.00 -20.79 -52.20
C ILE A 384 20.99 -21.80 -52.81
N CMH A 385 22.29 -21.57 -52.62
CA CMH A 385 23.34 -22.52 -53.03
C CMH A 385 23.66 -23.57 -51.96
O CMH A 385 24.79 -24.03 -51.87
CB CMH A 385 24.64 -21.78 -53.39
SG CMH A 385 25.07 -21.66 -55.13
CM CMH A 385 21.00 -20.24 -56.28
HG CMH A 385 22.93 -20.92 -55.84
N GLY A 386 22.65 -23.90 -51.14
CA GLY A 386 22.74 -24.96 -50.14
C GLY A 386 22.95 -24.64 -48.66
N HIS A 387 23.31 -25.67 -47.90
CA HIS A 387 23.37 -25.58 -46.46
C HIS A 387 24.17 -26.70 -45.82
N GLY A 388 24.74 -26.42 -44.65
CA GLY A 388 25.51 -27.43 -43.97
C GLY A 388 25.93 -27.15 -42.54
N LEU A 389 26.41 -28.22 -41.89
CA LEU A 389 26.88 -28.16 -40.51
C LEU A 389 28.37 -27.81 -40.47
N ILE A 390 28.73 -26.90 -39.57
CA ILE A 390 30.13 -26.53 -39.41
C ILE A 390 30.87 -27.61 -38.63
N GLU A 391 31.87 -28.19 -39.29
CA GLU A 391 32.62 -29.30 -38.72
C GLU A 391 33.87 -28.81 -38.00
N GLU A 392 34.65 -27.96 -38.69
CA GLU A 392 35.87 -27.40 -38.13
C GLU A 392 36.05 -25.95 -38.55
N PHE A 393 36.86 -25.20 -37.79
CA PHE A 393 37.27 -23.87 -38.19
C PHE A 393 38.72 -23.95 -38.62
N LYS A 394 38.96 -24.01 -39.92
CA LYS A 394 40.27 -24.38 -40.40
C LYS A 394 40.54 -23.83 -41.80
N PRO A 395 41.71 -23.24 -42.00
CA PRO A 395 42.03 -22.66 -43.30
C PRO A 395 42.40 -23.73 -44.32
N ILE A 396 42.20 -23.43 -45.60
CA ILE A 396 42.40 -24.38 -46.70
C ILE A 396 43.80 -24.95 -46.65
N LYS A 397 44.74 -24.07 -46.33
CA LYS A 397 46.16 -24.40 -46.36
C LYS A 397 46.52 -25.57 -45.46
N ASP A 398 45.84 -25.67 -44.33
CA ASP A 398 46.17 -26.66 -43.29
C ASP A 398 45.36 -27.97 -43.44
N LEU A 399 44.32 -27.92 -44.26
CA LEU A 399 43.56 -29.11 -44.64
C LEU A 399 44.39 -30.04 -45.49
N ASN A 400 45.48 -29.50 -46.03
CA ASN A 400 46.32 -30.22 -46.97
C ASN A 400 45.53 -30.70 -48.17
N ILE A 401 44.93 -29.76 -48.88
CA ILE A 401 44.11 -30.08 -50.04
C ILE A 401 44.93 -30.78 -51.14
N LYS A 402 44.34 -31.80 -51.75
CA LYS A 402 45.03 -32.57 -52.77
C LYS A 402 44.14 -32.93 -53.96
N LYS A 403 44.78 -33.07 -55.12
CA LYS A 403 44.09 -33.37 -56.36
C LYS A 403 44.24 -34.83 -56.78
N GLU A 404 43.12 -35.52 -56.92
CA GLU A 404 43.12 -36.86 -57.50
C GLU A 404 43.47 -36.73 -58.97
N VAL A 405 44.58 -37.36 -59.39
CA VAL A 405 45.08 -37.20 -60.74
C VAL A 405 45.02 -38.48 -61.56
N LEU A 406 44.27 -38.43 -62.66
CA LEU A 406 44.13 -39.59 -63.55
C LEU A 406 44.32 -39.19 -65.00
N ARG A 407 45.25 -39.86 -65.66
CA ARG A 407 45.45 -39.71 -67.09
C ARG A 407 45.23 -41.09 -67.68
N GLU A 408 44.59 -41.16 -68.85
CA GLU A 408 44.28 -42.46 -69.44
C GLU A 408 44.89 -42.68 -70.83
N GLY A 409 45.74 -43.71 -70.92
CA GLY A 409 46.35 -44.07 -72.18
C GLY A 409 45.90 -45.45 -72.64
N LYS A 410 46.39 -45.86 -73.81
CA LYS A 410 46.09 -47.18 -74.36
C LYS A 410 47.38 -47.93 -74.66
N VAL A 411 47.36 -49.26 -74.51
CA VAL A 411 48.52 -50.08 -74.87
C VAL A 411 48.43 -50.50 -76.33
N LYS A 412 49.32 -49.95 -77.15
CA LYS A 412 49.44 -50.36 -78.55
C LYS A 412 50.65 -51.27 -78.73
N ILE A 413 50.40 -52.48 -79.23
CA ILE A 413 51.47 -53.45 -79.41
C ILE A 413 51.64 -53.89 -80.87
N ASP A 414 52.80 -53.58 -81.44
CA ASP A 414 53.17 -54.05 -82.77
C ASP A 414 53.96 -55.33 -82.58
N LYS A 415 54.63 -55.78 -83.63
CA LYS A 415 55.46 -56.97 -83.53
C LYS A 415 56.62 -56.73 -82.56
N GLY A 416 56.62 -57.47 -81.47
CA GLY A 416 57.74 -57.45 -80.54
C GLY A 416 57.88 -56.22 -79.64
N ARG A 417 57.01 -55.23 -79.79
CA ARG A 417 57.11 -54.05 -78.95
C ARG A 417 55.79 -53.53 -78.39
N THR A 418 55.78 -53.24 -77.09
CA THR A 418 54.62 -52.67 -76.43
C THR A 418 54.84 -51.20 -76.11
N VAL A 419 53.87 -50.37 -76.50
CA VAL A 419 53.97 -48.93 -76.31
C VAL A 419 52.65 -48.33 -75.81
N ILE A 420 52.72 -47.59 -74.72
CA ILE A 420 51.55 -46.91 -74.16
C ILE A 420 51.38 -45.53 -74.79
N ASP A 421 50.16 -45.21 -75.18
CA ASP A 421 49.87 -43.97 -75.89
C ASP A 421 48.69 -43.24 -75.27
N GLY A 422 48.82 -41.93 -75.09
CA GLY A 422 47.73 -41.13 -74.58
C GLY A 422 48.01 -40.54 -73.20
N LEU A 423 49.07 -41.02 -72.57
CA LEU A 423 49.50 -40.50 -71.29
C LEU A 423 50.28 -39.21 -71.52
N ALA A 424 50.89 -39.08 -72.70
CA ALA A 424 51.71 -37.93 -73.03
C ALA A 424 51.54 -37.49 -74.47
N GLN A 425 51.52 -36.18 -74.66
CA GLN A 425 51.27 -35.57 -75.97
C GLN A 425 52.57 -35.25 -76.71
N SER A 426 53.70 -35.28 -75.99
CA SER A 426 55.00 -35.04 -76.62
C SER A 426 56.14 -35.59 -75.77
N LYS A 427 57.35 -35.42 -76.30
CA LYS A 427 58.50 -36.12 -75.74
C LYS A 427 58.81 -35.67 -74.31
N VAL A 428 58.81 -34.36 -74.08
CA VAL A 428 59.06 -33.81 -72.75
C VAL A 428 58.06 -34.30 -71.72
N ALA A 429 56.77 -34.21 -72.07
CA ALA A 429 55.71 -34.69 -71.21
C ALA A 429 55.91 -36.17 -70.88
N ALA A 430 56.39 -36.92 -71.84
CA ALA A 430 56.61 -38.35 -71.67
C ALA A 430 57.79 -38.66 -70.74
N GLU A 431 58.88 -37.92 -70.90
CA GLU A 431 60.11 -38.13 -70.12
C GLU A 431 59.87 -37.75 -68.67
N LYS A 432 58.96 -36.82 -68.45
CA LYS A 432 58.61 -36.40 -67.10
C LYS A 432 57.85 -37.52 -66.41
N LEU A 433 57.15 -38.33 -67.20
CA LEU A 433 56.36 -39.43 -66.68
C LEU A 433 57.19 -40.63 -66.23
N ILE A 434 58.40 -40.78 -66.79
CA ILE A 434 59.18 -41.99 -66.54
C ILE A 434 59.36 -42.29 -65.05
N GLY A 435 59.05 -43.52 -64.68
CA GLY A 435 59.22 -43.98 -63.30
C GLY A 435 57.97 -43.89 -62.44
N GLU A 436 56.81 -43.66 -63.07
CA GLU A 436 55.55 -43.53 -62.36
C GLU A 436 54.82 -44.85 -62.16
N GLU A 437 53.67 -44.80 -61.51
CA GLU A 437 52.84 -45.99 -61.28
C GLU A 437 51.77 -46.14 -62.35
N ILE A 438 51.62 -47.35 -62.85
CA ILE A 438 50.64 -47.65 -63.89
C ILE A 438 49.95 -48.99 -63.65
N SER A 439 48.62 -48.98 -63.70
CA SER A 439 47.85 -50.21 -63.64
C SER A 439 46.99 -50.34 -64.90
N ILE A 440 46.50 -51.53 -65.18
CA ILE A 440 45.61 -51.76 -66.32
C ILE A 440 44.18 -52.07 -65.86
N GLU A 441 43.23 -51.30 -66.38
CA GLU A 441 41.84 -51.35 -65.95
C GLU A 441 41.17 -52.71 -66.20
N GLY A 442 40.65 -53.30 -65.12
CA GLY A 442 39.86 -54.51 -65.22
C GLY A 442 40.64 -55.82 -65.16
N LYS A 443 41.95 -55.76 -65.40
CA LYS A 443 42.76 -56.96 -65.46
C LYS A 443 43.57 -57.25 -64.19
N ASP A 444 43.43 -56.37 -63.19
CA ASP A 444 44.06 -56.55 -61.88
C ASP A 444 45.55 -56.83 -62.03
N ILE A 445 46.28 -55.84 -62.53
CA ILE A 445 47.68 -56.04 -62.89
C ILE A 445 48.46 -54.75 -62.70
N VAL A 446 49.75 -54.87 -62.37
CA VAL A 446 50.57 -53.71 -62.05
C VAL A 446 51.88 -53.68 -62.82
N GLY A 447 52.46 -52.49 -62.96
CA GLY A 447 53.72 -52.30 -63.64
C GLY A 447 54.29 -50.90 -63.50
N LYS A 448 55.44 -50.66 -64.13
CA LYS A 448 56.13 -49.37 -64.05
C LYS A 448 56.58 -48.88 -65.43
N ILE A 449 56.52 -47.57 -65.63
CA ILE A 449 56.83 -46.94 -66.91
C ILE A 449 58.28 -46.46 -66.97
N LYS A 450 59.07 -47.10 -67.84
CA LYS A 450 60.52 -46.94 -67.82
C LYS A 450 61.06 -45.79 -68.68
N GLY A 451 60.63 -45.71 -69.93
CA GLY A 451 61.18 -44.72 -70.83
C GLY A 451 60.25 -44.11 -71.85
N THR A 452 60.79 -43.21 -72.67
CA THR A 452 60.06 -42.50 -73.70
C THR A 452 60.34 -43.04 -75.10
N PHE A 453 59.29 -43.22 -75.90
CA PHE A 453 59.43 -43.64 -77.28
C PHE A 453 58.80 -42.59 -78.21
N GLY A 454 59.61 -42.05 -79.12
CA GLY A 454 59.09 -41.18 -80.16
C GLY A 454 59.04 -39.70 -79.86
N THR A 455 58.81 -38.91 -80.91
CA THR A 455 58.67 -37.47 -80.81
C THR A 455 57.22 -37.07 -80.59
N LYS A 456 56.32 -38.06 -80.68
CA LYS A 456 54.90 -37.81 -80.52
C LYS A 456 54.46 -38.13 -79.09
N GLY A 457 55.41 -38.49 -78.25
CA GLY A 457 55.16 -38.64 -76.83
C GLY A 457 54.65 -39.99 -76.36
N LEU A 458 55.03 -41.04 -77.08
CA LEU A 458 54.63 -42.39 -76.70
C LEU A 458 55.55 -42.86 -75.56
N LEU A 459 55.14 -43.93 -74.90
CA LEU A 459 55.87 -44.41 -73.72
C LEU A 459 56.10 -45.91 -73.75
N THR A 460 57.12 -46.35 -73.04
CA THR A 460 57.41 -47.77 -72.89
C THR A 460 57.27 -48.13 -71.43
N ALA A 461 57.05 -49.41 -71.14
CA ALA A 461 56.92 -49.84 -69.76
C ALA A 461 57.30 -51.29 -69.52
N GLU A 462 57.63 -51.58 -68.26
CA GLU A 462 57.81 -52.94 -67.78
C GLU A 462 56.68 -53.25 -66.80
N PHE A 463 55.71 -54.04 -67.26
CA PHE A 463 54.63 -54.48 -66.38
C PHE A 463 54.54 -56.00 -66.36
N SER A 464 53.70 -56.52 -65.48
CA SER A 464 53.47 -57.96 -65.40
C SER A 464 52.95 -58.46 -66.74
N GLY A 465 53.26 -59.72 -67.08
CA GLY A 465 52.92 -60.27 -68.38
C GLY A 465 51.44 -60.34 -68.70
N ASN A 466 51.13 -60.97 -69.83
CA ASN A 466 49.75 -61.13 -70.31
C ASN A 466 49.08 -59.79 -70.64
N VAL A 467 49.87 -58.84 -71.12
CA VAL A 467 49.37 -57.56 -71.60
C VAL A 467 48.83 -57.76 -73.01
N GLU A 468 47.79 -57.03 -73.37
CA GLU A 468 47.16 -57.22 -74.68
C GLU A 468 46.90 -55.91 -75.40
N ASN A 469 46.65 -55.99 -76.69
CA ASN A 469 46.40 -54.81 -77.53
C ASN A 469 45.14 -54.07 -77.11
N ARG A 470 45.14 -52.75 -77.28
CA ARG A 470 44.02 -51.90 -76.90
C ARG A 470 43.59 -52.06 -75.44
N ASP A 471 44.56 -52.36 -74.57
CA ASP A 471 44.30 -52.41 -73.13
C ASP A 471 44.24 -51.00 -72.58
N LYS A 472 43.61 -50.83 -71.42
CA LYS A 472 43.48 -49.52 -70.80
C LYS A 472 44.55 -49.31 -69.74
N VAL A 473 45.27 -48.20 -69.85
CA VAL A 473 46.30 -47.87 -68.87
C VAL A 473 45.88 -46.67 -68.03
N ILE A 474 45.76 -46.90 -66.72
CA ILE A 474 45.34 -45.86 -65.78
C ILE A 474 46.50 -45.35 -64.93
N LEU A 475 46.94 -44.12 -65.21
CA LEU A 475 47.99 -43.47 -64.44
C LEU A 475 47.38 -42.79 -63.21
N ASN A 476 47.91 -43.10 -62.03
CA ASN A 476 47.32 -42.62 -60.79
C ASN A 476 48.34 -41.96 -59.86
N ARG A 477 48.00 -40.76 -59.39
CA ARG A 477 48.88 -40.03 -58.49
C ARG A 477 48.13 -38.92 -57.73
N LEU A 478 48.71 -38.46 -56.62
CA LEU A 478 48.12 -37.37 -55.83
C LEU A 478 48.88 -36.06 -56.05
N ARG A 479 48.13 -34.98 -56.28
CA ARG A 479 48.73 -33.69 -56.63
C ARG A 479 48.48 -32.64 -55.55
N ARG A 480 49.30 -31.59 -55.55
CA ARG A 480 49.08 -30.44 -54.68
C ARG A 480 48.08 -29.52 -55.36
N TRP A 481 46.94 -29.29 -54.73
CA TRP A 481 45.90 -28.49 -55.35
C TRP A 481 46.04 -27.00 -55.01
N GLY A 482 46.04 -26.17 -56.06
CA GLY A 482 46.08 -24.74 -55.91
C GLY A 482 47.28 -24.23 -55.15
N MET B 15 0.66 -0.08 31.89
CA MET B 15 1.93 -0.31 31.21
C MET B 15 2.39 0.93 30.42
N ASP B 16 3.61 0.86 29.93
CA ASP B 16 4.18 1.93 29.09
C ASP B 16 4.16 1.50 27.62
N PHE B 17 3.34 2.18 26.82
CA PHE B 17 3.18 1.78 25.43
C PHE B 17 3.76 2.78 24.43
N LYS B 18 4.67 2.33 23.59
CA LYS B 18 5.08 3.12 22.44
C LYS B 18 4.07 2.97 21.30
N ASN B 19 3.80 4.07 20.62
CA ASN B 19 2.83 4.06 19.53
C ASN B 19 3.46 3.98 18.16
N ILE B 20 3.16 2.91 17.44
CA ILE B 20 3.84 2.61 16.20
C ILE B 20 2.89 2.58 15.02
N ASN B 21 3.38 3.00 13.86
CA ASN B 21 2.65 2.85 12.62
C ASN B 21 3.40 1.99 11.62
N LEU B 22 2.88 0.79 11.38
CA LEU B 22 3.54 -0.24 10.55
C LEU B 22 2.92 -0.36 9.17
N GLY B 23 3.75 -0.34 8.13
CA GLY B 23 3.25 -0.37 6.76
C GLY B 23 3.40 -1.70 6.07
N ILE B 24 2.46 -2.03 5.18
CA ILE B 24 2.44 -3.30 4.47
C ILE B 24 2.50 -3.09 2.95
N PHE B 25 3.55 -3.58 2.31
CA PHE B 25 3.77 -3.31 0.86
C PHE B 25 4.07 -4.50 -0.04
N GLY B 26 3.81 -4.34 -1.34
CA GLY B 26 4.08 -5.39 -2.29
C GLY B 26 3.12 -5.39 -3.46
N HIS B 27 3.42 -6.25 -4.43
CA HIS B 27 2.56 -6.42 -5.58
C HIS B 27 1.23 -6.92 -5.07
N ILE B 28 0.15 -6.44 -5.68
CA ILE B 28 -1.17 -7.00 -5.36
C ILE B 28 -1.17 -8.48 -5.75
N ASP B 29 -1.90 -9.27 -4.96
CA ASP B 29 -1.92 -10.75 -5.04
C ASP B 29 -0.73 -11.46 -4.36
N HIS B 30 0.15 -10.71 -3.69
CA HIS B 30 1.32 -11.30 -3.04
C HIS B 30 1.15 -11.63 -1.55
N GLY B 31 -0.05 -11.43 -1.04
CA GLY B 31 -0.34 -11.79 0.34
C GLY B 31 -0.37 -10.63 1.32
N LYS B 32 -0.54 -9.41 0.80
CA LYS B 32 -0.64 -8.22 1.64
C LYS B 32 -1.78 -8.32 2.66
N THR B 33 -3.01 -8.17 2.18
CA THR B 33 -4.20 -8.14 3.06
C THR B 33 -4.32 -9.38 3.95
N THR B 34 -3.65 -10.45 3.56
CA THR B 34 -3.61 -11.67 4.37
C THR B 34 -2.69 -11.51 5.58
N LEU B 35 -1.48 -11.02 5.34
CA LEU B 35 -0.49 -10.78 6.39
C LEU B 35 -1.06 -9.89 7.49
N SER B 36 -1.83 -8.89 7.07
CA SER B 36 -2.53 -8.02 7.98
C SER B 36 -3.46 -8.81 8.89
N LYS B 37 -4.38 -9.56 8.29
CA LYS B 37 -5.36 -10.34 9.04
C LYS B 37 -4.66 -11.33 9.97
N VAL B 38 -3.49 -11.81 9.55
CA VAL B 38 -2.74 -12.74 10.38
C VAL B 38 -2.26 -12.07 11.64
N LEU B 39 -1.44 -11.03 11.50
CA LEU B 39 -0.93 -10.25 12.64
C LEU B 39 -2.07 -9.77 13.55
N THR B 40 -3.11 -9.23 12.93
CA THR B 40 -4.21 -8.60 13.65
C THR B 40 -4.81 -9.47 14.75
N GLU B 41 -5.39 -10.61 14.38
CA GLU B 41 -6.23 -11.32 15.34
C GLU B 41 -5.52 -12.35 16.22
N ILE B 42 -4.20 -12.43 16.13
CA ILE B 42 -3.44 -13.28 17.04
C ILE B 42 -3.09 -12.54 18.33
N ALA B 43 -2.54 -11.34 18.18
CA ALA B 43 -2.25 -10.44 19.30
C ALA B 43 -1.62 -11.14 20.51
N LYS B 56 -17.09 -17.01 9.84
CA LYS B 56 -15.95 -16.55 10.61
C LYS B 56 -15.30 -15.33 9.95
N ARG B 57 -15.92 -14.84 8.88
CA ARG B 57 -15.39 -13.67 8.16
C ARG B 57 -16.06 -12.39 8.65
N GLY B 58 -15.25 -11.41 9.04
CA GLY B 58 -15.73 -10.20 9.68
C GLY B 58 -16.59 -9.33 8.79
N ILE B 59 -17.70 -8.85 9.33
CA ILE B 59 -18.66 -8.01 8.61
C ILE B 59 -18.31 -6.52 8.82
N THR B 60 -17.28 -6.27 9.62
CA THR B 60 -16.91 -4.91 10.07
C THR B 60 -16.20 -4.06 9.02
N ILE B 61 -16.52 -2.76 8.98
CA ILE B 61 -15.92 -1.83 8.01
C ILE B 61 -14.43 -1.64 8.25
N ASP B 62 -13.72 -1.22 7.21
CA ASP B 62 -12.31 -0.90 7.36
C ASP B 62 -11.90 0.47 6.81
N ILE B 63 -11.68 1.41 7.72
CA ILE B 63 -11.18 2.70 7.34
C ILE B 63 -9.71 2.86 7.73
N GLY B 64 -9.08 1.76 8.10
CA GLY B 64 -7.64 1.74 8.22
C GLY B 64 -7.16 1.69 9.66
N PHE B 65 -8.00 1.15 10.51
CA PHE B 65 -7.73 1.17 11.92
C PHE B 65 -7.32 -0.20 12.46
N SER B 66 -6.93 -1.09 11.56
CA SER B 66 -6.54 -2.43 11.95
C SER B 66 -5.29 -2.37 12.81
N ALA B 67 -5.35 -3.00 13.98
CA ALA B 67 -4.26 -2.87 14.94
C ALA B 67 -4.01 -4.06 15.86
N PHE B 68 -2.82 -4.12 16.42
CA PHE B 68 -2.45 -5.15 17.38
C PHE B 68 -1.36 -4.69 18.35
N LYS B 69 -1.18 -5.44 19.44
CA LYS B 69 -0.11 -5.16 20.37
C LYS B 69 0.95 -6.28 20.39
N LEU B 70 2.21 -5.90 20.18
CA LEU B 70 3.35 -6.79 20.41
C LEU B 70 4.11 -6.27 21.62
N GLU B 71 4.16 -7.06 22.67
CA GLU B 71 4.78 -6.61 23.92
C GLU B 71 4.22 -5.25 24.31
N ASN B 72 5.11 -4.26 24.34
CA ASN B 72 4.73 -2.92 24.74
C ASN B 72 4.30 -2.03 23.57
N TYR B 73 4.59 -2.43 22.34
CA TYR B 73 4.20 -1.62 21.18
C TYR B 73 2.71 -1.69 20.92
N ARG B 74 2.15 -0.57 20.46
CA ARG B 74 0.79 -0.53 19.96
C ARG B 74 0.87 -0.23 18.48
N ILE B 75 0.55 -1.24 17.67
CA ILE B 75 0.76 -1.13 16.24
C ILE B 75 -0.52 -1.00 15.44
N THR B 76 -0.72 0.17 14.84
CA THR B 76 -1.76 0.36 13.85
C THR B 76 -1.08 0.12 12.50
N LEU B 77 -1.77 -0.56 11.60
CA LEU B 77 -1.21 -0.90 10.30
C LEU B 77 -1.59 0.09 9.20
N VAL B 78 -0.61 0.43 8.36
CA VAL B 78 -0.87 1.15 7.13
C VAL B 78 -1.22 0.15 6.03
N ASP B 79 -2.52 0.02 5.78
CA ASP B 79 -3.00 -0.94 4.80
C ASP B 79 -3.98 -0.29 3.82
N ALA B 80 -3.59 -0.24 2.55
CA ALA B 80 -4.44 0.34 1.52
C ALA B 80 -4.77 -0.68 0.43
N PRO B 81 -5.95 -0.55 -0.17
CA PRO B 81 -6.32 -1.47 -1.24
C PRO B 81 -5.45 -1.27 -2.49
N GLY B 82 -5.43 -0.03 -3.00
CA GLY B 82 -4.86 0.28 -4.29
C GLY B 82 -3.36 0.41 -4.33
N HIS B 83 -2.83 0.66 -5.52
CA HIS B 83 -1.39 0.90 -5.65
C HIS B 83 -1.18 2.39 -5.53
N ALA B 84 -2.11 3.15 -6.08
CA ALA B 84 -2.10 4.60 -5.94
C ALA B 84 -2.34 4.96 -4.48
N ASP B 85 -3.42 4.44 -3.90
CA ASP B 85 -3.74 4.71 -2.51
C ASP B 85 -2.59 4.45 -1.54
N LEU B 86 -1.88 3.36 -1.73
CA LEU B 86 -0.86 2.96 -0.79
C LEU B 86 0.32 3.89 -0.93
N ILE B 87 0.50 4.44 -2.13
CA ILE B 87 1.62 5.34 -2.37
C ILE B 87 1.36 6.71 -1.77
N ARG B 88 0.18 7.26 -2.04
CA ARG B 88 -0.26 8.50 -1.41
C ARG B 88 -0.04 8.40 0.10
N ALA B 89 -0.53 7.31 0.66
CA ALA B 89 -0.45 7.06 2.10
C ALA B 89 0.96 7.18 2.65
N VAL B 90 1.94 6.77 1.86
CA VAL B 90 3.31 6.81 2.34
C VAL B 90 3.90 8.21 2.28
N VAL B 91 3.71 8.91 1.16
CA VAL B 91 4.18 10.30 1.08
C VAL B 91 3.60 11.14 2.21
N SER B 92 2.32 10.93 2.48
CA SER B 92 1.59 11.64 3.52
C SER B 92 2.14 11.28 4.89
N ALA B 93 2.01 10.02 5.27
CA ALA B 93 2.40 9.60 6.60
C ALA B 93 3.88 9.17 6.72
N ALA B 94 4.73 9.64 5.81
CA ALA B 94 6.15 9.27 5.84
C ALA B 94 6.82 9.53 7.19
N ASP B 95 6.44 10.63 7.83
CA ASP B 95 6.99 11.04 9.12
C ASP B 95 6.53 10.11 10.25
N ILE B 96 5.39 9.46 10.04
CA ILE B 96 4.76 8.67 11.06
C ILE B 96 4.95 7.16 10.88
N ILE B 97 5.46 6.74 9.72
CA ILE B 97 5.63 5.31 9.47
C ILE B 97 6.96 4.78 10.01
N ASP B 98 6.89 3.91 11.00
CA ASP B 98 8.08 3.43 11.69
C ASP B 98 8.77 2.27 10.99
N LEU B 99 7.97 1.40 10.37
CA LEU B 99 8.47 0.14 9.83
C LEU B 99 7.56 -0.39 8.74
N ALA B 100 8.15 -0.93 7.68
CA ALA B 100 7.37 -1.43 6.56
C ALA B 100 7.65 -2.88 6.26
N LEU B 101 6.59 -3.62 5.97
CA LEU B 101 6.71 -4.99 5.53
C LEU B 101 6.48 -5.04 4.01
N ILE B 102 7.50 -5.46 3.26
CA ILE B 102 7.30 -5.68 1.83
C ILE B 102 7.10 -7.17 1.59
N VAL B 103 5.96 -7.53 0.99
CA VAL B 103 5.71 -8.93 0.68
C VAL B 103 6.04 -9.31 -0.76
N VAL B 104 6.69 -10.45 -0.89
CA VAL B 104 7.08 -10.96 -2.18
C VAL B 104 6.77 -12.46 -2.23
N ASP B 105 5.99 -12.87 -3.24
CA ASP B 105 5.55 -14.25 -3.39
C ASP B 105 6.76 -15.17 -3.58
N ALA B 106 6.77 -16.31 -2.89
CA ALA B 106 7.92 -17.20 -2.91
C ALA B 106 8.24 -17.62 -4.33
N LYS B 107 7.24 -18.11 -5.04
CA LYS B 107 7.40 -18.63 -6.38
C LYS B 107 7.61 -17.55 -7.44
N GLU B 108 6.68 -16.61 -7.53
CA GLU B 108 6.73 -15.54 -8.53
C GLU B 108 7.87 -14.57 -8.26
N GLY B 109 8.05 -14.26 -6.99
CA GLY B 109 9.10 -13.35 -6.57
C GLY B 109 8.79 -11.90 -6.86
N PRO B 110 9.84 -11.08 -6.88
CA PRO B 110 9.78 -9.65 -7.17
C PRO B 110 8.95 -9.36 -8.41
N LYS B 111 8.25 -8.24 -8.41
CA LYS B 111 7.51 -7.75 -9.56
C LYS B 111 7.52 -6.21 -9.49
N THR B 112 7.19 -5.55 -10.60
CA THR B 112 7.35 -4.11 -10.75
C THR B 112 6.82 -3.25 -9.59
N GLN B 113 5.65 -3.60 -9.05
CA GLN B 113 5.12 -2.87 -7.90
C GLN B 113 5.92 -3.10 -6.60
N THR B 114 6.48 -4.30 -6.42
CA THR B 114 7.34 -4.54 -5.25
C THR B 114 8.65 -3.78 -5.39
N GLY B 115 8.94 -3.34 -6.60
CA GLY B 115 10.15 -2.57 -6.88
C GLY B 115 9.94 -1.09 -6.68
N GLU B 116 8.74 -0.61 -6.98
CA GLU B 116 8.40 0.78 -6.75
C GLU B 116 8.29 1.05 -5.26
N HIS B 117 7.70 0.10 -4.53
CA HIS B 117 7.54 0.24 -3.09
C HIS B 117 8.90 0.26 -2.41
N MET B 118 9.80 -0.59 -2.88
CA MET B 118 11.16 -0.62 -2.37
C MET B 118 11.88 0.70 -2.65
N LEU B 119 11.62 1.28 -3.81
CA LEU B 119 12.21 2.56 -4.17
C LEU B 119 11.67 3.69 -3.28
N ILE B 120 10.37 3.64 -3.01
CA ILE B 120 9.74 4.67 -2.19
C ILE B 120 10.21 4.57 -0.75
N LEU B 121 10.13 3.38 -0.17
CA LEU B 121 10.58 3.19 1.20
C LEU B 121 12.08 3.45 1.37
N ASP B 122 12.84 3.38 0.28
CA ASP B 122 14.26 3.70 0.34
C ASP B 122 14.46 5.21 0.35
N HIS B 123 13.72 5.91 -0.51
CA HIS B 123 13.77 7.36 -0.55
C HIS B 123 13.25 8.03 0.74
N PHE B 124 12.28 7.39 1.39
CA PHE B 124 11.74 7.95 2.64
C PHE B 124 12.44 7.39 3.87
N ASN B 125 13.54 6.68 3.64
CA ASN B 125 14.37 6.12 4.71
C ASN B 125 13.55 5.36 5.77
N ILE B 126 12.45 4.75 5.35
CA ILE B 126 11.67 3.93 6.26
C ILE B 126 12.27 2.53 6.27
N PRO B 127 12.65 2.04 7.46
CA PRO B 127 13.27 0.71 7.55
C PRO B 127 12.26 -0.38 7.21
N ILE B 128 12.74 -1.46 6.59
CA ILE B 128 11.85 -2.52 6.12
C ILE B 128 12.28 -3.93 6.49
N ILE B 129 11.29 -4.82 6.57
CA ILE B 129 11.54 -6.25 6.59
C ILE B 129 10.89 -6.86 5.34
N VAL B 130 11.72 -7.48 4.51
CA VAL B 130 11.23 -8.20 3.34
C VAL B 130 10.60 -9.50 3.82
N VAL B 131 9.34 -9.70 3.48
CA VAL B 131 8.58 -10.86 3.95
C VAL B 131 8.08 -11.67 2.78
N ILE B 132 8.64 -12.87 2.62
CA ILE B 132 8.29 -13.73 1.51
C ILE B 132 7.10 -14.62 1.86
N THR B 133 5.94 -14.35 1.25
CA THR B 133 4.72 -15.12 1.53
C THR B 133 4.52 -16.32 0.61
N LYS B 134 3.41 -17.02 0.84
CA LYS B 134 3.04 -18.23 0.11
C LYS B 134 4.20 -19.21 0.09
N SER B 135 4.72 -19.54 1.27
CA SER B 135 5.86 -20.44 1.36
C SER B 135 5.38 -21.88 1.41
N ASP B 136 4.07 -22.04 1.59
CA ASP B 136 3.45 -23.34 1.56
C ASP B 136 3.33 -23.81 0.12
N ASN B 137 3.34 -22.84 -0.80
CA ASN B 137 3.19 -23.10 -2.23
C ASN B 137 4.50 -23.49 -2.89
N ALA B 138 5.62 -23.09 -2.28
CA ALA B 138 6.92 -23.40 -2.86
C ALA B 138 7.76 -24.40 -2.06
N GLY B 139 8.97 -24.67 -2.55
CA GLY B 139 9.85 -25.64 -1.95
C GLY B 139 10.96 -24.98 -1.18
N THR B 140 11.75 -25.76 -0.44
CA THR B 140 12.79 -25.20 0.40
C THR B 140 13.88 -24.50 -0.42
N GLU B 141 14.39 -25.17 -1.45
CA GLU B 141 15.41 -24.55 -2.28
C GLU B 141 14.84 -23.42 -3.12
N GLU B 142 13.56 -23.52 -3.45
CA GLU B 142 12.87 -22.55 -4.27
C GLU B 142 12.74 -21.21 -3.54
N ILE B 143 12.36 -21.28 -2.27
CA ILE B 143 12.21 -20.10 -1.43
C ILE B 143 13.55 -19.38 -1.29
N LYS B 144 14.58 -20.17 -1.02
CA LYS B 144 15.93 -19.64 -0.89
C LYS B 144 16.40 -18.92 -2.15
N ARG B 145 15.86 -19.30 -3.30
CA ARG B 145 16.24 -18.65 -4.55
C ARG B 145 15.71 -17.22 -4.56
N THR B 146 14.44 -17.07 -4.24
CA THR B 146 13.80 -15.74 -4.24
C THR B 146 14.45 -14.86 -3.18
N GLU B 147 14.81 -15.47 -2.05
CA GLU B 147 15.50 -14.75 -0.98
C GLU B 147 16.80 -14.12 -1.47
N MET B 148 17.69 -14.92 -2.06
CA MET B 148 18.95 -14.42 -2.60
C MET B 148 18.76 -13.30 -3.60
N ILE B 149 17.61 -13.29 -4.28
CA ILE B 149 17.33 -12.25 -5.27
C ILE B 149 17.06 -10.92 -4.60
N MET B 150 16.30 -10.97 -3.51
CA MET B 150 15.99 -9.76 -2.79
C MET B 150 17.23 -9.21 -2.12
N LYS B 151 17.97 -10.07 -1.41
CA LYS B 151 19.24 -9.68 -0.80
C LYS B 151 20.16 -9.01 -1.82
N SER B 152 20.08 -9.48 -3.07
CA SER B 152 20.89 -8.96 -4.16
C SER B 152 20.31 -7.68 -4.76
N ILE B 153 19.00 -7.50 -4.62
CA ILE B 153 18.38 -6.25 -5.02
C ILE B 153 18.63 -5.20 -3.94
N LEU B 154 18.50 -5.64 -2.69
CA LEU B 154 18.69 -4.76 -1.54
C LEU B 154 20.05 -4.06 -1.56
N GLN B 155 21.07 -4.75 -2.10
CA GLN B 155 22.41 -4.18 -2.08
C GLN B 155 22.58 -3.04 -3.06
N SER B 156 21.64 -2.90 -3.97
CA SER B 156 21.68 -1.79 -4.90
C SER B 156 20.82 -0.66 -4.34
N THR B 157 20.29 -0.86 -3.14
CA THR B 157 19.41 0.09 -2.50
C THR B 157 20.21 0.94 -1.52
N HIS B 158 19.98 2.25 -1.53
CA HIS B 158 20.78 3.16 -0.71
C HIS B 158 20.73 2.83 0.79
N ASN B 159 19.57 3.01 1.40
CA ASN B 159 19.45 2.84 2.86
C ASN B 159 19.19 1.41 3.33
N LEU B 160 18.42 0.65 2.55
CA LEU B 160 17.95 -0.66 2.98
C LEU B 160 18.88 -1.83 2.69
N LYS B 161 20.12 -1.54 2.31
CA LYS B 161 21.09 -2.56 1.93
C LYS B 161 21.03 -3.88 2.71
N ASN B 162 21.07 -3.79 4.04
CA ASN B 162 21.19 -5.01 4.84
C ASN B 162 19.92 -5.42 5.62
N SER B 163 18.80 -4.81 5.27
CA SER B 163 17.55 -5.09 5.99
C SER B 163 17.12 -6.55 5.89
N SER B 164 16.73 -7.11 7.04
CA SER B 164 16.47 -8.54 7.19
C SER B 164 15.34 -9.09 6.32
N ILE B 165 15.42 -10.39 6.03
CA ILE B 165 14.43 -11.07 5.18
C ILE B 165 14.00 -12.40 5.76
N ILE B 166 12.68 -12.63 5.81
CA ILE B 166 12.13 -13.86 6.36
C ILE B 166 10.98 -14.44 5.51
N PRO B 167 11.02 -15.75 5.25
CA PRO B 167 9.92 -16.41 4.55
C PRO B 167 8.84 -16.84 5.53
N ILE B 168 7.59 -16.60 5.16
CA ILE B 168 6.47 -17.10 5.96
C ILE B 168 5.36 -17.68 5.08
N SER B 169 4.54 -18.55 5.66
CA SER B 169 3.28 -18.90 5.02
C SER B 169 2.14 -18.47 5.90
N ALA B 170 1.48 -17.39 5.50
CA ALA B 170 0.35 -16.87 6.25
C ALA B 170 -0.70 -17.95 6.44
N LYS B 171 -0.93 -18.72 5.39
CA LYS B 171 -1.99 -19.72 5.37
C LYS B 171 -1.73 -20.88 6.31
N THR B 172 -0.45 -21.25 6.41
CA THR B 172 -0.02 -22.35 7.25
C THR B 172 0.22 -21.91 8.68
N GLY B 173 0.89 -20.77 8.82
CA GLY B 173 1.30 -20.28 10.13
C GLY B 173 2.81 -20.36 10.22
N PHE B 174 3.42 -20.76 9.12
CA PHE B 174 4.87 -20.88 9.01
C PHE B 174 5.54 -19.53 9.15
N GLY B 175 6.64 -19.50 9.90
CA GLY B 175 7.43 -18.30 10.03
C GLY B 175 6.78 -17.10 10.69
N VAL B 176 5.49 -17.20 11.04
CA VAL B 176 4.78 -16.07 11.62
C VAL B 176 5.32 -15.68 12.99
N ASP B 177 5.55 -16.68 13.84
CA ASP B 177 6.12 -16.43 15.15
C ASP B 177 7.52 -15.83 15.05
N GLU B 178 8.35 -16.36 14.15
CA GLU B 178 9.66 -15.76 13.98
C GLU B 178 9.57 -14.37 13.34
N LEU B 179 8.43 -14.07 12.72
CA LEU B 179 8.23 -12.75 12.14
C LEU B 179 7.92 -11.72 13.22
N LYS B 180 7.04 -12.08 14.16
CA LYS B 180 6.69 -11.17 15.26
C LYS B 180 7.91 -10.78 16.08
N ASN B 181 8.66 -11.77 16.54
CA ASN B 181 9.93 -11.54 17.22
C ASN B 181 10.89 -10.68 16.39
N LEU B 182 10.89 -10.90 15.08
CA LEU B 182 11.75 -10.13 14.21
C LEU B 182 11.26 -8.70 14.10
N ILE B 183 9.95 -8.53 14.09
CA ILE B 183 9.37 -7.20 14.00
C ILE B 183 9.69 -6.46 15.28
N ILE B 184 9.48 -7.13 16.41
CA ILE B 184 9.76 -6.55 17.72
C ILE B 184 11.20 -6.10 17.82
N THR B 185 12.14 -7.01 17.56
CA THR B 185 13.56 -6.70 17.57
C THR B 185 13.92 -5.52 16.66
N THR B 186 13.24 -5.42 15.51
CA THR B 186 13.52 -4.35 14.56
C THR B 186 13.09 -2.97 15.09
N LEU B 187 11.97 -2.94 15.81
CA LEU B 187 11.48 -1.72 16.45
C LEU B 187 12.35 -1.32 17.62
N ASN B 188 12.80 -2.32 18.38
CA ASN B 188 13.69 -2.11 19.51
C ASN B 188 15.00 -1.45 19.10
N ASN B 189 15.35 -1.57 17.83
CA ASN B 189 16.54 -0.91 17.32
C ASN B 189 16.22 0.41 16.66
N ALA B 190 14.96 0.83 16.76
CA ALA B 190 14.55 2.06 16.11
C ALA B 190 14.30 3.16 17.12
N GLU B 191 14.75 4.36 16.78
CA GLU B 191 14.49 5.53 17.59
C GLU B 191 13.27 6.26 17.06
N ILE B 192 12.27 6.44 17.90
CA ILE B 192 11.04 7.09 17.49
C ILE B 192 10.95 8.51 18.01
N ILE B 193 11.09 9.46 17.10
CA ILE B 193 11.09 10.87 17.43
C ILE B 193 9.94 11.55 16.72
N ARG B 194 8.90 11.89 17.48
CA ARG B 194 7.77 12.60 16.90
C ARG B 194 7.94 14.08 17.15
N ASN B 195 7.40 14.89 16.25
CA ASN B 195 7.35 16.32 16.45
C ASN B 195 6.13 16.63 17.28
N THR B 196 6.25 16.47 18.59
CA THR B 196 5.12 16.71 19.47
C THR B 196 4.83 18.20 19.57
N GLU B 197 5.89 19.00 19.41
CA GLU B 197 5.82 20.45 19.65
C GLU B 197 5.09 21.27 18.59
N SER B 198 5.53 21.20 17.34
CA SER B 198 5.03 22.12 16.31
C SER B 198 3.54 22.05 16.00
N TYR B 199 3.13 22.90 15.06
CA TYR B 199 1.73 23.14 14.75
C TYR B 199 1.02 21.85 14.43
N PHE B 200 -0.24 21.73 14.85
CA PHE B 200 -0.98 20.48 14.62
C PHE B 200 -1.23 20.28 13.14
N LYS B 201 -0.92 19.06 12.67
CA LYS B 201 -1.11 18.71 11.27
C LYS B 201 -1.60 17.28 11.15
N MET B 202 -2.86 17.13 10.79
CA MET B 202 -3.43 15.81 10.55
C MET B 202 -4.14 15.77 9.22
N PRO B 203 -3.54 15.06 8.25
CA PRO B 203 -4.17 14.78 6.97
C PRO B 203 -5.46 14.01 7.19
N LEU B 204 -6.55 14.39 6.52
CA LEU B 204 -7.82 13.70 6.73
C LEU B 204 -8.08 12.52 5.76
N ASP B 205 -8.01 11.30 6.29
CA ASP B 205 -8.20 10.09 5.51
C ASP B 205 -9.65 9.95 5.11
N HIS B 206 -10.53 9.82 6.09
CA HIS B 206 -11.93 9.58 5.81
C HIS B 206 -12.86 10.45 6.65
N ALA B 207 -14.08 10.62 6.18
CA ALA B 207 -15.10 11.33 6.93
C ALA B 207 -16.48 10.68 6.78
N PHE B 208 -17.32 10.83 7.78
CA PHE B 208 -18.72 10.53 7.61
C PHE B 208 -19.58 11.28 8.61
N PRO B 209 -20.74 11.77 8.15
CA PRO B 209 -21.65 12.62 8.91
C PRO B 209 -22.54 11.93 9.95
N ILE B 210 -22.67 12.58 11.09
CA ILE B 210 -23.64 12.19 12.08
C ILE B 210 -24.68 13.29 12.11
N LYS B 211 -25.80 13.08 11.45
CA LYS B 211 -26.80 14.13 11.29
C LYS B 211 -27.16 14.66 12.65
N GLY B 212 -27.05 15.97 12.78
CA GLY B 212 -27.53 16.65 13.97
C GLY B 212 -26.51 16.72 15.08
N ALA B 213 -25.38 16.06 14.88
CA ALA B 213 -24.26 16.15 15.81
C ALA B 213 -23.08 16.81 15.12
N GLY B 214 -22.62 16.26 14.01
CA GLY B 214 -21.52 16.82 13.26
C GLY B 214 -20.77 15.75 12.51
N THR B 215 -19.49 15.98 12.24
CA THR B 215 -18.71 15.11 11.38
C THR B 215 -17.74 14.17 12.11
N VAL B 216 -17.55 12.95 11.63
CA VAL B 216 -16.42 12.15 12.08
C VAL B 216 -15.35 12.21 11.02
N VAL B 217 -14.11 12.45 11.41
CA VAL B 217 -13.00 12.37 10.46
C VAL B 217 -11.96 11.43 11.02
N THR B 218 -11.06 10.97 10.15
CA THR B 218 -9.98 10.10 10.56
C THR B 218 -8.69 10.55 9.89
N GLY B 219 -7.57 10.12 10.44
CA GLY B 219 -6.29 10.45 9.85
C GLY B 219 -5.21 10.01 10.80
N THR B 220 -3.95 10.13 10.36
CA THR B 220 -2.84 9.86 11.24
C THR B 220 -2.00 11.12 11.42
N ILE B 221 -1.95 11.60 12.67
CA ILE B 221 -1.36 12.89 13.01
C ILE B 221 0.13 13.00 12.75
N ASN B 222 0.49 13.93 11.86
CA ASN B 222 1.88 14.15 11.47
C ASN B 222 2.71 14.83 12.54
N LYS B 223 2.15 15.87 13.12
CA LYS B 223 2.89 16.69 14.06
C LYS B 223 1.92 17.40 14.98
N GLY B 224 2.34 17.59 16.23
CA GLY B 224 1.58 18.41 17.16
C GLY B 224 0.72 17.62 18.12
N ILE B 225 -0.25 18.30 18.73
CA ILE B 225 -1.13 17.69 19.72
C ILE B 225 -2.54 18.24 19.64
N VAL B 226 -3.52 17.34 19.75
CA VAL B 226 -4.91 17.73 19.92
C VAL B 226 -5.40 17.27 21.27
N LYS B 227 -6.24 18.09 21.88
CA LYS B 227 -6.91 17.68 23.09
C LYS B 227 -8.37 17.85 22.82
N VAL B 228 -9.21 17.15 23.56
CA VAL B 228 -10.63 17.29 23.37
C VAL B 228 -11.00 18.76 23.57
N GLY B 229 -11.79 19.28 22.64
CA GLY B 229 -12.27 20.66 22.78
C GLY B 229 -11.24 21.66 22.29
N ASP B 230 -10.35 21.25 21.38
CA ASP B 230 -9.51 22.23 20.71
C ASP B 230 -10.29 22.78 19.55
N GLU B 231 -10.06 24.08 19.29
CA GLU B 231 -10.55 24.71 18.06
C GLU B 231 -9.54 24.65 16.87
N LEU B 232 -9.87 23.85 15.86
CA LEU B 232 -8.97 23.68 14.70
C LEU B 232 -9.59 24.20 13.38
N LYS B 233 -8.88 23.95 12.27
CA LYS B 233 -9.40 24.32 10.95
C LYS B 233 -9.06 23.27 9.93
N VAL B 234 -9.93 23.15 8.93
CA VAL B 234 -9.56 22.36 7.78
C VAL B 234 -9.17 23.36 6.68
N LEU B 235 -8.11 22.98 5.98
CA LEU B 235 -7.44 23.85 5.05
C LEU B 235 -7.23 22.86 3.91
N PRO B 236 -7.32 23.31 2.66
CA PRO B 236 -7.44 24.68 2.17
C PRO B 236 -8.84 25.24 2.34
N ILE B 237 -9.86 24.40 2.54
CA ILE B 237 -11.23 24.90 2.63
C ILE B 237 -11.40 25.99 3.67
N ASN B 238 -10.45 26.09 4.62
CA ASN B 238 -10.45 27.19 5.59
C ASN B 238 -11.75 27.26 6.41
N MET B 239 -11.91 26.24 7.25
CA MET B 239 -13.13 26.07 8.03
C MET B 239 -12.82 25.72 9.49
N SER B 240 -13.28 26.63 10.35
CA SER B 240 -13.12 26.54 11.79
C SER B 240 -13.87 25.31 12.28
N THR B 241 -13.27 24.56 13.22
CA THR B 241 -13.89 23.35 13.78
C THR B 241 -13.50 22.99 15.24
N LYS B 242 -14.51 22.85 16.10
CA LYS B 242 -14.32 22.36 17.47
C LYS B 242 -14.29 20.81 17.59
N VAL B 243 -13.28 20.31 18.29
CA VAL B 243 -13.08 18.86 18.45
C VAL B 243 -13.91 18.41 19.64
N ARG B 244 -14.84 17.49 19.44
CA ARG B 244 -15.68 17.11 20.57
C ARG B 244 -15.31 15.78 21.23
N SER B 245 -14.66 14.88 20.48
CA SER B 245 -14.24 13.58 21.02
C SER B 245 -13.06 13.02 20.26
N ILE B 246 -12.10 12.43 20.96
CA ILE B 246 -11.03 11.76 20.26
C ILE B 246 -10.99 10.30 20.63
N GLN B 247 -10.72 9.45 19.64
CA GLN B 247 -10.62 8.00 19.84
C GLN B 247 -9.28 7.50 19.32
N TYR B 248 -8.55 6.79 20.17
CA TYR B 248 -7.34 6.11 19.75
C TYR B 248 -7.32 4.70 20.27
N PHE B 249 -7.13 3.75 19.35
CA PHE B 249 -6.96 2.34 19.67
C PHE B 249 -8.22 1.87 20.39
N LYS B 250 -9.36 2.22 19.82
CA LYS B 250 -10.66 1.72 20.26
C LYS B 250 -10.95 2.20 21.67
N GLU B 251 -10.29 3.28 22.07
CA GLU B 251 -10.46 3.86 23.38
C GLU B 251 -10.63 5.36 23.23
N SER B 252 -11.64 5.90 23.92
CA SER B 252 -11.87 7.33 23.83
C SER B 252 -10.83 8.01 24.69
N VAL B 253 -10.02 8.85 24.07
CA VAL B 253 -8.99 9.55 24.81
C VAL B 253 -9.29 11.04 24.84
N MET B 254 -8.62 11.73 25.77
CA MET B 254 -8.77 13.17 25.95
C MET B 254 -7.75 13.95 25.15
N GLU B 255 -6.61 13.32 24.86
CA GLU B 255 -5.64 13.92 23.96
C GLU B 255 -4.83 12.90 23.15
N ALA B 256 -4.40 13.31 21.96
CA ALA B 256 -3.51 12.52 21.14
C ALA B 256 -2.41 13.38 20.50
N LYS B 257 -1.35 12.72 20.04
CA LYS B 257 -0.14 13.41 19.59
C LYS B 257 0.34 12.94 18.23
N ALA B 258 1.53 13.37 17.82
CA ALA B 258 2.09 12.87 16.58
C ALA B 258 2.43 11.41 16.75
N GLY B 259 2.02 10.60 15.78
CA GLY B 259 2.21 9.17 15.82
C GLY B 259 0.87 8.48 15.87
N ASP B 260 -0.13 9.22 16.30
CA ASP B 260 -1.41 8.62 16.61
C ASP B 260 -2.37 8.64 15.44
N ARG B 261 -2.75 7.46 14.95
CA ARG B 261 -3.87 7.37 14.03
C ARG B 261 -5.10 7.47 14.91
N VAL B 262 -5.92 8.47 14.67
CA VAL B 262 -7.10 8.63 15.51
C VAL B 262 -8.29 8.97 14.66
N GLY B 263 -9.45 8.77 15.23
CA GLY B 263 -10.69 9.17 14.61
C GLY B 263 -11.26 10.22 15.52
N MET B 264 -11.88 11.24 14.94
CA MET B 264 -12.39 12.34 15.71
C MET B 264 -13.80 12.67 15.34
N ALA B 265 -14.54 13.11 16.35
CA ALA B 265 -15.87 13.65 16.19
C ALA B 265 -15.75 15.15 16.29
N ILE B 266 -15.90 15.84 15.17
CA ILE B 266 -15.71 17.29 15.18
C ILE B 266 -16.97 18.00 14.77
N GLN B 267 -17.11 19.27 15.13
CA GLN B 267 -18.29 20.06 14.71
C GLN B 267 -17.86 21.32 13.97
N GLY B 268 -18.61 21.69 12.94
CA GLY B 268 -18.29 22.87 12.16
C GLY B 268 -18.03 22.64 10.67
N VAL B 269 -17.69 21.43 10.29
CA VAL B 269 -17.66 21.09 8.87
C VAL B 269 -18.51 19.88 8.53
N ASP B 270 -19.27 20.00 7.44
CA ASP B 270 -20.01 18.86 6.93
C ASP B 270 -18.98 17.92 6.33
N ALA B 271 -19.26 16.62 6.36
CA ALA B 271 -18.30 15.68 5.79
C ALA B 271 -18.21 15.98 4.31
N LYS B 272 -19.34 16.37 3.75
CA LYS B 272 -19.42 16.64 2.33
C LYS B 272 -18.64 17.85 1.84
N GLN B 273 -18.11 18.64 2.78
CA GLN B 273 -17.29 19.79 2.43
C GLN B 273 -15.87 19.33 2.32
N ILE B 274 -15.48 18.35 3.13
CA ILE B 274 -14.15 17.77 3.05
C ILE B 274 -13.95 16.83 1.85
N TYR B 275 -12.75 16.86 1.28
CA TYR B 275 -12.38 16.02 0.14
C TYR B 275 -10.90 15.63 0.26
N ARG B 276 -10.28 15.15 -0.81
CA ARG B 276 -9.03 14.37 -0.65
C ARG B 276 -7.87 15.11 -0.01
N GLY B 277 -7.48 16.22 -0.61
CA GLY B 277 -6.32 16.95 -0.14
C GLY B 277 -6.50 17.80 1.10
N CMH B 278 -7.56 17.56 1.85
CA CMH B 278 -7.89 18.37 3.00
C CMH B 278 -7.11 17.98 4.27
O CMH B 278 -7.17 16.85 4.73
CB CMH B 278 -9.39 18.31 3.27
SG CMH B 278 -10.55 18.79 1.99
CM CMH B 278 -7.60 20.14 -1.01
HG CMH B 278 -9.09 19.53 0.35
N ILE B 279 -6.42 18.95 4.87
CA ILE B 279 -5.70 18.74 6.12
C ILE B 279 -6.37 19.45 7.30
N LEU B 280 -6.47 18.72 8.41
CA LEU B 280 -6.86 19.34 9.67
C LEU B 280 -5.63 19.93 10.33
N THR B 281 -5.75 21.17 10.81
CA THR B 281 -4.63 21.86 11.43
C THR B 281 -5.03 22.94 12.44
N SER B 282 -4.07 23.28 13.30
CA SER B 282 -4.16 24.37 14.27
C SER B 282 -4.05 25.74 13.59
N LYS B 283 -4.67 26.76 14.20
CA LYS B 283 -4.79 28.07 13.58
C LYS B 283 -3.46 28.77 13.34
N ASP B 284 -2.41 28.27 13.98
CA ASP B 284 -1.08 28.86 13.83
C ASP B 284 -0.28 28.15 12.74
N THR B 285 -0.95 27.27 11.98
CA THR B 285 -0.30 26.43 10.96
C THR B 285 0.68 27.15 10.07
N LYS B 286 1.69 26.42 9.61
CA LYS B 286 2.70 26.96 8.71
C LYS B 286 2.47 26.50 7.28
N LEU B 287 1.47 25.62 7.09
CA LEU B 287 1.10 25.08 5.78
C LEU B 287 0.62 26.13 4.80
N GLN B 288 1.07 26.05 3.56
CA GLN B 288 0.70 27.05 2.58
C GLN B 288 0.10 26.41 1.34
N THR B 289 -0.92 27.05 0.80
CA THR B 289 -1.45 26.65 -0.48
C THR B 289 -0.51 27.16 -1.58
N VAL B 290 -0.03 26.25 -2.41
CA VAL B 290 1.07 26.54 -3.31
C VAL B 290 0.84 26.10 -4.76
N ASP B 291 1.12 27.00 -5.69
CA ASP B 291 1.03 26.73 -7.12
C ASP B 291 2.38 26.35 -7.70
N LYS B 292 3.46 26.80 -7.08
CA LYS B 292 4.81 26.50 -7.60
C LYS B 292 5.79 26.08 -6.52
N ILE B 293 6.43 24.94 -6.71
CA ILE B 293 7.41 24.46 -5.76
C ILE B 293 8.81 24.42 -6.38
N VAL B 294 9.80 24.77 -5.57
CA VAL B 294 11.19 24.56 -5.95
C VAL B 294 11.85 23.58 -5.00
N ALA B 295 12.28 22.45 -5.52
CA ALA B 295 12.80 21.37 -4.68
C ALA B 295 14.21 20.91 -5.01
N LYS B 296 14.85 20.29 -4.01
CA LYS B 296 16.17 19.72 -4.18
C LYS B 296 16.01 18.24 -4.47
N ILE B 297 16.32 17.85 -5.70
CA ILE B 297 16.01 16.51 -6.19
C ILE B 297 17.16 15.52 -6.08
N LYS B 298 16.94 14.45 -5.31
CA LYS B 298 17.83 13.29 -5.37
C LYS B 298 17.25 12.27 -6.36
N ILE B 299 17.84 12.23 -7.55
CA ILE B 299 17.41 11.29 -8.56
C ILE B 299 18.10 9.94 -8.35
N SER B 300 17.30 8.90 -8.16
CA SER B 300 17.82 7.54 -8.02
C SER B 300 18.72 7.21 -9.21
N ASP B 301 19.97 6.87 -8.92
CA ASP B 301 20.97 6.63 -9.95
C ASP B 301 20.59 5.48 -10.88
N ILE B 302 19.85 4.51 -10.35
CA ILE B 302 19.43 3.35 -11.12
C ILE B 302 18.35 3.74 -12.14
N PHE B 303 17.70 4.88 -11.91
CA PHE B 303 16.73 5.40 -12.87
C PHE B 303 17.38 5.72 -14.21
N LYS B 304 18.70 5.92 -14.19
CA LYS B 304 19.46 6.32 -15.38
C LYS B 304 18.86 7.62 -15.94
N TYR B 305 19.11 8.71 -15.22
CA TYR B 305 18.50 10.03 -15.42
C TYR B 305 18.51 10.59 -16.85
N ASN B 306 17.31 10.85 -17.37
CA ASN B 306 17.14 11.65 -18.58
C ASN B 306 16.47 12.96 -18.18
N LEU B 307 17.05 14.09 -18.57
CA LEU B 307 16.51 15.39 -18.14
C LEU B 307 16.15 16.32 -19.29
N THR B 308 14.85 16.47 -19.50
CA THR B 308 14.31 17.37 -20.51
C THR B 308 13.83 18.64 -19.81
N PRO B 309 14.19 19.81 -20.37
CA PRO B 309 13.82 21.11 -19.78
C PRO B 309 12.33 21.25 -19.50
N LYS B 310 11.49 20.77 -20.42
CA LYS B 310 10.05 20.98 -20.30
C LYS B 310 9.32 19.76 -19.74
N MET B 311 10.09 18.79 -19.25
CA MET B 311 9.56 17.46 -18.90
C MET B 311 8.30 17.49 -18.01
N LYS B 312 7.24 16.86 -18.49
CA LYS B 312 5.96 16.82 -17.80
C LYS B 312 5.87 15.64 -16.84
N VAL B 313 5.63 15.93 -15.55
CA VAL B 313 5.61 14.88 -14.55
C VAL B 313 4.34 14.89 -13.70
N HIS B 314 4.18 13.84 -12.89
CA HIS B 314 3.23 13.81 -11.81
C HIS B 314 4.03 14.07 -10.54
N LEU B 315 3.45 14.86 -9.65
CA LEU B 315 4.09 15.15 -8.38
C LEU B 315 3.25 14.67 -7.19
N ASN B 316 3.84 13.82 -6.36
CA ASN B 316 3.23 13.44 -5.10
C ASN B 316 3.61 14.44 -4.02
N VAL B 317 2.62 15.15 -3.50
CA VAL B 317 2.81 16.03 -2.36
C VAL B 317 1.78 15.64 -1.32
N GLY B 318 2.24 15.03 -0.23
CA GLY B 318 1.34 14.56 0.80
C GLY B 318 0.38 13.55 0.23
N MET B 319 -0.92 13.74 0.42
CA MET B 319 -1.89 12.80 -0.13
C MET B 319 -2.34 13.15 -1.53
N LEU B 320 -1.63 14.04 -2.21
CA LEU B 320 -2.09 14.42 -3.53
C LEU B 320 -1.19 13.87 -4.64
N ILE B 321 -1.67 14.01 -5.86
CA ILE B 321 -0.89 13.75 -7.05
C ILE B 321 -1.23 14.83 -8.09
N VAL B 322 -0.27 15.68 -8.44
CA VAL B 322 -0.54 16.77 -9.37
C VAL B 322 0.31 16.80 -10.62
N PRO B 323 -0.34 16.99 -11.77
CA PRO B 323 0.31 17.18 -13.07
C PRO B 323 1.14 18.44 -13.02
N ALA B 324 2.38 18.38 -13.50
CA ALA B 324 3.30 19.50 -13.35
C ALA B 324 4.20 19.69 -14.55
N VAL B 325 4.82 20.87 -14.62
CA VAL B 325 5.94 21.09 -15.50
C VAL B 325 7.17 21.14 -14.60
N ALA B 326 8.25 20.49 -15.03
CA ALA B 326 9.44 20.40 -14.19
C ALA B 326 10.67 20.74 -14.99
N VAL B 327 11.50 21.62 -14.45
CA VAL B 327 12.80 21.89 -15.05
C VAL B 327 13.93 21.72 -14.03
N PRO B 328 15.01 21.05 -14.45
CA PRO B 328 16.18 20.82 -13.59
C PRO B 328 17.15 21.99 -13.65
N PHE B 329 17.91 22.21 -12.59
CA PHE B 329 18.99 23.20 -12.63
C PHE B 329 20.05 22.96 -11.56
N LYS B 330 21.27 23.43 -11.81
CA LYS B 330 22.33 23.37 -10.82
C LYS B 330 22.63 24.76 -10.29
N LYS B 331 22.98 24.84 -9.02
CA LYS B 331 23.40 26.11 -8.43
C LYS B 331 24.93 26.20 -8.49
N VAL B 332 25.41 27.05 -9.39
CA VAL B 332 26.84 27.16 -9.65
C VAL B 332 27.41 28.49 -9.15
N THR B 333 28.60 28.44 -8.56
CA THR B 333 29.29 29.65 -8.16
C THR B 333 30.22 30.15 -9.27
N PHE B 334 29.78 31.20 -9.96
CA PHE B 334 30.55 31.83 -11.03
C PHE B 334 31.02 33.20 -10.58
N GLY B 335 32.32 33.32 -10.31
CA GLY B 335 32.90 34.54 -9.78
C GLY B 335 32.21 34.95 -8.49
N LYS B 336 31.69 36.16 -8.46
CA LYS B 336 30.94 36.65 -7.31
C LYS B 336 29.53 36.08 -7.34
N THR B 337 29.04 35.83 -8.55
CA THR B 337 27.64 35.47 -8.75
C THR B 337 27.34 33.98 -8.65
N GLU B 338 26.55 33.61 -7.66
CA GLU B 338 25.97 32.29 -7.65
C GLU B 338 24.73 32.37 -8.53
N GLU B 339 24.56 31.40 -9.42
CA GLU B 339 23.44 31.41 -10.37
C GLU B 339 22.80 30.04 -10.57
N ASN B 340 21.52 30.03 -10.92
CA ASN B 340 20.84 28.78 -11.24
C ASN B 340 20.91 28.48 -12.74
N ILE B 341 21.54 27.36 -13.07
CA ILE B 341 21.76 26.99 -14.46
C ILE B 341 21.09 25.67 -14.82
N ILE B 342 20.20 25.70 -15.80
CA ILE B 342 19.48 24.52 -16.23
C ILE B 342 20.43 23.44 -16.75
N LEU B 343 20.30 22.24 -16.20
CA LEU B 343 21.03 21.08 -16.68
C LEU B 343 20.68 20.82 -18.14
N ASN B 344 21.69 20.83 -19.00
CA ASN B 344 21.48 20.63 -20.44
C ASN B 344 21.64 19.16 -20.83
N GLU B 345 20.53 18.42 -20.85
CA GLU B 345 20.54 16.98 -21.14
C GLU B 345 21.57 16.28 -20.26
N VAL B 346 21.67 16.76 -19.02
CA VAL B 346 22.80 16.43 -18.17
C VAL B 346 22.58 15.20 -17.29
N ILE B 347 23.55 14.28 -17.37
CA ILE B 347 23.64 13.18 -16.41
C ILE B 347 24.52 13.61 -15.23
N SER B 348 23.90 13.83 -14.07
CA SER B 348 24.63 14.26 -12.88
C SER B 348 24.40 13.34 -11.68
N GLY B 349 25.48 13.10 -10.94
CA GLY B 349 25.45 12.17 -9.83
C GLY B 349 24.71 12.66 -8.59
N ASN B 350 25.11 13.83 -8.09
CA ASN B 350 24.61 14.29 -6.78
C ASN B 350 23.73 15.54 -6.80
N GLU B 351 23.58 16.18 -7.95
CA GLU B 351 22.88 17.46 -7.99
C GLU B 351 21.76 17.60 -9.01
N CMH B 352 20.56 17.83 -8.50
CA CMH B 352 19.45 18.37 -9.27
C CMH B 352 18.62 19.27 -8.40
O CMH B 352 18.41 18.99 -7.22
CB CMH B 352 18.55 17.28 -9.85
SG CMH B 352 19.34 16.24 -11.07
CM CMH B 352 21.41 13.76 -8.03
HG CMH B 352 20.58 14.93 -9.56
N TYR B 353 18.16 20.37 -8.98
CA TYR B 353 17.10 21.16 -8.39
C TYR B 353 15.96 21.15 -9.40
N CMH B 354 14.73 21.36 -8.94
CA CMH B 354 13.58 21.29 -9.83
C CMH B 354 12.59 22.43 -9.60
O CMH B 354 12.06 22.58 -8.49
CB CMH B 354 12.84 19.95 -9.69
SG CMH B 354 12.28 19.12 -11.20
CM CMH B 354 15.97 16.73 -11.82
HG CMH B 354 14.14 17.71 -11.49
N ALA B 355 12.36 23.22 -10.64
CA ALA B 355 11.32 24.22 -10.61
C ALA B 355 10.03 23.57 -11.06
N PHE B 356 9.14 23.28 -10.11
CA PHE B 356 7.85 22.72 -10.46
C PHE B 356 6.83 23.82 -10.58
N GLU B 357 5.90 23.66 -11.51
CA GLU B 357 4.75 24.55 -11.63
C GLU B 357 3.54 23.67 -11.85
N LEU B 358 2.63 23.66 -10.90
CA LEU B 358 1.55 22.67 -10.88
C LEU B 358 0.22 23.23 -11.38
N GLU B 359 -0.67 22.34 -11.82
CA GLU B 359 -1.97 22.72 -12.37
C GLU B 359 -2.91 23.04 -11.22
N GLU B 360 -2.95 22.14 -10.25
CA GLU B 360 -3.79 22.32 -9.09
C GLU B 360 -2.93 22.70 -7.90
N LYS B 361 -3.43 23.64 -7.09
CA LYS B 361 -2.70 24.13 -5.92
C LYS B 361 -2.65 23.09 -4.81
N VAL B 362 -1.62 23.17 -3.97
CA VAL B 362 -1.35 22.09 -3.03
C VAL B 362 -0.83 22.59 -1.67
N LEU B 363 -1.34 22.00 -0.59
CA LEU B 363 -0.88 22.34 0.74
C LEU B 363 0.46 21.68 1.01
N ALA B 364 1.50 22.51 1.17
CA ALA B 364 2.83 22.03 1.49
C ALA B 364 3.63 23.00 2.35
N GLU B 365 4.50 22.43 3.18
CA GLU B 365 5.41 23.20 4.01
C GLU B 365 6.79 23.05 3.41
N VAL B 366 7.66 24.04 3.61
CA VAL B 366 9.05 23.88 3.22
C VAL B 366 9.65 22.72 4.01
N GLY B 367 10.50 21.92 3.38
CA GLY B 367 11.06 20.75 4.04
C GLY B 367 10.17 19.53 3.89
N ASP B 368 9.03 19.70 3.26
CA ASP B 368 8.13 18.58 2.99
C ASP B 368 8.76 17.67 1.95
N ARG B 369 8.50 16.36 2.10
CA ARG B 369 8.95 15.36 1.14
C ARG B 369 8.03 15.33 -0.07
N VAL B 370 8.62 15.52 -1.23
CA VAL B 370 7.89 15.48 -2.47
C VAL B 370 8.39 14.27 -3.28
N LEU B 371 7.52 13.68 -4.10
CA LEU B 371 7.88 12.49 -4.87
C LEU B 371 7.49 12.62 -6.33
N ILE B 372 8.47 12.64 -7.23
CA ILE B 372 8.18 12.76 -8.65
C ILE B 372 7.82 11.41 -9.23
N THR B 373 6.83 11.39 -10.12
CA THR B 373 6.44 10.15 -10.76
C THR B 373 5.71 10.42 -12.06
N ARG B 374 5.51 9.35 -12.83
CA ARG B 374 4.46 9.31 -13.84
C ARG B 374 3.93 7.88 -13.93
N LEU B 375 2.82 7.64 -13.24
CA LEU B 375 2.16 6.35 -13.23
C LEU B 375 1.26 6.22 -14.44
N ASP B 376 1.32 7.22 -15.30
CA ASP B 376 0.62 7.19 -16.59
C ASP B 376 1.35 6.27 -17.55
N LEU B 377 2.69 6.34 -17.51
CA LEU B 377 3.54 5.48 -18.34
C LEU B 377 3.19 4.00 -18.14
N PRO B 378 3.56 3.16 -19.11
CA PRO B 378 3.33 1.71 -19.00
C PRO B 378 3.93 1.12 -17.72
N PRO B 379 3.22 0.17 -17.11
CA PRO B 379 3.62 -0.54 -15.89
C PRO B 379 4.89 -1.38 -16.06
N THR B 380 5.30 -1.61 -17.30
CA THR B 380 6.49 -2.41 -17.56
C THR B 380 7.76 -1.77 -16.96
N THR B 381 7.82 -0.44 -16.99
CA THR B 381 8.97 0.28 -16.47
C THR B 381 8.78 0.70 -15.01
N LEU B 382 9.88 1.13 -14.39
CA LEU B 382 9.82 1.68 -13.04
C LEU B 382 9.53 3.17 -13.15
N ARG B 383 8.34 3.55 -12.72
CA ARG B 383 7.78 4.85 -13.04
C ARG B 383 8.35 6.03 -12.23
N ILE B 384 8.53 5.85 -10.92
CA ILE B 384 9.07 6.94 -10.10
C ILE B 384 10.51 7.27 -10.50
N CMH B 385 10.85 8.55 -10.49
CA CMH B 385 12.19 8.94 -10.90
C CMH B 385 12.98 9.71 -9.85
O CMH B 385 14.17 9.95 -10.04
CB CMH B 385 12.20 9.66 -12.26
SG CMH B 385 11.26 11.18 -12.47
CM CMH B 385 14.18 14.32 -11.37
HG CMH B 385 12.88 12.83 -12.01
N GLY B 386 12.35 10.08 -8.75
CA GLY B 386 13.07 10.78 -7.70
C GLY B 386 12.23 11.38 -6.60
N HIS B 387 12.85 11.56 -5.44
CA HIS B 387 12.22 12.25 -4.33
C HIS B 387 12.94 13.56 -4.08
N GLY B 388 12.25 14.53 -3.50
CA GLY B 388 12.84 15.82 -3.26
C GLY B 388 12.37 16.46 -1.97
N LEU B 389 13.09 17.49 -1.54
CA LEU B 389 12.65 18.31 -0.42
C LEU B 389 12.32 19.70 -0.91
N ILE B 390 11.23 20.26 -0.39
CA ILE B 390 10.79 21.57 -0.82
C ILE B 390 11.67 22.65 -0.21
N GLU B 391 12.32 23.42 -1.06
CA GLU B 391 13.24 24.45 -0.62
C GLU B 391 12.52 25.79 -0.49
N GLU B 392 12.08 26.35 -1.61
CA GLU B 392 11.31 27.58 -1.62
C GLU B 392 10.01 27.32 -2.35
N PHE B 393 9.16 28.33 -2.43
CA PHE B 393 8.01 28.25 -3.31
C PHE B 393 8.10 29.41 -4.30
N LYS B 394 8.72 29.14 -5.44
CA LYS B 394 8.94 30.16 -6.45
C LYS B 394 8.65 29.62 -7.84
N PRO B 395 8.26 30.51 -8.77
CA PRO B 395 8.03 30.07 -10.16
C PRO B 395 9.33 30.03 -10.95
N ILE B 396 9.25 29.56 -12.18
CA ILE B 396 10.41 29.48 -13.04
C ILE B 396 10.97 30.87 -13.29
N LYS B 397 10.06 31.80 -13.53
CA LYS B 397 10.41 33.16 -13.93
C LYS B 397 11.30 33.89 -12.93
N ASP B 398 11.02 33.72 -11.65
CA ASP B 398 11.75 34.42 -10.61
C ASP B 398 13.12 33.80 -10.32
N LEU B 399 13.39 32.64 -10.88
CA LEU B 399 14.57 31.85 -10.49
C LEU B 399 15.87 32.22 -11.19
N ASN B 400 15.84 33.18 -12.11
CA ASN B 400 17.02 33.57 -12.88
C ASN B 400 17.74 32.38 -13.50
N ILE B 401 16.98 31.53 -14.17
CA ILE B 401 17.54 30.34 -14.81
C ILE B 401 18.10 30.68 -16.19
N LYS B 402 19.39 30.46 -16.36
CA LYS B 402 20.03 30.67 -17.64
C LYS B 402 20.68 29.39 -18.14
N LYS B 403 20.93 29.31 -19.44
CA LYS B 403 21.49 28.11 -20.03
C LYS B 403 22.95 28.29 -20.42
N GLU B 404 23.70 27.20 -20.40
CA GLU B 404 25.08 27.21 -20.83
C GLU B 404 25.18 26.56 -22.21
N VAL B 405 25.74 27.30 -23.16
CA VAL B 405 25.86 26.80 -24.54
C VAL B 405 27.30 26.41 -24.87
N LEU B 406 27.48 25.17 -25.33
CA LEU B 406 28.78 24.68 -25.78
C LEU B 406 28.74 24.43 -27.30
N ARG B 407 29.77 24.91 -28.00
CA ARG B 407 29.90 24.66 -29.44
C ARG B 407 31.14 23.81 -29.72
N GLU B 408 31.02 22.88 -30.65
CA GLU B 408 32.16 22.05 -31.06
C GLU B 408 32.84 22.63 -32.29
N GLY B 409 34.16 22.51 -32.35
CA GLY B 409 34.92 23.04 -33.47
C GLY B 409 36.07 22.14 -33.86
N LYS B 410 36.51 22.25 -35.11
CA LYS B 410 37.63 21.43 -35.60
C LYS B 410 38.73 22.28 -36.21
N VAL B 411 39.97 22.02 -35.80
CA VAL B 411 41.12 22.73 -36.35
C VAL B 411 41.72 21.97 -37.53
N LYS B 412 41.55 22.53 -38.74
CA LYS B 412 42.16 21.97 -39.93
C LYS B 412 42.89 23.08 -40.68
N ILE B 413 44.18 22.88 -40.93
CA ILE B 413 44.98 23.86 -41.64
C ILE B 413 44.41 24.09 -43.04
N ASP B 414 44.07 25.33 -43.35
CA ASP B 414 43.39 25.66 -44.61
C ASP B 414 44.11 26.74 -45.42
N LYS B 415 44.75 26.30 -46.50
CA LYS B 415 45.46 27.19 -47.42
C LYS B 415 46.45 28.14 -46.74
N GLY B 416 47.33 27.58 -45.90
CA GLY B 416 48.34 28.36 -45.21
C GLY B 416 47.84 28.91 -43.89
N ARG B 417 46.53 29.12 -43.79
CA ARG B 417 45.93 29.62 -42.57
C ARG B 417 45.53 28.44 -41.68
N THR B 418 45.39 28.69 -40.38
CA THR B 418 44.80 27.69 -39.48
C THR B 418 43.37 28.10 -39.20
N VAL B 419 42.43 27.22 -39.51
CA VAL B 419 41.02 27.55 -39.51
C VAL B 419 40.17 26.60 -38.67
N ILE B 420 39.31 27.16 -37.83
CA ILE B 420 38.39 26.37 -37.00
C ILE B 420 37.02 26.26 -37.66
N ASP B 421 36.45 25.06 -37.62
CA ASP B 421 35.19 24.78 -38.30
C ASP B 421 34.21 24.02 -37.42
N GLY B 422 32.92 24.34 -37.56
CA GLY B 422 31.89 23.61 -36.85
C GLY B 422 31.22 24.42 -35.77
N LEU B 423 31.84 25.55 -35.42
CA LEU B 423 31.27 26.45 -34.42
C LEU B 423 30.06 27.16 -35.00
N ALA B 424 30.30 27.97 -36.03
CA ALA B 424 29.23 28.64 -36.75
C ALA B 424 29.05 28.00 -38.12
N GLN B 425 27.84 28.05 -38.66
CA GLN B 425 27.59 27.52 -39.99
C GLN B 425 27.40 28.68 -40.96
N SER B 426 27.45 29.89 -40.43
CA SER B 426 27.22 31.09 -41.23
C SER B 426 28.18 32.21 -40.85
N LYS B 427 28.28 33.21 -41.72
CA LYS B 427 29.13 34.36 -41.46
C LYS B 427 28.49 35.29 -40.45
N VAL B 428 27.16 35.43 -40.52
CA VAL B 428 26.42 36.27 -39.59
C VAL B 428 26.53 35.72 -38.17
N ALA B 429 26.54 34.40 -38.05
CA ALA B 429 26.74 33.75 -36.76
C ALA B 429 28.19 33.89 -36.32
N ALA B 430 29.09 33.99 -37.29
CA ALA B 430 30.50 34.20 -37.00
C ALA B 430 30.78 35.62 -36.52
N GLU B 431 29.94 36.56 -36.97
CA GLU B 431 30.04 37.95 -36.53
C GLU B 431 29.71 38.08 -35.05
N LYS B 432 28.79 37.23 -34.59
CA LYS B 432 28.38 37.23 -33.20
C LYS B 432 29.40 36.51 -32.33
N LEU B 433 30.22 35.67 -32.95
CA LEU B 433 31.18 34.84 -32.24
C LEU B 433 32.52 35.54 -31.98
N ILE B 434 32.80 36.60 -32.72
CA ILE B 434 34.08 37.29 -32.57
C ILE B 434 34.23 37.98 -31.21
N GLY B 435 35.41 37.85 -30.61
CA GLY B 435 35.68 38.42 -29.31
C GLY B 435 35.58 37.38 -28.20
N GLU B 436 34.93 36.26 -28.50
CA GLU B 436 34.71 35.21 -27.52
C GLU B 436 35.99 34.53 -27.07
N GLU B 437 35.91 33.80 -25.97
CA GLU B 437 37.04 33.03 -25.46
C GLU B 437 36.76 31.54 -25.51
N ILE B 438 37.78 30.76 -25.90
CA ILE B 438 37.62 29.32 -26.09
C ILE B 438 38.78 28.53 -25.45
N SER B 439 38.63 27.22 -25.35
CA SER B 439 39.67 26.35 -24.83
C SER B 439 39.82 25.09 -25.69
N ILE B 440 40.91 24.35 -25.46
CA ILE B 440 41.12 23.06 -26.13
C ILE B 440 41.21 21.95 -25.09
N GLU B 441 40.53 20.84 -25.35
CA GLU B 441 40.43 19.73 -24.40
C GLU B 441 41.75 18.97 -24.23
N GLY B 442 42.19 18.82 -22.99
CA GLY B 442 43.30 17.94 -22.66
C GLY B 442 44.70 18.52 -22.72
N LYS B 443 44.88 19.62 -23.45
CA LYS B 443 46.21 20.17 -23.68
C LYS B 443 46.55 21.38 -22.81
N ASP B 444 45.63 21.75 -21.93
CA ASP B 444 45.82 22.84 -20.97
C ASP B 444 46.20 24.15 -21.66
N ILE B 445 45.41 24.53 -22.66
CA ILE B 445 45.71 25.69 -23.49
C ILE B 445 44.51 26.62 -23.61
N VAL B 446 44.74 27.92 -23.51
CA VAL B 446 43.69 28.93 -23.62
C VAL B 446 43.83 29.75 -24.91
N GLY B 447 42.72 30.31 -25.38
CA GLY B 447 42.72 31.09 -26.61
C GLY B 447 41.50 31.97 -26.83
N LYS B 448 41.69 33.03 -27.61
CA LYS B 448 40.62 33.98 -27.94
C LYS B 448 40.36 33.94 -29.45
N ILE B 449 39.16 34.32 -29.88
CA ILE B 449 38.80 34.23 -31.29
C ILE B 449 38.88 35.57 -32.02
N LYS B 450 39.51 35.56 -33.20
CA LYS B 450 39.88 36.81 -33.89
C LYS B 450 39.17 37.04 -35.24
N GLY B 451 39.69 36.43 -36.29
CA GLY B 451 39.22 36.70 -37.64
C GLY B 451 38.07 35.83 -38.13
N THR B 452 37.38 36.31 -39.17
CA THR B 452 36.20 35.60 -39.71
C THR B 452 36.25 35.39 -41.22
N PHE B 453 36.19 34.12 -41.62
CA PHE B 453 36.04 33.74 -43.01
C PHE B 453 34.68 33.06 -43.16
N GLY B 454 33.72 33.79 -43.73
CA GLY B 454 32.32 33.38 -43.63
C GLY B 454 31.70 32.61 -44.77
N THR B 455 32.50 31.92 -45.57
CA THR B 455 31.96 31.07 -46.63
C THR B 455 31.15 29.92 -46.01
N LYS B 456 31.84 29.04 -45.29
CA LYS B 456 31.18 27.90 -44.66
C LYS B 456 30.98 28.10 -43.16
N GLY B 457 31.25 29.31 -42.69
CA GLY B 457 31.14 29.61 -41.27
C GLY B 457 32.39 29.19 -40.53
N LEU B 458 33.54 29.44 -41.15
CA LEU B 458 34.82 29.11 -40.55
C LEU B 458 35.35 30.31 -39.77
N LEU B 459 36.05 30.06 -38.68
CA LEU B 459 36.58 31.14 -37.86
C LEU B 459 38.03 30.88 -37.42
N THR B 460 38.87 31.90 -37.55
CA THR B 460 40.28 31.78 -37.14
C THR B 460 40.54 32.52 -35.84
N ALA B 461 41.19 31.85 -34.90
CA ALA B 461 41.39 32.38 -33.55
C ALA B 461 42.87 32.56 -33.22
N GLU B 462 43.14 33.06 -32.02
CA GLU B 462 44.51 33.18 -31.52
C GLU B 462 44.70 32.28 -30.30
N PHE B 463 45.84 31.61 -30.21
CA PHE B 463 46.08 30.66 -29.14
C PHE B 463 47.45 30.84 -28.48
N SER B 464 47.64 30.20 -27.34
CA SER B 464 48.93 30.17 -26.67
C SER B 464 49.58 28.82 -26.89
N GLY B 465 50.60 28.78 -27.74
CA GLY B 465 51.25 27.54 -28.11
C GLY B 465 50.70 27.01 -29.42
N ASN B 466 51.30 25.92 -29.89
CA ASN B 466 50.88 25.31 -31.16
C ASN B 466 49.44 24.80 -31.12
N VAL B 467 48.75 24.94 -32.25
CA VAL B 467 47.44 24.32 -32.45
C VAL B 467 47.49 23.42 -33.68
N GLU B 468 47.46 22.12 -33.45
CA GLU B 468 47.65 21.14 -34.51
C GLU B 468 46.36 20.78 -35.24
N ASN B 469 46.52 20.17 -36.40
CA ASN B 469 45.40 19.72 -37.22
C ASN B 469 44.54 18.66 -36.51
N ARG B 470 43.25 18.65 -36.81
CA ARG B 470 42.27 17.71 -36.23
C ARG B 470 41.91 17.97 -34.76
N ASP B 471 42.48 19.02 -34.17
CA ASP B 471 42.18 19.38 -32.78
C ASP B 471 40.74 19.85 -32.62
N LYS B 472 40.15 19.57 -31.47
CA LYS B 472 38.79 19.99 -31.17
C LYS B 472 38.78 21.19 -30.22
N VAL B 473 37.96 22.18 -30.56
CA VAL B 473 37.92 23.43 -29.80
C VAL B 473 36.59 23.60 -29.06
N ILE B 474 36.65 23.74 -27.74
CA ILE B 474 35.45 23.93 -26.93
C ILE B 474 35.17 25.40 -26.60
N LEU B 475 33.94 25.82 -26.87
CA LEU B 475 33.49 27.18 -26.58
C LEU B 475 32.52 27.17 -25.41
N ASN B 476 32.88 27.85 -24.33
CA ASN B 476 32.06 27.86 -23.12
C ASN B 476 31.58 29.25 -22.74
N ARG B 477 30.27 29.42 -22.63
CA ARG B 477 29.68 30.72 -22.33
C ARG B 477 28.31 30.59 -21.66
N LEU B 478 27.86 31.68 -21.05
CA LEU B 478 26.57 31.71 -20.36
C LEU B 478 25.57 32.58 -21.09
N ARG B 479 24.50 31.96 -21.61
CA ARG B 479 23.49 32.68 -22.37
C ARG B 479 22.15 32.66 -21.66
N ARG B 480 21.13 33.19 -22.33
CA ARG B 480 19.81 33.36 -21.73
C ARG B 480 18.85 32.21 -22.04
N TRP B 481 18.38 31.53 -21.00
CA TRP B 481 17.40 30.46 -21.17
C TRP B 481 15.99 31.05 -21.21
N GLY B 482 15.10 30.37 -21.93
CA GLY B 482 13.73 30.84 -22.07
C GLY B 482 13.60 32.03 -23.01
N ARG C 12 -23.35 7.19 26.92
CA ARG C 12 -22.68 8.47 27.06
C ARG C 12 -23.40 9.57 26.28
N PRO C 13 -23.45 10.80 26.83
CA PRO C 13 -24.23 11.93 26.31
C PRO C 13 -23.92 12.27 24.86
N HIS C 14 -24.94 12.32 24.01
CA HIS C 14 -24.80 12.69 22.61
C HIS C 14 -24.03 13.99 22.49
N MET C 15 -23.14 14.08 21.51
CA MET C 15 -22.65 15.36 21.04
C MET C 15 -23.84 16.14 20.52
N ASP C 16 -23.91 17.43 20.82
CA ASP C 16 -24.95 18.27 20.23
C ASP C 16 -24.43 19.65 19.83
N PHE C 17 -25.32 20.54 19.43
CA PHE C 17 -24.91 21.88 19.05
C PHE C 17 -25.48 22.93 20.01
N LYS C 18 -25.03 24.17 19.91
CA LYS C 18 -25.75 25.24 20.57
C LYS C 18 -26.45 26.04 19.51
N ASN C 19 -27.76 26.19 19.69
CA ASN C 19 -28.56 27.01 18.80
C ASN C 19 -28.47 28.47 19.18
N ILE C 20 -28.08 29.31 18.23
CA ILE C 20 -27.82 30.71 18.49
C ILE C 20 -28.46 31.59 17.45
N ASN C 21 -29.10 32.67 17.90
CA ASN C 21 -29.64 33.63 16.97
C ASN C 21 -28.76 34.83 16.88
N LEU C 22 -28.35 35.17 15.66
CA LEU C 22 -27.41 36.27 15.47
C LEU C 22 -27.99 37.31 14.55
N GLY C 23 -28.13 38.52 15.05
CA GLY C 23 -28.74 39.58 14.27
C GLY C 23 -27.76 40.34 13.41
N ILE C 24 -28.26 40.99 12.37
CA ILE C 24 -27.45 41.94 11.63
C ILE C 24 -28.20 43.27 11.64
N PHE C 25 -27.48 44.38 11.85
CA PHE C 25 -28.12 45.70 11.91
C PHE C 25 -27.27 46.80 11.29
N GLY C 26 -27.91 47.91 10.94
CA GLY C 26 -27.18 48.98 10.30
C GLY C 26 -28.09 49.77 9.39
N HIS C 27 -27.55 50.84 8.83
CA HIS C 27 -28.34 51.63 7.91
C HIS C 27 -28.55 50.76 6.70
N ILE C 28 -29.63 50.98 5.99
CA ILE C 28 -29.79 50.34 4.69
C ILE C 28 -28.66 50.86 3.81
N ASP C 29 -28.32 50.08 2.79
CA ASP C 29 -27.22 50.40 1.86
C ASP C 29 -25.82 50.29 2.47
N HIS C 30 -25.73 49.79 3.69
CA HIS C 30 -24.45 49.65 4.36
C HIS C 30 -23.86 48.23 4.32
N GLY C 31 -24.42 47.39 3.44
CA GLY C 31 -23.91 46.05 3.20
C GLY C 31 -24.40 45.01 4.20
N LYS C 32 -25.57 45.25 4.76
CA LYS C 32 -26.14 44.37 5.77
C LYS C 32 -26.35 43.01 5.12
N THR C 33 -26.89 43.06 3.91
CA THR C 33 -27.20 41.87 3.13
C THR C 33 -25.94 41.13 2.67
N THR C 34 -25.10 41.82 1.90
CA THR C 34 -23.81 41.27 1.49
C THR C 34 -23.06 40.54 2.59
N LEU C 35 -23.14 41.05 3.82
CA LEU C 35 -22.50 40.37 4.94
C LEU C 35 -23.19 39.04 5.18
N SER C 36 -24.53 39.06 5.12
CA SER C 36 -25.32 37.86 5.36
C SER C 36 -24.95 36.78 4.34
N LYS C 37 -25.05 37.12 3.07
CA LYS C 37 -24.66 36.21 2.00
C LYS C 37 -23.27 35.65 2.21
N VAL C 38 -22.35 36.55 2.53
CA VAL C 38 -20.97 36.22 2.88
C VAL C 38 -20.86 35.23 4.02
N LEU C 39 -21.85 35.25 4.91
CA LEU C 39 -21.82 34.41 6.11
C LEU C 39 -22.53 33.09 5.87
N THR C 40 -23.70 33.14 5.24
CA THR C 40 -24.44 31.94 4.83
C THR C 40 -23.58 31.09 3.88
N GLU C 41 -22.76 31.75 3.07
CA GLU C 41 -21.80 31.10 2.19
C GLU C 41 -20.80 30.19 2.92
N ILE C 42 -20.57 30.43 4.22
CA ILE C 42 -19.55 29.64 4.94
C ILE C 42 -19.92 28.16 5.03
N ALA C 43 -21.20 27.87 5.17
CA ALA C 43 -21.70 26.49 5.16
C ALA C 43 -21.90 26.02 3.72
N SER C 44 -21.72 26.95 2.79
CA SER C 44 -21.92 26.70 1.37
C SER C 44 -20.58 26.57 0.64
N THR C 45 -19.53 26.33 1.42
CA THR C 45 -18.15 26.21 0.92
C THR C 45 -17.59 27.56 0.44
N SER C 46 -17.74 28.60 1.25
CA SER C 46 -17.16 29.89 0.89
C SER C 46 -15.67 29.86 1.19
N ALA C 47 -14.86 30.27 0.22
CA ALA C 47 -13.46 30.54 0.51
C ALA C 47 -13.46 31.84 1.31
N HIS C 48 -12.30 32.22 1.84
CA HIS C 48 -12.20 33.51 2.51
C HIS C 48 -12.44 34.64 1.51
N ASP C 49 -12.50 34.28 0.22
CA ASP C 49 -12.81 35.21 -0.86
C ASP C 49 -14.28 35.65 -0.85
N LYS C 50 -14.69 36.33 -1.92
CA LYS C 50 -16.08 36.73 -2.11
C LYS C 50 -16.84 35.63 -2.84
N LEU C 51 -17.95 36.00 -3.46
CA LEU C 51 -18.57 35.17 -4.48
C LEU C 51 -18.27 35.84 -5.81
N PRO C 52 -17.03 35.66 -6.32
CA PRO C 52 -16.54 36.40 -7.48
C PRO C 52 -17.16 35.91 -8.77
N GLU C 53 -17.45 34.62 -8.80
CA GLU C 53 -17.98 33.92 -9.96
C GLU C 53 -19.16 34.62 -10.64
N SER C 54 -20.00 35.27 -9.82
CA SER C 54 -21.23 35.89 -10.31
C SER C 54 -22.06 34.87 -11.08
N GLN C 55 -21.90 33.60 -10.71
CA GLN C 55 -22.48 32.50 -11.47
C GLN C 55 -23.89 32.19 -11.00
N LYS C 56 -24.14 32.31 -9.70
CA LYS C 56 -25.38 31.77 -9.16
C LYS C 56 -26.11 32.71 -8.21
N ARG C 57 -27.35 33.02 -8.59
CA ARG C 57 -28.28 33.69 -7.72
C ARG C 57 -29.52 32.79 -7.61
N GLY C 58 -29.74 32.22 -6.43
CA GLY C 58 -30.81 31.25 -6.25
C GLY C 58 -32.20 31.82 -6.09
N ILE C 59 -33.22 31.00 -6.35
CA ILE C 59 -34.59 31.39 -6.07
C ILE C 59 -35.25 30.51 -5.03
N THR C 60 -35.12 30.90 -3.77
CA THR C 60 -35.77 30.17 -2.68
C THR C 60 -36.34 31.19 -1.73
N ILE C 61 -37.64 31.10 -1.44
CA ILE C 61 -38.30 32.04 -0.52
C ILE C 61 -37.44 32.35 0.68
N ASP C 62 -37.60 33.57 1.18
CA ASP C 62 -36.96 33.99 2.42
C ASP C 62 -38.02 34.36 3.45
N ILE C 63 -38.18 33.53 4.47
CA ILE C 63 -39.01 33.87 5.60
C ILE C 63 -38.14 33.95 6.85
N GLY C 64 -36.83 33.95 6.64
CA GLY C 64 -35.89 34.34 7.69
C GLY C 64 -35.08 33.21 8.30
N PHE C 65 -35.05 32.07 7.62
CA PHE C 65 -34.38 30.90 8.17
C PHE C 65 -32.95 30.72 7.65
N SER C 66 -32.37 31.79 7.12
CA SER C 66 -30.99 31.73 6.66
C SER C 66 -30.13 31.37 7.84
N ALA C 67 -29.11 30.55 7.64
CA ALA C 67 -28.30 30.09 8.76
C ALA C 67 -26.98 29.45 8.33
N PHE C 68 -26.15 29.16 9.31
CA PHE C 68 -24.83 28.63 9.04
C PHE C 68 -24.22 28.06 10.31
N LYS C 69 -23.07 27.43 10.17
CA LYS C 69 -22.41 26.80 11.31
C LYS C 69 -21.03 27.36 11.56
N LEU C 70 -20.72 27.55 12.83
CA LEU C 70 -19.40 27.90 13.30
C LEU C 70 -19.15 27.00 14.48
N GLU C 71 -18.04 26.26 14.41
CA GLU C 71 -17.71 25.22 15.38
C GLU C 71 -18.95 24.50 15.93
N ASN C 72 -19.31 24.71 17.19
CA ASN C 72 -20.50 24.03 17.73
C ASN C 72 -21.74 24.91 17.71
N TYR C 73 -21.75 25.89 16.83
CA TYR C 73 -22.81 26.87 16.85
C TYR C 73 -23.63 26.82 15.59
N ARG C 74 -24.91 26.51 15.76
CA ARG C 74 -25.87 26.58 14.66
C ARG C 74 -26.41 28.00 14.60
N ILE C 75 -25.76 28.84 13.79
CA ILE C 75 -26.08 30.26 13.79
C ILE C 75 -27.23 30.59 12.86
N THR C 76 -28.39 30.90 13.42
CA THR C 76 -29.53 31.30 12.62
C THR C 76 -29.70 32.81 12.56
N LEU C 77 -29.41 33.39 11.40
CA LEU C 77 -29.47 34.84 11.25
C LEU C 77 -30.84 35.46 11.55
N VAL C 78 -30.81 36.55 12.31
CA VAL C 78 -32.00 37.36 12.56
C VAL C 78 -31.97 38.53 11.61
N ASP C 79 -32.74 38.41 10.54
CA ASP C 79 -32.69 39.40 9.49
C ASP C 79 -34.12 39.74 9.14
N ALA C 80 -34.62 40.84 9.69
CA ALA C 80 -35.86 41.41 9.20
C ALA C 80 -35.42 42.30 8.05
N PRO C 81 -36.33 42.56 7.09
CA PRO C 81 -35.88 43.27 5.90
C PRO C 81 -35.54 44.74 6.15
N GLY C 82 -36.39 45.48 6.86
CA GLY C 82 -36.23 46.92 6.87
C GLY C 82 -36.17 47.69 8.17
N HIS C 83 -36.85 48.83 8.13
CA HIS C 83 -36.84 49.88 9.14
C HIS C 83 -37.46 49.45 10.46
N ALA C 84 -38.80 49.39 10.46
CA ALA C 84 -39.57 49.06 11.64
C ALA C 84 -39.44 47.57 11.97
N ASP C 85 -39.49 46.75 10.92
CA ASP C 85 -39.45 45.30 11.05
C ASP C 85 -38.30 44.87 11.95
N LEU C 86 -37.14 45.48 11.71
CA LEU C 86 -35.93 45.18 12.46
C LEU C 86 -36.02 45.54 13.94
N ILE C 87 -36.54 46.74 14.22
CA ILE C 87 -36.68 47.17 15.60
C ILE C 87 -37.63 46.24 16.32
N ARG C 88 -38.82 46.06 15.74
CA ARG C 88 -39.82 45.15 16.30
C ARG C 88 -39.22 43.77 16.51
N ALA C 89 -38.47 43.30 15.52
CA ALA C 89 -37.78 42.02 15.60
C ALA C 89 -37.02 41.88 16.90
N VAL C 90 -36.22 42.89 17.23
CA VAL C 90 -35.36 42.78 18.40
C VAL C 90 -36.20 42.77 19.66
N VAL C 91 -37.06 43.79 19.78
CA VAL C 91 -37.96 43.93 20.91
C VAL C 91 -38.68 42.65 21.30
N SER C 92 -39.18 41.92 20.32
CA SER C 92 -39.87 40.67 20.61
C SER C 92 -38.88 39.53 20.87
N ALA C 93 -37.88 39.40 20.00
CA ALA C 93 -36.93 38.29 20.08
C ALA C 93 -35.70 38.62 20.91
N ALA C 94 -35.84 39.60 21.81
CA ALA C 94 -34.68 40.11 22.54
C ALA C 94 -34.05 39.08 23.48
N ASP C 95 -34.88 38.23 24.08
CA ASP C 95 -34.37 37.19 24.96
C ASP C 95 -33.45 36.26 24.16
N ILE C 96 -33.75 36.13 22.87
CA ILE C 96 -33.19 35.07 22.06
C ILE C 96 -31.94 35.49 21.30
N ILE C 97 -31.85 36.76 20.93
CA ILE C 97 -30.67 37.25 20.22
C ILE C 97 -29.45 37.26 21.13
N ASP C 98 -28.37 36.66 20.67
CA ASP C 98 -27.24 36.35 21.54
C ASP C 98 -26.06 37.23 21.24
N LEU C 99 -26.14 37.93 20.11
CA LEU C 99 -25.03 38.71 19.61
C LEU C 99 -25.60 39.41 18.40
N ALA C 100 -25.02 40.53 18.01
CA ALA C 100 -25.53 41.31 16.91
C ALA C 100 -24.41 41.97 16.16
N LEU C 101 -24.58 42.13 14.86
CA LEU C 101 -23.58 42.83 14.06
C LEU C 101 -24.15 44.14 13.57
N ILE C 102 -23.47 45.24 13.89
CA ILE C 102 -23.84 46.53 13.34
C ILE C 102 -22.90 46.93 12.20
N VAL C 103 -23.46 47.13 11.01
CA VAL C 103 -22.66 47.49 9.85
C VAL C 103 -22.58 48.99 9.58
N VAL C 104 -21.40 49.42 9.18
CA VAL C 104 -21.16 50.82 8.92
C VAL C 104 -20.26 50.94 7.71
N ASP C 105 -20.70 51.72 6.73
CA ASP C 105 -19.89 51.96 5.54
C ASP C 105 -18.62 52.68 5.96
N ALA C 106 -17.47 52.13 5.63
CA ALA C 106 -16.21 52.80 5.91
C ALA C 106 -16.24 54.25 5.40
N LYS C 107 -16.62 54.43 4.14
CA LYS C 107 -16.58 55.76 3.58
C LYS C 107 -17.53 56.74 4.26
N GLU C 108 -18.82 56.44 4.26
CA GLU C 108 -19.80 57.45 4.68
C GLU C 108 -20.09 57.47 6.18
N GLY C 109 -19.46 56.54 6.91
CA GLY C 109 -19.60 56.52 8.35
C GLY C 109 -21.03 56.32 8.81
N PRO C 110 -21.22 56.22 10.14
CA PRO C 110 -22.48 55.88 10.79
C PRO C 110 -23.55 56.85 10.40
N LYS C 111 -24.80 56.42 10.42
CA LYS C 111 -25.91 57.31 10.11
C LYS C 111 -26.98 57.09 11.15
N THR C 112 -27.95 58.00 11.21
CA THR C 112 -29.01 57.96 12.23
C THR C 112 -29.48 56.60 12.73
N GLN C 113 -29.76 55.69 11.81
CA GLN C 113 -30.23 54.35 12.14
C GLN C 113 -29.13 53.49 12.73
N THR C 114 -27.90 53.73 12.32
CA THR C 114 -26.73 53.05 12.89
C THR C 114 -26.72 53.21 14.41
N GLY C 115 -27.08 54.39 14.87
CA GLY C 115 -27.05 54.68 16.29
C GLY C 115 -28.26 54.12 16.99
N GLU C 116 -29.44 54.43 16.45
CA GLU C 116 -30.69 53.94 17.02
C GLU C 116 -30.59 52.45 17.29
N HIS C 117 -30.02 51.72 16.34
CA HIS C 117 -29.78 50.31 16.55
C HIS C 117 -28.78 50.10 17.69
N MET C 118 -27.73 50.91 17.73
CA MET C 118 -26.71 50.75 18.78
C MET C 118 -27.27 50.95 20.19
N LEU C 119 -28.10 51.97 20.35
CA LEU C 119 -28.72 52.22 21.65
C LEU C 119 -29.70 51.13 22.03
N ILE C 120 -30.53 50.73 21.08
CA ILE C 120 -31.50 49.68 21.37
C ILE C 120 -30.81 48.40 21.83
N LEU C 121 -29.80 47.95 21.10
CA LEU C 121 -29.04 46.79 21.54
C LEU C 121 -28.41 47.02 22.91
N ASP C 122 -27.93 48.25 23.13
CA ASP C 122 -27.45 48.62 24.46
C ASP C 122 -28.56 48.54 25.51
N HIS C 123 -29.74 49.06 25.17
CA HIS C 123 -30.82 49.06 26.15
C HIS C 123 -31.23 47.62 26.48
N PHE C 124 -31.05 46.71 25.52
CA PHE C 124 -31.47 45.32 25.67
C PHE C 124 -30.32 44.39 26.04
N ASN C 125 -29.15 44.98 26.31
CA ASN C 125 -27.99 44.22 26.77
C ASN C 125 -27.63 43.08 25.82
N ILE C 126 -27.60 43.38 24.54
CA ILE C 126 -27.35 42.39 23.50
C ILE C 126 -25.98 42.70 22.94
N PRO C 127 -24.99 41.86 23.23
CA PRO C 127 -23.58 42.04 22.86
C PRO C 127 -23.47 42.45 21.42
N ILE C 128 -22.57 43.36 21.06
CA ILE C 128 -22.42 43.65 19.64
C ILE C 128 -20.99 43.63 19.13
N ILE C 129 -20.87 43.62 17.81
CA ILE C 129 -19.60 43.80 17.12
C ILE C 129 -19.84 44.80 16.00
N VAL C 130 -19.09 45.89 16.00
CA VAL C 130 -19.23 46.88 14.96
C VAL C 130 -18.48 46.29 13.80
N VAL C 131 -19.10 46.31 12.62
CA VAL C 131 -18.47 45.76 11.43
C VAL C 131 -18.39 46.85 10.36
N ILE C 132 -17.18 47.18 9.94
CA ILE C 132 -17.03 48.28 9.02
C ILE C 132 -16.91 47.75 7.60
N THR C 133 -17.98 47.91 6.84
CA THR C 133 -18.12 47.33 5.51
C THR C 133 -17.56 48.19 4.39
N LYS C 134 -17.35 47.58 3.25
CA LYS C 134 -16.91 48.28 2.04
C LYS C 134 -15.59 48.96 2.26
N SER C 135 -14.76 48.37 3.11
CA SER C 135 -13.40 48.89 3.34
C SER C 135 -12.58 49.05 2.06
N ASP C 136 -12.99 48.36 1.01
CA ASP C 136 -12.31 48.46 -0.26
C ASP C 136 -12.65 49.77 -0.98
N ASN C 137 -13.70 50.44 -0.52
CA ASN C 137 -14.19 51.64 -1.18
C ASN C 137 -13.68 52.90 -0.51
N ALA C 138 -12.92 52.72 0.56
CA ALA C 138 -12.49 53.85 1.38
C ALA C 138 -11.00 54.03 1.33
N GLY C 139 -10.57 55.28 1.52
CA GLY C 139 -9.16 55.62 1.65
C GLY C 139 -8.72 55.26 3.06
N THR C 140 -7.51 55.63 3.44
CA THR C 140 -7.01 55.20 4.73
C THR C 140 -7.70 55.91 5.86
N GLU C 141 -7.70 57.24 5.79
CA GLU C 141 -8.25 58.07 6.86
C GLU C 141 -9.74 57.86 7.05
N GLU C 142 -10.45 57.64 5.95
CA GLU C 142 -11.90 57.53 5.96
C GLU C 142 -12.32 56.32 6.78
N ILE C 143 -11.46 55.31 6.78
CA ILE C 143 -11.66 54.11 7.58
C ILE C 143 -11.38 54.45 9.04
N LYS C 144 -10.24 55.08 9.26
CA LYS C 144 -9.85 55.53 10.59
C LYS C 144 -10.91 56.44 11.21
N ARG C 145 -11.40 57.40 10.41
CA ARG C 145 -12.41 58.35 10.83
C ARG C 145 -13.70 57.68 11.23
N THR C 146 -14.05 56.61 10.52
CA THR C 146 -15.29 55.93 10.82
C THR C 146 -15.08 55.00 12.00
N GLU C 147 -13.92 54.36 12.03
CA GLU C 147 -13.59 53.52 13.16
C GLU C 147 -13.57 54.35 14.46
N MET C 148 -13.28 55.64 14.34
CA MET C 148 -13.15 56.51 15.52
C MET C 148 -14.47 56.98 16.07
N ILE C 149 -15.27 57.62 15.22
CA ILE C 149 -16.61 58.05 15.60
C ILE C 149 -17.37 56.92 16.24
N MET C 150 -17.14 55.71 15.76
CA MET C 150 -17.92 54.59 16.27
C MET C 150 -17.46 54.19 17.66
N LYS C 151 -16.15 54.19 17.89
CA LYS C 151 -15.60 53.91 19.20
C LYS C 151 -16.16 54.91 20.19
N SER C 152 -16.17 56.17 19.77
CA SER C 152 -16.64 57.24 20.61
C SER C 152 -18.14 57.12 20.88
N ILE C 153 -18.93 56.78 19.88
CA ILE C 153 -20.37 56.67 20.11
C ILE C 153 -20.62 55.51 21.06
N LEU C 154 -19.75 54.51 21.01
CA LEU C 154 -19.91 53.31 21.83
C LEU C 154 -19.73 53.65 23.31
N GLN C 155 -18.93 54.67 23.56
CA GLN C 155 -18.66 55.10 24.94
C GLN C 155 -19.87 55.73 25.63
N SER C 156 -20.83 56.21 24.85
CA SER C 156 -22.05 56.81 25.39
C SER C 156 -23.03 55.76 25.89
N THR C 157 -22.66 54.51 25.74
CA THR C 157 -23.59 53.44 26.08
C THR C 157 -23.18 52.78 27.38
N HIS C 158 -24.19 52.30 28.10
CA HIS C 158 -23.98 51.67 29.37
C HIS C 158 -23.19 50.36 29.17
N ASN C 159 -23.66 49.49 28.27
CA ASN C 159 -23.09 48.13 28.15
C ASN C 159 -22.09 47.90 27.00
N LEU C 160 -22.40 48.45 25.83
CA LEU C 160 -21.63 48.21 24.60
C LEU C 160 -20.27 48.89 24.56
N LYS C 161 -19.85 49.46 25.67
CA LYS C 161 -18.73 50.42 25.70
C LYS C 161 -17.45 49.97 25.00
N ASN C 162 -16.92 48.81 25.37
CA ASN C 162 -15.71 48.29 24.72
C ASN C 162 -15.98 47.17 23.69
N SER C 163 -17.17 47.23 23.08
CA SER C 163 -17.49 46.37 21.97
C SER C 163 -16.44 46.58 20.90
N SER C 164 -16.02 45.50 20.24
CA SER C 164 -14.93 45.53 19.27
C SER C 164 -15.35 46.08 17.91
N ILE C 165 -14.37 46.47 17.10
CA ILE C 165 -14.66 47.04 15.80
C ILE C 165 -13.76 46.41 14.76
N ILE C 166 -14.36 45.73 13.79
CA ILE C 166 -13.62 45.12 12.70
C ILE C 166 -13.99 45.72 11.33
N PRO C 167 -12.98 46.21 10.60
CA PRO C 167 -13.18 46.57 9.20
C PRO C 167 -13.03 45.32 8.31
N ILE C 168 -14.04 45.06 7.49
CA ILE C 168 -13.97 43.97 6.50
C ILE C 168 -14.28 44.50 5.10
N SER C 169 -13.85 43.73 4.10
CA SER C 169 -14.27 43.98 2.72
C SER C 169 -14.95 42.71 2.24
N ALA C 170 -16.25 42.78 1.98
CA ALA C 170 -16.96 41.56 1.62
C ALA C 170 -16.45 41.04 0.28
N LYS C 171 -16.11 42.00 -0.59
CA LYS C 171 -15.73 41.73 -1.95
C LYS C 171 -14.32 41.16 -2.07
N THR C 172 -13.41 41.65 -1.24
CA THR C 172 -12.05 41.10 -1.21
C THR C 172 -12.01 39.92 -0.26
N GLY C 173 -12.92 39.91 0.69
CA GLY C 173 -12.95 38.89 1.72
C GLY C 173 -12.00 39.23 2.86
N PHE C 174 -11.48 40.45 2.84
CA PHE C 174 -10.57 40.95 3.86
C PHE C 174 -11.20 40.94 5.27
N GLY C 175 -10.54 40.27 6.20
CA GLY C 175 -10.98 40.28 7.59
C GLY C 175 -12.27 39.57 7.88
N VAL C 176 -12.78 38.79 6.93
CA VAL C 176 -13.99 38.03 7.21
C VAL C 176 -13.60 36.79 7.98
N ASP C 177 -12.32 36.45 7.90
CA ASP C 177 -11.78 35.38 8.72
C ASP C 177 -11.70 35.89 10.16
N GLU C 178 -11.15 37.09 10.34
CA GLU C 178 -11.00 37.64 11.68
C GLU C 178 -12.37 37.86 12.32
N LEU C 179 -13.31 38.35 11.52
CA LEU C 179 -14.67 38.54 12.00
C LEU C 179 -15.29 37.23 12.52
N LYS C 180 -15.16 36.15 11.76
CA LYS C 180 -15.87 34.93 12.09
C LYS C 180 -15.30 34.30 13.36
N ASN C 181 -13.98 34.32 13.48
CA ASN C 181 -13.31 33.86 14.69
C ASN C 181 -13.67 34.71 15.89
N LEU C 182 -13.95 35.98 15.66
CA LEU C 182 -14.39 36.83 16.74
C LEU C 182 -15.80 36.44 17.17
N ILE C 183 -16.66 36.12 16.20
CA ILE C 183 -18.04 35.78 16.50
C ILE C 183 -18.05 34.53 17.34
N ILE C 184 -17.01 33.75 17.20
CA ILE C 184 -16.83 32.55 18.00
C ILE C 184 -16.31 32.88 19.39
N THR C 185 -15.25 33.70 19.46
CA THR C 185 -14.65 34.03 20.76
C THR C 185 -15.72 34.66 21.66
N THR C 186 -16.40 35.65 21.12
CA THR C 186 -17.58 36.24 21.76
C THR C 186 -18.58 35.21 22.32
N LEU C 187 -19.02 34.29 21.47
CA LEU C 187 -20.07 33.35 21.88
C LEU C 187 -19.56 32.37 22.93
N ASN C 188 -18.26 32.13 22.90
CA ASN C 188 -17.63 31.22 23.85
C ASN C 188 -17.57 31.86 25.22
N ASN C 189 -17.50 33.18 25.24
CA ASN C 189 -17.48 33.94 26.49
C ASN C 189 -18.86 34.07 27.08
N ALA C 190 -19.86 34.31 26.23
CA ALA C 190 -21.24 34.49 26.65
C ALA C 190 -21.75 33.28 27.42
N GLU C 191 -22.68 33.50 28.33
CA GLU C 191 -23.30 32.40 29.06
C GLU C 191 -24.72 32.34 28.55
N ILE C 192 -25.00 31.35 27.73
CA ILE C 192 -26.26 31.31 27.01
C ILE C 192 -27.23 30.41 27.72
N ILE C 193 -28.28 31.00 28.27
CA ILE C 193 -29.32 30.20 28.90
C ILE C 193 -30.68 30.50 28.29
N ARG C 194 -31.40 29.43 27.97
CA ARG C 194 -32.70 29.54 27.37
C ARG C 194 -33.72 29.15 28.41
N ASN C 195 -34.83 29.86 28.43
CA ASN C 195 -35.83 29.60 29.46
C ASN C 195 -36.78 28.52 29.02
N THR C 196 -36.46 27.32 29.47
CA THR C 196 -37.13 26.12 29.05
C THR C 196 -38.36 25.86 29.88
N GLU C 197 -38.18 25.98 31.20
CA GLU C 197 -39.17 25.45 32.14
C GLU C 197 -40.40 26.32 32.33
N SER C 198 -40.59 27.29 31.44
CA SER C 198 -41.75 28.16 31.55
C SER C 198 -42.82 27.77 30.55
N TYR C 199 -43.93 28.51 30.56
CA TYR C 199 -44.98 28.36 29.56
C TYR C 199 -44.42 28.58 28.14
N PHE C 200 -45.08 28.05 27.11
CA PHE C 200 -44.58 28.15 25.73
C PHE C 200 -44.98 29.46 25.09
N LYS C 201 -44.00 30.22 24.60
CA LYS C 201 -44.25 31.52 23.96
C LYS C 201 -43.50 31.61 22.62
N MET C 202 -44.24 31.73 21.53
CA MET C 202 -43.64 31.91 20.20
C MET C 202 -44.38 32.97 19.38
N PRO C 203 -43.84 34.18 19.32
CA PRO C 203 -44.39 35.19 18.43
C PRO C 203 -44.33 34.69 16.99
N LEU C 204 -45.45 34.78 16.25
CA LEU C 204 -45.53 34.36 14.85
C LEU C 204 -45.07 35.43 13.84
N ASP C 205 -44.08 35.10 13.00
CA ASP C 205 -43.52 36.06 12.03
C ASP C 205 -44.12 35.94 10.62
N HIS C 206 -44.43 34.72 10.21
CA HIS C 206 -44.98 34.45 8.87
C HIS C 206 -45.94 33.29 8.93
N ALA C 207 -46.94 33.30 8.06
CA ALA C 207 -47.79 32.15 7.88
C ALA C 207 -48.31 32.07 6.45
N PHE C 208 -48.51 30.85 5.97
CA PHE C 208 -49.12 30.63 4.68
C PHE C 208 -49.92 29.36 4.77
N PRO C 209 -51.01 29.27 3.98
CA PRO C 209 -51.92 28.13 4.05
C PRO C 209 -51.48 26.99 3.14
N ILE C 210 -51.76 25.79 3.63
CA ILE C 210 -51.63 24.56 2.88
C ILE C 210 -53.07 24.08 2.73
N LYS C 211 -53.64 24.22 1.53
CA LYS C 211 -55.08 24.04 1.31
C LYS C 211 -55.76 22.97 2.14
N GLY C 212 -55.26 21.75 2.04
CA GLY C 212 -55.89 20.64 2.71
C GLY C 212 -55.40 20.40 4.12
N ALA C 213 -54.09 20.41 4.30
CA ALA C 213 -53.48 19.85 5.51
C ALA C 213 -53.11 20.83 6.62
N GLY C 214 -53.54 22.09 6.51
CA GLY C 214 -53.42 23.00 7.64
C GLY C 214 -52.78 24.35 7.35
N THR C 215 -52.25 24.99 8.39
CA THR C 215 -51.53 26.25 8.22
C THR C 215 -50.08 26.12 8.63
N VAL C 216 -49.19 26.74 7.85
CA VAL C 216 -47.81 26.83 8.23
C VAL C 216 -47.60 28.16 8.92
N VAL C 217 -46.82 28.15 10.00
CA VAL C 217 -46.45 29.37 10.68
C VAL C 217 -44.98 29.33 10.97
N THR C 218 -44.37 30.48 11.16
CA THR C 218 -42.98 30.53 11.57
C THR C 218 -42.82 31.27 12.89
N GLY C 219 -41.68 31.09 13.54
CA GLY C 219 -41.39 31.87 14.72
C GLY C 219 -40.01 31.62 15.26
N THR C 220 -39.58 32.43 16.22
CA THR C 220 -38.49 32.05 17.08
C THR C 220 -39.05 31.89 18.47
N ILE C 221 -38.84 30.73 19.06
CA ILE C 221 -39.36 30.40 20.38
C ILE C 221 -38.67 31.16 21.52
N ASN C 222 -39.43 31.99 22.22
CA ASN C 222 -38.91 32.80 23.32
C ASN C 222 -38.67 31.98 24.57
N LYS C 223 -39.72 31.31 25.03
CA LYS C 223 -39.61 30.44 26.18
C LYS C 223 -40.46 29.18 26.03
N GLY C 224 -40.10 28.16 26.79
CA GLY C 224 -40.90 26.96 26.85
C GLY C 224 -40.49 25.91 25.85
N ILE C 225 -41.35 24.92 25.66
CA ILE C 225 -41.03 23.81 24.79
C ILE C 225 -42.27 23.35 24.04
N VAL C 226 -42.11 23.06 22.75
CA VAL C 226 -43.21 22.54 21.96
C VAL C 226 -42.81 21.15 21.47
N LYS C 227 -43.76 20.22 21.49
CA LYS C 227 -43.55 18.90 20.94
C LYS C 227 -44.58 18.70 19.84
N VAL C 228 -44.30 17.78 18.93
CA VAL C 228 -45.30 17.47 17.93
C VAL C 228 -46.44 16.86 18.70
N GLY C 229 -47.65 17.36 18.46
CA GLY C 229 -48.83 16.75 19.03
C GLY C 229 -49.41 17.66 20.07
N ASP C 230 -48.60 18.62 20.50
CA ASP C 230 -49.00 19.53 21.56
C ASP C 230 -50.19 20.38 21.14
N GLU C 231 -51.15 20.51 22.05
CA GLU C 231 -52.27 21.40 21.77
C GLU C 231 -52.07 22.78 22.37
N LEU C 232 -51.98 23.78 21.50
CA LEU C 232 -51.85 25.15 21.93
C LEU C 232 -52.95 26.04 21.33
N LYS C 233 -52.75 27.35 21.50
CA LYS C 233 -53.70 28.35 21.05
C LYS C 233 -52.94 29.61 20.59
N VAL C 234 -53.51 30.30 19.60
CA VAL C 234 -53.02 31.61 19.16
C VAL C 234 -53.78 32.76 19.82
N LEU C 235 -53.04 33.63 20.49
CA LEU C 235 -53.57 34.88 21.03
C LEU C 235 -53.15 36.05 20.13
N PRO C 236 -53.88 37.19 20.19
CA PRO C 236 -55.08 37.43 21.00
C PRO C 236 -56.33 36.77 20.38
N ILE C 237 -56.26 36.28 19.14
CA ILE C 237 -57.44 35.72 18.49
C ILE C 237 -58.11 34.62 19.34
N ASN C 238 -57.31 34.04 20.25
CA ASN C 238 -57.76 33.06 21.23
C ASN C 238 -58.26 31.78 20.57
N MET C 239 -57.45 31.26 19.66
CA MET C 239 -57.88 30.08 18.91
C MET C 239 -56.97 28.86 19.12
N SER C 240 -57.61 27.76 19.49
CA SER C 240 -56.89 26.54 19.79
C SER C 240 -56.29 25.96 18.52
N THR C 241 -55.15 25.29 18.68
CA THR C 241 -54.47 24.61 17.57
C THR C 241 -53.59 23.44 18.04
N LYS C 242 -53.46 22.44 17.17
CA LYS C 242 -52.61 21.30 17.42
C LYS C 242 -51.35 21.34 16.55
N VAL C 243 -50.25 20.81 17.08
CA VAL C 243 -48.95 20.87 16.40
C VAL C 243 -48.76 19.61 15.58
N ARG C 244 -48.81 19.74 14.26
CA ARG C 244 -48.73 18.57 13.38
C ARG C 244 -47.28 18.28 12.99
N SER C 245 -46.52 19.31 12.67
CA SER C 245 -45.11 19.10 12.33
C SER C 245 -44.25 20.31 12.68
N ILE C 246 -43.02 20.03 13.07
CA ILE C 246 -42.10 21.06 13.50
C ILE C 246 -40.78 20.88 12.77
N GLN C 247 -40.24 21.96 12.24
CA GLN C 247 -38.98 21.89 11.53
C GLN C 247 -37.95 22.83 12.09
N TYR C 248 -36.83 22.29 12.50
CA TYR C 248 -35.71 23.15 12.86
C TYR C 248 -34.43 22.85 12.10
N PHE C 249 -33.93 23.89 11.44
CA PHE C 249 -32.66 23.80 10.75
C PHE C 249 -32.74 22.78 9.63
N LYS C 250 -33.68 22.99 8.71
CA LYS C 250 -33.82 22.17 7.49
C LYS C 250 -34.06 20.69 7.78
N GLU C 251 -34.68 20.37 8.91
CA GLU C 251 -35.00 18.99 9.28
C GLU C 251 -36.34 18.92 9.98
N SER C 252 -36.95 17.75 10.01
CA SER C 252 -38.18 17.61 10.79
C SER C 252 -37.82 17.17 12.19
N VAL C 253 -38.20 17.98 13.17
CA VAL C 253 -37.93 17.67 14.58
C VAL C 253 -39.20 17.32 15.38
N MET C 254 -39.05 16.54 16.45
CA MET C 254 -40.22 16.14 17.23
C MET C 254 -40.51 17.12 18.35
N GLU C 255 -39.57 18.01 18.61
CA GLU C 255 -39.60 18.86 19.79
C GLU C 255 -38.62 20.01 19.62
N ALA C 256 -39.09 21.21 19.89
CA ALA C 256 -38.24 22.39 19.86
C ALA C 256 -38.34 23.09 21.20
N LYS C 257 -37.27 23.77 21.58
CA LYS C 257 -37.24 24.50 22.84
C LYS C 257 -36.82 25.94 22.55
N ALA C 258 -36.80 26.78 23.59
CA ALA C 258 -36.52 28.20 23.45
C ALA C 258 -35.18 28.50 22.76
N GLY C 259 -35.20 29.50 21.88
CA GLY C 259 -34.04 29.86 21.09
C GLY C 259 -34.09 29.35 19.67
N ASP C 260 -34.81 28.26 19.46
CA ASP C 260 -34.90 27.63 18.16
C ASP C 260 -35.84 28.39 17.26
N ARG C 261 -35.36 28.84 16.11
CA ARG C 261 -36.27 29.32 15.08
C ARG C 261 -36.90 28.15 14.30
N VAL C 262 -38.22 28.04 14.36
CA VAL C 262 -38.87 26.89 13.76
C VAL C 262 -39.99 27.25 12.79
N GLY C 263 -40.20 26.34 11.84
CA GLY C 263 -41.36 26.38 10.99
C GLY C 263 -42.27 25.33 11.58
N MET C 264 -43.57 25.53 11.49
CA MET C 264 -44.51 24.60 12.08
C MET C 264 -45.72 24.39 11.17
N ALA C 265 -46.13 23.15 11.10
CA ALA C 265 -47.34 22.79 10.41
C ALA C 265 -48.43 22.56 11.45
N ILE C 266 -49.42 23.46 11.51
CA ILE C 266 -50.46 23.34 12.52
C ILE C 266 -51.87 23.31 11.95
N GLN C 267 -52.79 22.73 12.69
CA GLN C 267 -54.17 22.73 12.25
C GLN C 267 -55.13 23.36 13.25
N GLY C 268 -56.15 24.05 12.72
CA GLY C 268 -57.15 24.71 13.54
C GLY C 268 -57.24 26.22 13.37
N VAL C 269 -56.32 26.81 12.61
CA VAL C 269 -56.35 28.24 12.34
C VAL C 269 -55.92 28.59 10.92
N ASP C 270 -56.77 29.34 10.22
CA ASP C 270 -56.49 29.77 8.86
C ASP C 270 -55.32 30.73 8.84
N ALA C 271 -54.57 30.73 7.74
CA ALA C 271 -53.43 31.62 7.63
C ALA C 271 -53.89 33.08 7.60
N LYS C 272 -55.10 33.31 7.10
CA LYS C 272 -55.62 34.66 7.06
C LYS C 272 -56.01 35.16 8.45
N GLN C 273 -56.41 34.24 9.32
CA GLN C 273 -56.90 34.61 10.65
C GLN C 273 -55.77 35.13 11.54
N ILE C 274 -54.54 34.83 11.13
CA ILE C 274 -53.37 35.25 11.88
C ILE C 274 -52.79 36.52 11.27
N TYR C 275 -52.61 37.55 12.10
CA TYR C 275 -52.00 38.81 11.69
C TYR C 275 -50.88 39.24 12.64
N ARG C 276 -50.22 40.35 12.30
CA ARG C 276 -48.92 40.76 12.85
C ARG C 276 -48.65 40.56 14.34
N GLY C 277 -49.58 40.98 15.18
CA GLY C 277 -49.32 40.98 16.60
C GLY C 277 -49.43 39.65 17.32
N CMH C 278 -49.90 38.64 16.61
CA CMH C 278 -50.22 37.37 17.24
C CMH C 278 -49.03 36.58 17.78
O CMH C 278 -47.90 36.69 17.27
CB CMH C 278 -51.01 36.51 16.25
SG CMH C 278 -52.67 37.00 15.81
CM CMH C 278 -52.64 41.27 16.94
HG CMH C 278 -52.66 39.28 16.28
N ILE C 279 -49.28 35.81 18.82
CA ILE C 279 -48.31 34.88 19.37
C ILE C 279 -48.94 33.49 19.49
N LEU C 280 -48.19 32.44 19.16
CA LEU C 280 -48.63 31.10 19.51
C LEU C 280 -48.11 30.81 20.90
N THR C 281 -49.02 30.52 21.82
CA THR C 281 -48.63 30.13 23.16
C THR C 281 -49.44 28.96 23.66
N SER C 282 -48.97 28.39 24.77
CA SER C 282 -49.70 27.29 25.39
C SER C 282 -50.92 27.80 26.15
N LYS C 283 -51.55 26.92 26.91
CA LYS C 283 -52.81 27.25 27.55
C LYS C 283 -52.65 27.65 29.02
N ASP C 284 -51.44 27.47 29.55
CA ASP C 284 -51.11 27.94 30.89
C ASP C 284 -50.42 29.29 30.78
N THR C 285 -50.55 29.90 29.61
CA THR C 285 -49.84 31.12 29.27
C THR C 285 -50.05 32.26 30.26
N LYS C 286 -48.99 33.04 30.46
CA LYS C 286 -49.03 34.17 31.37
C LYS C 286 -49.27 35.46 30.58
N LEU C 287 -49.07 35.41 29.27
CA LEU C 287 -49.31 36.56 28.40
C LEU C 287 -50.71 37.08 28.60
N GLN C 288 -50.87 38.40 28.58
CA GLN C 288 -52.18 39.03 28.74
C GLN C 288 -52.45 40.01 27.61
N THR C 289 -53.71 40.15 27.28
CA THR C 289 -54.10 41.20 26.37
C THR C 289 -54.27 42.42 27.25
N VAL C 290 -53.69 43.54 26.84
CA VAL C 290 -53.47 44.61 27.78
C VAL C 290 -53.66 46.00 27.19
N ASP C 291 -54.39 46.81 27.94
CA ASP C 291 -54.70 48.17 27.54
C ASP C 291 -53.82 49.17 28.29
N LYS C 292 -53.64 48.91 29.57
CA LYS C 292 -52.94 49.81 30.47
C LYS C 292 -51.65 49.17 30.98
N ILE C 293 -50.53 49.83 30.73
CA ILE C 293 -49.23 49.37 31.21
C ILE C 293 -48.54 50.32 32.19
N VAL C 294 -48.17 49.83 33.35
CA VAL C 294 -47.31 50.56 34.28
C VAL C 294 -45.91 49.96 34.25
N ALA C 295 -44.90 50.83 34.08
CA ALA C 295 -43.53 50.34 33.93
C ALA C 295 -42.47 51.21 34.57
N LYS C 296 -41.28 50.65 34.76
CA LYS C 296 -40.16 51.39 35.34
C LYS C 296 -39.18 51.77 34.25
N ILE C 297 -39.12 53.06 33.96
CA ILE C 297 -38.43 53.56 32.77
C ILE C 297 -37.21 54.37 33.11
N LYS C 298 -36.09 53.99 32.50
CA LYS C 298 -34.86 54.77 32.53
C LYS C 298 -34.83 55.63 31.28
N ILE C 299 -34.37 56.87 31.39
CA ILE C 299 -34.29 57.72 30.21
C ILE C 299 -32.88 57.79 29.66
N SER C 300 -32.77 57.77 28.33
CA SER C 300 -31.49 57.66 27.67
C SER C 300 -30.68 58.86 28.06
N ASP C 301 -29.44 58.60 28.43
CA ASP C 301 -28.51 59.65 28.85
C ASP C 301 -28.38 60.74 27.79
N ILE C 302 -28.16 60.35 26.53
CA ILE C 302 -27.94 61.36 25.50
C ILE C 302 -29.21 61.97 24.93
N PHE C 303 -30.35 61.70 25.54
CA PHE C 303 -31.63 62.23 25.06
C PHE C 303 -31.77 63.71 25.35
N LYS C 304 -31.85 64.54 24.32
CA LYS C 304 -31.77 65.97 24.56
C LYS C 304 -33.07 66.61 25.02
N TYR C 305 -34.12 65.82 25.20
CA TYR C 305 -35.44 66.37 25.47
C TYR C 305 -36.07 65.82 26.74
N ASN C 306 -37.41 65.88 26.80
CA ASN C 306 -38.13 65.52 28.02
C ASN C 306 -39.49 64.88 27.79
N LEU C 307 -40.04 64.33 28.88
CA LEU C 307 -41.37 63.75 28.89
C LEU C 307 -42.13 64.42 30.03
N THR C 308 -43.40 64.71 29.76
CA THR C 308 -44.25 65.44 30.68
C THR C 308 -45.52 64.62 30.81
N PRO C 309 -46.34 64.88 31.83
CA PRO C 309 -47.59 64.13 31.95
C PRO C 309 -48.56 64.34 30.78
N LYS C 310 -49.22 63.24 30.39
CA LYS C 310 -50.22 63.21 29.32
C LYS C 310 -49.65 63.50 27.93
N MET C 311 -48.48 62.96 27.65
CA MET C 311 -47.83 63.18 26.36
C MET C 311 -47.89 61.91 25.52
N LYS C 312 -48.28 62.06 24.26
CA LYS C 312 -48.31 60.94 23.33
C LYS C 312 -46.91 60.48 22.98
N VAL C 313 -46.66 59.21 23.25
CA VAL C 313 -45.44 58.59 22.81
C VAL C 313 -45.82 57.30 22.14
N HIS C 314 -44.89 56.71 21.39
CA HIS C 314 -45.13 55.42 20.80
C HIS C 314 -44.38 54.31 21.53
N LEU C 315 -45.12 53.26 21.85
CA LEU C 315 -44.61 52.20 22.70
C LEU C 315 -44.34 50.91 21.92
N ASN C 316 -43.12 50.43 21.96
CA ASN C 316 -42.79 49.15 21.37
C ASN C 316 -43.06 48.03 22.39
N VAL C 317 -44.21 47.38 22.28
CA VAL C 317 -44.49 46.25 23.15
C VAL C 317 -44.49 44.94 22.36
N GLY C 318 -43.47 44.11 22.60
CA GLY C 318 -43.30 42.94 21.78
C GLY C 318 -43.10 43.32 20.32
N MET C 319 -43.85 42.73 19.42
CA MET C 319 -43.62 43.03 18.02
C MET C 319 -44.59 44.05 17.43
N LEU C 320 -45.37 44.70 18.28
CA LEU C 320 -46.20 45.81 17.80
C LEU C 320 -45.63 47.14 18.26
N ILE C 321 -46.31 48.20 17.85
CA ILE C 321 -46.00 49.56 18.26
C ILE C 321 -47.32 50.34 18.40
N VAL C 322 -47.77 50.50 19.63
CA VAL C 322 -48.97 51.29 19.88
C VAL C 322 -48.72 52.75 20.24
N PRO C 323 -49.58 53.63 19.75
CA PRO C 323 -49.75 54.95 20.35
C PRO C 323 -50.24 54.81 21.78
N ALA C 324 -49.72 55.64 22.68
CA ALA C 324 -50.14 55.61 24.07
C ALA C 324 -49.96 56.97 24.74
N VAL C 325 -50.55 57.11 25.93
CA VAL C 325 -50.43 58.32 26.74
C VAL C 325 -49.56 58.06 27.96
N ALA C 326 -48.53 58.90 28.13
CA ALA C 326 -47.56 58.71 29.19
C ALA C 326 -47.82 59.66 30.34
N VAL C 327 -47.65 59.18 31.57
CA VAL C 327 -47.54 60.06 32.73
C VAL C 327 -46.44 59.56 33.65
N PRO C 328 -45.51 60.44 34.00
CA PRO C 328 -44.43 59.97 34.84
C PRO C 328 -44.87 60.08 36.28
N PHE C 329 -44.23 59.30 37.15
CA PHE C 329 -44.35 59.49 38.58
C PHE C 329 -43.22 58.78 39.31
N LYS C 330 -42.95 59.21 40.53
CA LYS C 330 -42.01 58.51 41.39
C LYS C 330 -42.75 57.96 42.60
N LYS C 331 -42.17 56.96 43.23
CA LYS C 331 -42.75 56.36 44.43
C LYS C 331 -42.03 56.88 45.67
N VAL C 332 -42.73 57.74 46.40
CA VAL C 332 -42.20 58.34 47.61
C VAL C 332 -42.91 57.77 48.82
N THR C 333 -42.14 57.17 49.72
CA THR C 333 -42.71 56.66 50.95
C THR C 333 -42.77 57.78 51.96
N PHE C 334 -43.91 57.91 52.65
CA PHE C 334 -44.09 58.98 53.62
C PHE C 334 -44.02 58.48 55.05
N GLY C 335 -43.42 57.30 55.23
CA GLY C 335 -43.21 56.75 56.55
C GLY C 335 -44.28 55.73 56.87
N LYS C 336 -45.48 55.97 56.36
CA LYS C 336 -46.54 55.00 56.49
C LYS C 336 -46.96 54.51 55.10
N THR C 337 -47.61 55.39 54.36
CA THR C 337 -48.13 55.05 53.05
C THR C 337 -47.12 55.44 51.97
N GLU C 338 -46.77 54.49 51.12
CA GLU C 338 -46.00 54.82 49.92
C GLU C 338 -46.97 55.54 49.01
N GLU C 339 -46.51 56.57 48.33
CA GLU C 339 -47.39 57.33 47.47
C GLU C 339 -46.86 57.40 46.06
N ASN C 340 -47.76 57.56 45.10
CA ASN C 340 -47.32 57.79 43.75
C ASN C 340 -47.38 59.29 43.50
N ILE C 341 -46.22 59.91 43.35
CA ILE C 341 -46.15 61.35 43.18
C ILE C 341 -45.80 61.69 41.73
N ILE C 342 -46.66 62.47 41.10
CA ILE C 342 -46.53 62.75 39.66
C ILE C 342 -45.46 63.78 39.39
N LEU C 343 -44.57 63.48 38.43
CA LEU C 343 -43.49 64.39 38.05
C LEU C 343 -43.88 65.18 36.82
N ASN C 344 -43.88 66.52 36.91
CA ASN C 344 -44.28 67.30 35.74
C ASN C 344 -43.24 67.30 34.65
N GLU C 345 -42.11 66.67 34.92
CA GLU C 345 -41.06 66.54 33.92
C GLU C 345 -40.09 65.43 34.32
N VAL C 346 -39.52 64.76 33.31
CA VAL C 346 -38.38 63.87 33.48
C VAL C 346 -37.45 64.07 32.29
N ILE C 347 -36.17 63.79 32.47
CA ILE C 347 -35.19 64.07 31.44
C ILE C 347 -34.00 63.13 31.52
N SER C 348 -33.01 63.36 30.67
CA SER C 348 -31.80 62.55 30.63
C SER C 348 -31.36 62.07 31.99
N GLY C 349 -31.02 60.80 32.08
CA GLY C 349 -30.45 60.24 33.29
C GLY C 349 -31.48 59.66 34.25
N ASN C 350 -32.70 60.18 34.18
CA ASN C 350 -33.73 59.78 35.14
C ASN C 350 -34.17 58.33 35.06
N GLU C 351 -34.42 57.73 36.22
CA GLU C 351 -35.03 56.41 36.29
C GLU C 351 -36.30 56.46 37.12
N CMH C 352 -37.44 56.54 36.45
CA CMH C 352 -38.69 56.74 37.17
C CMH C 352 -39.75 55.71 36.83
O CMH C 352 -39.43 54.57 36.49
CB CMH C 352 -39.20 58.16 36.94
SG CMH C 352 -38.06 59.45 37.53
CM CMH C 352 -36.33 58.30 41.47
HG CMH C 352 -37.24 58.79 39.65
N TYR C 353 -41.00 56.10 36.95
CA TYR C 353 -42.07 55.25 36.47
C TYR C 353 -42.84 56.05 35.44
N CMH C 354 -43.42 55.33 34.49
CA CMH C 354 -44.38 55.91 33.59
C CMH C 354 -45.60 55.00 33.60
O CMH C 354 -45.47 53.77 33.56
CB CMH C 354 -43.81 55.99 32.17
SG CMH C 354 -43.20 57.56 31.58
CM CMH C 354 -39.49 58.19 33.94
HG CMH C 354 -41.18 57.71 32.77
N ALA C 355 -46.77 55.60 33.71
CA ALA C 355 -48.00 54.87 33.52
C ALA C 355 -48.41 55.13 32.07
N PHE C 356 -48.67 54.04 31.36
CA PHE C 356 -49.07 54.12 29.98
C PHE C 356 -50.50 53.65 29.85
N GLU C 357 -51.19 54.28 28.92
CA GLU C 357 -52.52 53.89 28.56
C GLU C 357 -52.47 53.81 27.03
N LEU C 358 -52.54 52.59 26.50
CA LEU C 358 -52.34 52.35 25.07
C LEU C 358 -53.64 52.62 24.31
N GLU C 359 -53.52 53.24 23.14
CA GLU C 359 -54.70 53.55 22.33
C GLU C 359 -55.33 52.24 21.85
N GLU C 360 -54.47 51.25 21.63
CA GLU C 360 -54.90 49.94 21.17
C GLU C 360 -54.33 48.81 22.03
N LYS C 361 -55.15 47.80 22.30
CA LYS C 361 -54.73 46.69 23.15
C LYS C 361 -53.45 46.03 22.67
N VAL C 362 -52.86 45.20 23.52
CA VAL C 362 -51.57 44.63 23.21
C VAL C 362 -51.26 43.38 24.05
N LEU C 363 -50.42 42.52 23.47
CA LEU C 363 -50.04 41.27 24.09
C LEU C 363 -48.72 41.44 24.80
N ALA C 364 -48.72 41.14 26.10
CA ALA C 364 -47.54 41.33 26.92
C ALA C 364 -47.65 40.60 28.23
N GLU C 365 -46.52 40.47 28.90
CA GLU C 365 -46.43 39.77 30.17
C GLU C 365 -45.69 40.72 31.08
N VAL C 366 -45.93 40.60 32.38
CA VAL C 366 -45.16 41.34 33.36
C VAL C 366 -43.67 41.02 33.22
N GLY C 367 -42.85 42.06 33.11
CA GLY C 367 -41.42 41.85 33.04
C GLY C 367 -40.88 42.01 31.63
N ASP C 368 -41.81 42.07 30.67
CA ASP C 368 -41.45 42.26 29.27
C ASP C 368 -40.87 43.66 29.12
N ARG C 369 -39.78 43.76 28.38
CA ARG C 369 -39.18 45.06 28.11
C ARG C 369 -40.06 45.89 27.18
N VAL C 370 -39.78 47.19 27.13
CA VAL C 370 -40.60 48.15 26.42
C VAL C 370 -39.67 49.24 25.91
N LEU C 371 -39.99 49.83 24.76
CA LEU C 371 -39.25 50.98 24.26
C LEU C 371 -40.20 52.14 24.00
N ILE C 372 -39.73 53.35 24.23
CA ILE C 372 -40.60 54.51 24.06
C ILE C 372 -40.00 55.49 23.08
N THR C 373 -40.85 56.16 22.33
CA THR C 373 -40.37 56.98 21.27
C THR C 373 -41.25 58.18 21.09
N ARG C 374 -40.60 59.32 20.95
CA ARG C 374 -41.32 60.54 20.66
C ARG C 374 -41.21 60.68 19.16
N LEU C 375 -42.36 60.75 18.50
CA LEU C 375 -42.33 60.86 17.06
C LEU C 375 -42.57 62.31 16.66
N ASP C 376 -42.88 63.12 17.66
CA ASP C 376 -43.15 64.54 17.45
C ASP C 376 -41.86 65.32 17.24
N LEU C 377 -40.76 64.82 17.81
CA LEU C 377 -39.46 65.46 17.70
C LEU C 377 -38.90 65.41 16.28
N PRO C 378 -38.09 66.41 15.91
CA PRO C 378 -37.41 66.51 14.62
C PRO C 378 -36.61 65.25 14.32
N PRO C 379 -36.68 64.76 13.08
CA PRO C 379 -36.29 63.42 12.65
C PRO C 379 -34.79 63.18 12.70
N THR C 380 -34.01 64.23 12.90
CA THR C 380 -32.57 64.10 13.01
C THR C 380 -32.13 63.73 14.42
N THR C 381 -32.84 64.25 15.42
CA THR C 381 -32.52 63.98 16.81
C THR C 381 -32.85 62.56 17.18
N LEU C 382 -32.17 62.02 18.17
CA LEU C 382 -32.51 60.72 18.69
C LEU C 382 -33.91 60.76 19.31
N ARG C 383 -34.81 59.90 18.86
CA ARG C 383 -36.19 60.00 19.34
C ARG C 383 -36.60 58.84 20.24
N ILE C 384 -35.62 58.05 20.66
CA ILE C 384 -35.84 56.93 21.55
C ILE C 384 -35.39 57.34 22.94
N CMH C 385 -36.34 57.77 23.77
CA CMH C 385 -36.00 58.24 25.09
C CMH C 385 -36.06 57.13 26.10
O CMH C 385 -35.06 56.46 26.35
CB CMH C 385 -36.92 59.37 25.52
SG CMH C 385 -38.62 59.23 25.06
CM CMH C 385 -40.14 58.05 29.04
HG CMH C 385 -39.47 58.58 27.13
N GLY C 386 -37.24 56.93 26.67
CA GLY C 386 -37.42 55.84 27.61
C GLY C 386 -37.23 54.39 27.13
N HIS C 387 -36.83 53.55 28.07
CA HIS C 387 -36.75 52.11 27.88
C HIS C 387 -36.95 51.50 29.27
N GLY C 388 -37.37 50.24 29.35
CA GLY C 388 -37.62 49.64 30.66
C GLY C 388 -38.65 48.52 30.72
N LEU C 389 -38.79 47.94 31.90
CA LEU C 389 -39.57 46.73 32.10
C LEU C 389 -40.98 46.98 32.61
N ILE C 390 -41.93 46.16 32.16
CA ILE C 390 -43.29 46.22 32.65
C ILE C 390 -43.38 45.70 34.08
N GLU C 391 -44.19 46.34 34.91
CA GLU C 391 -44.18 46.01 36.32
C GLU C 391 -45.55 45.56 36.78
N GLU C 392 -46.57 46.24 36.32
CA GLU C 392 -47.95 45.84 36.58
C GLU C 392 -48.78 46.35 35.43
N PHE C 393 -49.99 45.82 35.32
CA PHE C 393 -50.93 46.30 34.35
C PHE C 393 -52.05 47.00 35.13
N LYS C 394 -52.04 48.33 35.12
CA LYS C 394 -52.94 49.10 35.98
C LYS C 394 -53.29 50.43 35.35
N PRO C 395 -54.57 50.83 35.47
CA PRO C 395 -55.06 52.09 34.92
C PRO C 395 -54.41 53.23 35.66
N ILE C 396 -54.35 54.42 35.05
CA ILE C 396 -53.82 55.55 35.80
C ILE C 396 -54.66 55.71 37.05
N LYS C 397 -55.98 55.64 36.87
CA LYS C 397 -56.94 55.81 37.96
C LYS C 397 -56.63 54.96 39.19
N ASP C 398 -56.13 53.75 38.96
CA ASP C 398 -55.95 52.78 40.03
C ASP C 398 -54.72 53.05 40.86
N LEU C 399 -53.89 53.97 40.40
CA LEU C 399 -52.61 54.22 41.04
C LEU C 399 -52.66 55.24 42.17
N ASN C 400 -53.75 55.99 42.25
CA ASN C 400 -53.89 57.10 43.20
C ASN C 400 -52.71 58.06 43.13
N ILE C 401 -52.47 58.58 41.94
CA ILE C 401 -51.42 59.55 41.74
C ILE C 401 -51.79 60.88 42.38
N LYS C 402 -50.85 61.46 43.12
CA LYS C 402 -51.09 62.70 43.83
C LYS C 402 -50.00 63.72 43.52
N LYS C 403 -50.40 65.00 43.48
CA LYS C 403 -49.47 66.10 43.25
C LYS C 403 -49.13 66.78 44.57
N GLU C 404 -47.96 67.41 44.63
CA GLU C 404 -47.54 68.14 45.82
C GLU C 404 -47.81 69.61 45.63
N VAL C 405 -48.81 70.13 46.35
CA VAL C 405 -49.19 71.53 46.23
C VAL C 405 -48.77 72.34 47.45
N LEU C 406 -48.13 73.47 47.19
CA LEU C 406 -47.74 74.38 48.27
C LEU C 406 -48.41 75.74 48.09
N ARG C 407 -49.10 76.19 49.14
CA ARG C 407 -49.66 77.54 49.16
C ARG C 407 -48.98 78.34 50.27
N GLU C 408 -49.06 79.66 50.16
CA GLU C 408 -48.40 80.53 51.13
C GLU C 408 -49.43 81.34 51.92
N GLY C 409 -49.40 81.18 53.23
CA GLY C 409 -50.23 81.97 54.11
C GLY C 409 -49.43 83.12 54.70
N LYS C 410 -50.10 84.23 54.97
CA LYS C 410 -49.46 85.37 55.62
C LYS C 410 -50.18 85.72 56.92
N VAL C 411 -49.44 85.70 58.02
CA VAL C 411 -50.04 86.00 59.31
C VAL C 411 -50.41 87.49 59.41
N LYS C 412 -51.71 87.75 59.48
CA LYS C 412 -52.17 89.10 59.70
C LYS C 412 -53.00 89.16 60.97
N ILE C 413 -52.55 89.98 61.91
CA ILE C 413 -53.31 90.24 63.12
C ILE C 413 -54.43 91.21 62.79
N ASP C 414 -55.66 90.77 63.04
CA ASP C 414 -56.86 91.54 62.65
C ASP C 414 -57.85 91.58 63.81
N LYS C 415 -58.34 92.78 64.11
CA LYS C 415 -59.22 93.04 65.26
C LYS C 415 -58.81 92.29 66.54
N GLY C 416 -57.51 92.21 66.78
CA GLY C 416 -57.00 91.56 67.98
C GLY C 416 -56.66 90.09 67.75
N ARG C 417 -57.31 89.49 66.76
CA ARG C 417 -57.06 88.09 66.43
C ARG C 417 -55.85 87.96 65.52
N THR C 418 -55.09 86.89 65.68
CA THR C 418 -54.09 86.55 64.69
C THR C 418 -54.76 85.70 63.61
N VAL C 419 -54.74 86.19 62.38
CA VAL C 419 -55.52 85.57 61.32
C VAL C 419 -54.70 85.32 60.05
N ILE C 420 -54.80 84.10 59.52
CA ILE C 420 -54.00 83.70 58.36
C ILE C 420 -54.67 84.01 57.04
N ASP C 421 -53.97 84.76 56.22
CA ASP C 421 -54.49 85.20 54.94
C ASP C 421 -53.60 84.70 53.82
N GLY C 422 -54.18 84.46 52.66
CA GLY C 422 -53.42 84.05 51.49
C GLY C 422 -53.66 82.61 51.10
N LEU C 423 -54.33 81.85 51.96
CA LEU C 423 -54.62 80.46 51.65
C LEU C 423 -55.91 80.35 50.84
N ALA C 424 -56.87 81.23 51.14
CA ALA C 424 -58.17 81.21 50.46
C ALA C 424 -58.65 82.62 50.14
N GLN C 425 -59.38 82.75 49.03
CA GLN C 425 -59.92 84.03 48.62
C GLN C 425 -61.39 84.13 48.99
N SER C 426 -61.95 83.02 49.46
CA SER C 426 -63.37 82.96 49.80
C SER C 426 -63.64 82.09 51.02
N LYS C 427 -64.80 82.31 51.64
CA LYS C 427 -65.22 81.59 52.83
C LYS C 427 -65.43 80.11 52.55
N VAL C 428 -66.20 79.82 51.49
CA VAL C 428 -66.47 78.45 51.10
C VAL C 428 -65.16 77.74 50.79
N ALA C 429 -64.22 78.45 50.19
CA ALA C 429 -62.90 77.90 49.91
C ALA C 429 -62.15 77.63 51.22
N ALA C 430 -62.40 78.48 52.21
CA ALA C 430 -61.72 78.39 53.50
C ALA C 430 -62.22 77.21 54.31
N GLU C 431 -63.52 76.96 54.24
CA GLU C 431 -64.13 75.87 54.98
C GLU C 431 -63.53 74.52 54.62
N LYS C 432 -63.06 74.38 53.39
CA LYS C 432 -62.44 73.12 52.98
C LYS C 432 -61.07 73.00 53.62
N LEU C 433 -60.40 74.14 53.78
CA LEU C 433 -59.03 74.14 54.28
C LEU C 433 -58.92 73.73 55.75
N ILE C 434 -60.06 73.77 56.45
CA ILE C 434 -60.09 73.47 57.87
C ILE C 434 -59.57 72.06 58.17
N GLY C 435 -58.96 71.89 59.33
CA GLY C 435 -58.42 70.61 59.73
C GLY C 435 -57.04 70.33 59.16
N GLU C 436 -56.58 71.20 58.27
CA GLU C 436 -55.25 71.01 57.66
C GLU C 436 -54.11 71.38 58.60
N GLU C 437 -52.87 71.13 58.18
CA GLU C 437 -51.69 71.44 58.99
C GLU C 437 -50.78 72.42 58.26
N ILE C 438 -50.02 73.20 59.02
CA ILE C 438 -49.23 74.28 58.44
C ILE C 438 -47.88 74.42 59.12
N SER C 439 -47.08 75.37 58.62
CA SER C 439 -45.75 75.64 59.17
C SER C 439 -45.38 77.07 58.81
N ILE C 440 -44.22 77.52 59.29
CA ILE C 440 -43.77 78.89 59.04
C ILE C 440 -42.32 78.94 58.53
N GLU C 441 -42.07 79.87 57.61
CA GLU C 441 -40.77 79.99 56.95
C GLU C 441 -39.69 80.58 57.85
N GLY C 442 -38.56 79.89 57.95
CA GLY C 442 -37.42 80.41 58.69
C GLY C 442 -37.49 80.17 60.20
N LYS C 443 -38.71 80.14 60.72
CA LYS C 443 -38.93 79.77 62.12
C LYS C 443 -39.47 78.33 62.16
N ASP C 444 -39.08 77.60 63.20
CA ASP C 444 -39.60 76.25 63.37
C ASP C 444 -40.87 76.29 64.19
N ILE C 445 -42.01 76.30 63.50
CA ILE C 445 -43.31 76.38 64.14
C ILE C 445 -44.27 75.47 63.39
N VAL C 446 -45.17 74.83 64.11
CA VAL C 446 -46.22 74.05 63.48
C VAL C 446 -47.58 74.68 63.79
N GLY C 447 -48.63 74.18 63.16
CA GLY C 447 -49.97 74.65 63.43
C GLY C 447 -51.05 73.80 62.79
N LYS C 448 -52.28 73.95 63.27
CA LYS C 448 -53.42 73.28 62.64
C LYS C 448 -54.60 74.25 62.51
N ILE C 449 -54.90 74.64 61.28
CA ILE C 449 -55.94 75.64 61.01
C ILE C 449 -57.35 75.22 61.46
N LYS C 450 -58.09 76.14 62.06
CA LYS C 450 -59.41 75.82 62.62
C LYS C 450 -60.54 76.78 62.26
N GLY C 451 -60.43 78.04 62.68
CA GLY C 451 -61.53 78.97 62.51
C GLY C 451 -61.66 79.57 61.12
N THR C 452 -62.51 80.59 61.01
CA THR C 452 -62.70 81.33 59.77
C THR C 452 -63.47 82.63 60.00
N PHE C 453 -63.01 83.71 59.37
CA PHE C 453 -63.86 84.87 59.15
C PHE C 453 -64.02 85.07 57.65
N GLY C 454 -65.16 84.66 57.13
CA GLY C 454 -65.30 84.50 55.70
C GLY C 454 -65.90 85.63 54.89
N THR C 455 -65.64 86.87 55.30
CA THR C 455 -66.05 87.98 54.44
C THR C 455 -65.26 87.89 53.15
N LYS C 456 -63.94 87.98 53.25
CA LYS C 456 -63.07 87.86 52.08
C LYS C 456 -62.26 86.56 52.09
N GLY C 457 -62.65 85.64 52.97
CA GLY C 457 -62.06 84.31 52.99
C GLY C 457 -60.76 84.20 53.78
N LEU C 458 -60.74 84.80 54.96
CA LEU C 458 -59.59 84.67 55.84
C LEU C 458 -59.91 83.55 56.84
N LEU C 459 -58.87 82.86 57.29
CA LEU C 459 -59.08 81.76 58.22
C LEU C 459 -58.15 81.89 59.42
N THR C 460 -58.50 81.20 60.51
CA THR C 460 -57.76 81.31 61.75
C THR C 460 -57.19 79.97 62.15
N ALA C 461 -56.08 80.00 62.88
CA ALA C 461 -55.38 78.77 63.20
C ALA C 461 -54.84 78.76 64.61
N GLU C 462 -54.38 77.58 65.03
CA GLU C 462 -53.78 77.40 66.34
C GLU C 462 -52.33 76.95 66.20
N PHE C 463 -51.39 77.75 66.71
CA PHE C 463 -49.97 77.42 66.63
C PHE C 463 -49.40 76.93 67.95
N SER C 464 -48.35 76.14 67.86
CA SER C 464 -47.48 75.89 69.01
C SER C 464 -46.29 76.81 68.83
N GLY C 465 -46.36 77.96 69.48
CA GLY C 465 -45.34 78.98 69.34
C GLY C 465 -46.00 80.36 69.24
N ASN C 466 -45.22 81.37 68.96
CA ASN C 466 -45.76 82.72 68.79
C ASN C 466 -45.52 83.23 67.37
N VAL C 467 -46.58 83.65 66.71
CA VAL C 467 -46.44 84.10 65.32
C VAL C 467 -46.63 85.61 65.17
N GLU C 468 -45.62 86.25 64.60
CA GLU C 468 -45.64 87.69 64.42
C GLU C 468 -46.40 88.03 63.14
N ASN C 469 -46.95 89.23 63.08
CA ASN C 469 -47.63 89.71 61.89
C ASN C 469 -46.69 89.66 60.68
N ARG C 470 -47.26 89.44 59.50
CA ARG C 470 -46.51 89.37 58.24
C ARG C 470 -45.56 88.16 58.13
N ASP C 471 -45.67 87.23 59.07
CA ASP C 471 -44.95 85.95 58.94
C ASP C 471 -45.58 85.18 57.80
N LYS C 472 -44.81 84.26 57.21
CA LYS C 472 -45.35 83.47 56.11
C LYS C 472 -45.63 82.00 56.49
N VAL C 473 -46.85 81.57 56.18
CA VAL C 473 -47.29 80.22 56.48
C VAL C 473 -47.22 79.36 55.22
N ILE C 474 -46.74 78.12 55.34
CA ILE C 474 -46.66 77.24 54.19
C ILE C 474 -47.53 76.00 54.33
N LEU C 475 -48.61 75.99 53.54
CA LEU C 475 -49.54 74.86 53.49
C LEU C 475 -49.04 73.86 52.48
N ASN C 476 -48.64 72.70 52.98
CA ASN C 476 -48.10 71.65 52.14
C ASN C 476 -49.02 70.46 52.21
N ARG C 477 -49.50 70.01 51.06
CA ARG C 477 -50.47 68.93 51.01
C ARG C 477 -50.50 68.21 49.67
N LEU C 478 -50.98 66.97 49.68
CA LEU C 478 -51.04 66.14 48.48
C LEU C 478 -52.47 66.00 48.00
N ARG C 479 -52.80 66.70 46.91
CA ARG C 479 -54.12 66.58 46.29
C ARG C 479 -54.09 65.62 45.09
N ARG C 480 -55.21 64.95 44.84
CA ARG C 480 -55.33 64.03 43.71
C ARG C 480 -55.03 64.73 42.39
N TRP C 481 -54.46 64.00 41.45
CA TRP C 481 -54.02 64.55 40.18
C TRP C 481 -54.90 64.05 39.03
N GLY C 482 -55.19 64.91 38.07
CA GLY C 482 -55.98 64.53 36.92
C GLY C 482 -57.47 64.82 37.04
N ASP D 16 38.85 -42.91 31.30
CA ASP D 16 37.41 -42.77 31.44
C ASP D 16 36.85 -41.67 30.54
N PHE D 17 36.09 -42.06 29.53
CA PHE D 17 35.48 -41.10 28.60
C PHE D 17 33.96 -41.22 28.58
N LYS D 18 33.29 -40.12 28.31
CA LYS D 18 31.84 -40.11 28.15
C LYS D 18 31.48 -40.65 26.78
N ASN D 19 30.21 -41.03 26.60
CA ASN D 19 29.72 -41.45 25.29
C ASN D 19 28.52 -40.63 24.85
N ILE D 20 28.75 -39.73 23.88
CA ILE D 20 27.70 -38.87 23.37
C ILE D 20 27.64 -38.86 21.84
N ASN D 21 26.45 -38.58 21.30
CA ASN D 21 26.27 -38.50 19.85
C ASN D 21 26.09 -37.04 19.41
N LEU D 22 26.52 -36.75 18.19
CA LEU D 22 26.49 -35.38 17.70
C LEU D 22 25.88 -35.27 16.30
N GLY D 23 24.80 -34.50 16.19
CA GLY D 23 24.13 -34.27 14.92
C GLY D 23 24.54 -32.95 14.28
N ILE D 24 24.48 -32.89 12.95
CA ILE D 24 24.83 -31.68 12.22
C ILE D 24 23.73 -31.31 11.23
N PHE D 25 23.43 -30.01 11.11
CA PHE D 25 22.35 -29.55 10.24
C PHE D 25 22.78 -28.45 9.27
N GLY D 26 22.01 -28.29 8.21
CA GLY D 26 22.33 -27.35 7.15
C GLY D 26 23.16 -28.03 6.07
N HIS D 27 22.86 -27.71 4.81
CA HIS D 27 23.56 -28.33 3.68
C HIS D 27 23.96 -27.31 2.62
N ILE D 28 25.25 -27.00 2.60
CA ILE D 28 25.85 -26.10 1.61
C ILE D 28 27.23 -26.66 1.27
N ASP D 29 27.59 -26.70 -0.01
CA ASP D 29 28.79 -27.41 -0.46
C ASP D 29 30.09 -26.98 0.22
N HIS D 30 30.21 -25.69 0.54
CA HIS D 30 31.38 -25.25 1.30
C HIS D 30 31.21 -25.55 2.79
N GLY D 31 30.00 -25.36 3.30
CA GLY D 31 29.72 -25.60 4.70
C GLY D 31 29.71 -27.06 5.11
N LYS D 32 29.21 -27.92 4.23
CA LYS D 32 29.12 -29.35 4.51
C LYS D 32 30.49 -30.02 4.54
N THR D 33 31.39 -29.57 3.68
CA THR D 33 32.73 -30.16 3.60
C THR D 33 33.64 -29.52 4.65
N THR D 34 33.32 -28.29 5.05
CA THR D 34 34.12 -27.57 6.04
C THR D 34 33.96 -28.11 7.45
N LEU D 35 32.73 -28.21 7.94
CA LEU D 35 32.50 -28.56 9.34
C LEU D 35 33.01 -29.96 9.68
N SER D 36 32.73 -30.93 8.81
CA SER D 36 33.25 -32.27 9.00
C SER D 36 34.78 -32.27 8.95
N LYS D 37 35.34 -31.34 8.18
CA LYS D 37 36.78 -31.17 8.10
C LYS D 37 37.30 -30.35 9.29
N VAL D 38 36.54 -29.33 9.67
CA VAL D 38 36.84 -28.52 10.83
C VAL D 38 36.72 -29.33 12.13
N LEU D 39 35.79 -30.29 12.14
CA LEU D 39 35.55 -31.11 13.33
C LEU D 39 36.60 -32.19 13.58
N THR D 40 37.26 -32.66 12.53
CA THR D 40 38.40 -33.55 12.71
C THR D 40 39.52 -32.76 13.37
N GLU D 41 39.50 -31.45 13.16
CA GLU D 41 40.54 -30.56 13.67
C GLU D 41 40.19 -29.89 15.01
N ILE D 42 38.95 -29.45 15.19
CA ILE D 42 38.57 -28.83 16.47
C ILE D 42 38.63 -29.84 17.61
N ALA D 43 38.40 -31.11 17.29
CA ALA D 43 38.67 -32.20 18.22
C ALA D 43 39.93 -32.91 17.79
N SER D 44 41.06 -32.46 18.29
CA SER D 44 42.35 -33.02 17.89
C SER D 44 42.87 -34.05 18.89
N THR D 45 42.23 -34.15 20.05
CA THR D 45 42.61 -35.14 21.06
C THR D 45 42.69 -36.54 20.43
N SER D 46 41.68 -36.87 19.64
CA SER D 46 41.72 -38.04 18.77
C SER D 46 40.58 -38.01 17.75
N ALA D 47 40.90 -38.33 16.50
CA ALA D 47 39.90 -38.51 15.47
C ALA D 47 39.95 -39.96 15.04
N HIS D 48 38.94 -40.73 15.43
CA HIS D 48 38.94 -42.17 15.15
C HIS D 48 38.50 -42.45 13.72
N ASP D 49 39.45 -42.79 12.87
CA ASP D 49 39.16 -43.18 11.50
C ASP D 49 38.48 -44.55 11.44
N LYS D 50 37.57 -44.70 10.49
CA LYS D 50 36.99 -46.00 10.19
C LYS D 50 38.03 -46.87 9.52
N LEU D 51 38.60 -47.79 10.28
CA LEU D 51 39.58 -48.70 9.69
C LEU D 51 39.45 -50.16 10.14
N PRO D 52 38.25 -50.75 10.05
CA PRO D 52 38.31 -52.20 9.98
C PRO D 52 38.50 -52.57 8.52
N GLU D 53 39.18 -53.68 8.25
CA GLU D 53 39.22 -54.18 6.90
C GLU D 53 38.13 -55.23 6.82
N SER D 54 38.10 -56.01 5.75
CA SER D 54 37.17 -57.12 5.67
C SER D 54 37.70 -58.29 6.49
N GLN D 55 38.79 -58.06 7.22
CA GLN D 55 39.45 -59.12 7.97
C GLN D 55 38.96 -59.23 9.41
N LYS D 56 38.41 -58.14 9.94
CA LYS D 56 38.01 -58.06 11.35
C LYS D 56 37.10 -59.21 11.75
N ARG D 57 35.80 -59.04 11.57
CA ARG D 57 34.90 -60.18 11.63
C ARG D 57 34.40 -60.38 10.22
N GLY D 58 34.98 -59.57 9.35
CA GLY D 58 34.49 -59.44 8.00
C GLY D 58 33.54 -58.27 7.86
N ILE D 59 33.15 -57.69 8.99
CA ILE D 59 32.12 -56.68 9.04
C ILE D 59 32.66 -55.29 9.15
N THR D 60 32.23 -54.49 8.19
CA THR D 60 32.65 -53.13 8.08
C THR D 60 31.48 -52.19 8.40
N ILE D 61 30.49 -52.60 9.21
CA ILE D 61 29.23 -51.78 9.33
C ILE D 61 29.44 -50.31 9.47
N ASP D 62 28.56 -49.58 8.82
CA ASP D 62 28.52 -48.13 8.91
C ASP D 62 27.59 -47.70 10.03
N ILE D 63 28.16 -47.19 11.12
CA ILE D 63 27.37 -46.72 12.26
C ILE D 63 27.18 -45.21 12.20
N GLY D 64 27.98 -44.57 11.38
CA GLY D 64 27.94 -43.13 11.27
C GLY D 64 29.14 -42.60 10.51
N PHE D 65 29.14 -41.30 10.29
CA PHE D 65 30.16 -40.65 9.48
C PHE D 65 31.54 -40.68 10.14
N SER D 66 31.75 -39.81 11.12
CA SER D 66 33.04 -39.68 11.79
C SER D 66 32.99 -40.15 13.24
N ALA D 67 34.16 -40.47 13.78
CA ALA D 67 34.28 -40.71 15.20
C ALA D 67 35.49 -39.91 15.68
N PHE D 68 35.26 -38.98 16.59
CA PHE D 68 36.35 -38.16 17.11
C PHE D 68 36.24 -38.02 18.62
N LYS D 69 37.29 -37.48 19.23
CA LYS D 69 37.30 -37.31 20.68
C LYS D 69 37.61 -35.87 21.09
N LEU D 70 36.66 -35.28 21.82
CA LEU D 70 36.82 -33.94 22.37
C LEU D 70 37.04 -34.04 23.88
N GLU D 71 38.28 -33.83 24.31
CA GLU D 71 38.64 -33.97 25.72
C GLU D 71 38.22 -35.33 26.30
N ASN D 72 37.24 -35.32 27.18
CA ASN D 72 36.76 -36.55 27.81
C ASN D 72 35.51 -37.13 27.13
N TYR D 73 35.21 -36.63 25.94
CA TYR D 73 34.04 -37.09 25.21
C TYR D 73 34.40 -37.93 24.00
N ARG D 74 33.80 -39.12 23.93
CA ARG D 74 33.83 -39.95 22.72
C ARG D 74 32.63 -39.59 21.88
N ILE D 75 32.87 -38.92 20.76
CA ILE D 75 31.78 -38.35 19.98
C ILE D 75 31.61 -39.04 18.62
N THR D 76 30.52 -39.79 18.50
CA THR D 76 30.16 -40.44 17.26
C THR D 76 29.22 -39.52 16.47
N LEU D 77 29.57 -39.24 15.22
CA LEU D 77 28.81 -38.30 14.40
C LEU D 77 27.63 -38.97 13.71
N VAL D 78 26.42 -38.61 14.13
CA VAL D 78 25.21 -39.17 13.54
C VAL D 78 24.35 -38.07 12.98
N ASP D 79 23.87 -38.27 11.76
CA ASP D 79 23.22 -37.19 11.04
C ASP D 79 21.74 -37.03 11.33
N ALA D 80 21.25 -35.85 11.01
CA ALA D 80 19.83 -35.52 10.94
C ALA D 80 18.79 -36.41 11.66
N PRO D 81 18.70 -36.27 13.01
CA PRO D 81 17.62 -36.82 13.83
C PRO D 81 16.36 -36.01 13.56
N GLY D 82 15.24 -36.65 13.21
CA GLY D 82 14.03 -35.91 12.90
C GLY D 82 13.64 -35.78 11.44
N HIS D 83 14.49 -36.26 10.53
CA HIS D 83 14.14 -36.23 9.11
C HIS D 83 13.16 -37.34 8.75
N ALA D 84 12.25 -37.07 7.82
CA ALA D 84 11.17 -38.00 7.51
C ALA D 84 11.04 -38.33 6.03
N ASP D 85 10.29 -39.40 5.74
CA ASP D 85 10.14 -39.89 4.38
C ASP D 85 8.85 -39.40 3.71
N LEU D 86 8.54 -39.99 2.56
CA LEU D 86 7.37 -39.62 1.77
C LEU D 86 6.06 -40.09 2.40
N ILE D 87 5.98 -41.37 2.73
CA ILE D 87 4.77 -41.93 3.35
C ILE D 87 4.56 -41.37 4.75
N ARG D 88 5.50 -40.54 5.20
CA ARG D 88 5.64 -40.08 6.59
C ARG D 88 5.68 -41.19 7.65
N ALA D 89 6.04 -42.40 7.23
CA ALA D 89 6.05 -43.54 8.14
C ALA D 89 7.33 -43.63 8.98
N VAL D 90 8.36 -42.84 8.62
CA VAL D 90 9.63 -42.88 9.35
C VAL D 90 10.03 -41.52 9.93
N VAL D 91 10.97 -41.57 10.86
CA VAL D 91 11.59 -40.38 11.46
C VAL D 91 12.71 -40.86 12.39
N SER D 92 13.78 -40.07 12.50
CA SER D 92 14.87 -40.42 13.40
C SER D 92 14.60 -39.84 14.78
N ALA D 93 14.28 -40.71 15.73
CA ALA D 93 14.02 -40.30 17.11
C ALA D 93 15.18 -39.47 17.65
N ALA D 94 14.85 -38.38 18.32
CA ALA D 94 15.88 -37.50 18.87
C ALA D 94 16.67 -38.20 19.98
N ASP D 95 16.13 -39.32 20.47
CA ASP D 95 16.76 -40.09 21.53
C ASP D 95 18.12 -40.66 21.14
N ILE D 96 18.44 -40.58 19.84
CA ILE D 96 19.72 -41.07 19.35
C ILE D 96 20.81 -40.00 19.51
N ILE D 97 20.41 -38.79 19.88
CA ILE D 97 21.33 -37.66 19.93
C ILE D 97 21.35 -36.97 21.30
N ASP D 98 22.47 -36.32 21.63
CA ASP D 98 22.59 -35.58 22.89
C ASP D 98 22.79 -34.10 22.62
N LEU D 99 23.85 -33.79 21.88
CA LEU D 99 24.14 -32.42 21.46
C LEU D 99 24.02 -32.30 19.94
N ALA D 100 23.37 -31.26 19.46
CA ALA D 100 23.20 -31.06 18.02
C ALA D 100 23.90 -29.79 17.53
N LEU D 101 24.29 -29.80 16.26
CA LEU D 101 24.89 -28.64 15.62
C LEU D 101 24.02 -28.17 14.48
N ILE D 102 23.87 -26.85 14.36
CA ILE D 102 23.09 -26.25 13.29
C ILE D 102 23.98 -25.27 12.52
N VAL D 103 24.35 -25.62 11.29
CA VAL D 103 25.19 -24.73 10.50
C VAL D 103 24.40 -23.97 9.44
N VAL D 104 24.78 -22.71 9.25
CA VAL D 104 24.06 -21.81 8.35
C VAL D 104 25.02 -20.82 7.70
N ASP D 105 24.94 -20.71 6.38
CA ASP D 105 25.81 -19.81 5.64
C ASP D 105 25.57 -18.37 6.05
N ALA D 106 26.64 -17.61 6.23
CA ALA D 106 26.53 -16.22 6.63
C ALA D 106 25.70 -15.44 5.63
N LYS D 107 26.12 -15.48 4.37
CA LYS D 107 25.42 -14.74 3.32
C LYS D 107 23.99 -15.22 3.11
N GLU D 108 23.83 -16.52 2.85
CA GLU D 108 22.53 -17.08 2.54
C GLU D 108 21.54 -17.05 3.70
N GLY D 109 21.99 -17.47 4.88
CA GLY D 109 21.11 -17.59 6.02
C GLY D 109 20.50 -18.98 6.09
N PRO D 110 19.75 -19.26 7.17
CA PRO D 110 19.18 -20.60 7.38
C PRO D 110 18.17 -20.92 6.30
N LYS D 111 17.92 -22.19 6.05
CA LYS D 111 16.89 -22.56 5.08
C LYS D 111 15.57 -22.88 5.75
N THR D 112 14.54 -23.08 4.95
CA THR D 112 13.17 -23.27 5.41
C THR D 112 13.05 -24.39 6.45
N GLN D 113 13.80 -25.46 6.23
CA GLN D 113 13.75 -26.62 7.12
C GLN D 113 14.50 -26.37 8.42
N THR D 114 15.46 -25.45 8.39
CA THR D 114 16.31 -25.19 9.55
C THR D 114 15.51 -24.81 10.79
N GLY D 115 14.51 -23.96 10.61
CA GLY D 115 13.64 -23.57 11.71
C GLY D 115 12.91 -24.78 12.27
N GLU D 116 12.29 -25.55 11.37
CA GLU D 116 11.51 -26.74 11.71
C GLU D 116 12.32 -27.76 12.53
N HIS D 117 13.62 -27.79 12.31
CA HIS D 117 14.49 -28.72 13.03
C HIS D 117 14.70 -28.31 14.48
N MET D 118 15.06 -27.06 14.68
CA MET D 118 15.44 -26.56 15.99
C MET D 118 14.29 -26.62 16.99
N LEU D 119 13.07 -26.68 16.49
CA LEU D 119 11.91 -26.83 17.35
C LEU D 119 11.79 -28.26 17.88
N ILE D 120 12.10 -29.22 17.04
CA ILE D 120 12.01 -30.63 17.43
C ILE D 120 13.08 -30.97 18.46
N LEU D 121 14.25 -30.38 18.31
CA LEU D 121 15.32 -30.52 19.29
C LEU D 121 14.92 -29.86 20.60
N ASP D 122 14.24 -28.73 20.50
CA ASP D 122 13.69 -28.02 21.64
C ASP D 122 12.69 -28.89 22.39
N HIS D 123 11.91 -29.67 21.65
CA HIS D 123 10.81 -30.44 22.21
C HIS D 123 11.25 -31.72 22.93
N PHE D 124 12.35 -32.31 22.50
CA PHE D 124 12.93 -33.46 23.21
C PHE D 124 13.98 -32.97 24.20
N ASN D 125 14.01 -31.65 24.42
CA ASN D 125 14.90 -31.01 25.38
C ASN D 125 16.39 -31.16 25.07
N ILE D 126 16.74 -31.00 23.79
CA ILE D 126 18.11 -31.18 23.33
C ILE D 126 18.83 -29.85 23.11
N PRO D 127 19.93 -29.63 23.86
CA PRO D 127 20.78 -28.44 23.73
C PRO D 127 21.40 -28.33 22.36
N ILE D 128 21.41 -27.13 21.78
CA ILE D 128 21.95 -26.95 20.44
C ILE D 128 23.01 -25.85 20.37
N ILE D 129 23.71 -25.82 19.24
CA ILE D 129 24.68 -24.79 18.94
C ILE D 129 24.50 -24.35 17.50
N VAL D 130 24.12 -23.10 17.30
CA VAL D 130 24.03 -22.56 15.95
C VAL D 130 25.40 -22.06 15.50
N VAL D 131 25.80 -22.50 14.31
CA VAL D 131 27.11 -22.19 13.76
C VAL D 131 26.92 -21.44 12.45
N ILE D 132 27.65 -20.35 12.27
CA ILE D 132 27.57 -19.59 11.02
C ILE D 132 28.83 -19.78 10.17
N THR D 133 28.65 -20.28 8.96
CA THR D 133 29.76 -20.70 8.11
C THR D 133 30.06 -19.69 7.01
N LYS D 134 31.29 -19.70 6.52
CA LYS D 134 31.76 -18.83 5.44
C LYS D 134 31.62 -17.36 5.84
N SER D 135 32.33 -16.96 6.88
CA SER D 135 32.26 -15.59 7.38
C SER D 135 33.40 -14.75 6.80
N ASP D 136 34.31 -15.41 6.11
CA ASP D 136 35.52 -14.76 5.60
C ASP D 136 35.29 -13.77 4.47
N ASN D 137 34.65 -14.23 3.40
CA ASN D 137 34.47 -13.40 2.20
C ASN D 137 33.17 -12.61 2.17
N ALA D 138 32.26 -12.91 3.10
CA ALA D 138 31.00 -12.18 3.19
C ALA D 138 31.15 -10.93 4.04
N GLY D 139 30.11 -10.11 4.06
CA GLY D 139 30.16 -8.84 4.75
C GLY D 139 30.02 -8.93 6.26
N THR D 140 30.30 -7.83 6.94
CA THR D 140 30.11 -7.75 8.39
C THR D 140 28.63 -7.69 8.69
N GLU D 141 27.92 -6.83 7.97
CA GLU D 141 26.50 -6.62 8.19
C GLU D 141 25.69 -7.81 7.67
N GLU D 142 26.33 -8.64 6.85
CA GLU D 142 25.67 -9.82 6.33
C GLU D 142 25.52 -10.84 7.44
N ILE D 143 26.50 -10.82 8.34
CA ILE D 143 26.55 -11.77 9.45
C ILE D 143 25.58 -11.33 10.55
N LYS D 144 25.53 -10.03 10.81
CA LYS D 144 24.61 -9.49 11.82
C LYS D 144 23.16 -9.71 11.41
N ARG D 145 22.89 -9.64 10.11
CA ARG D 145 21.57 -9.97 9.58
C ARG D 145 21.23 -11.41 9.91
N THR D 146 22.08 -12.32 9.44
CA THR D 146 21.89 -13.75 9.64
C THR D 146 21.81 -14.12 11.12
N GLU D 147 22.61 -13.44 11.93
CA GLU D 147 22.58 -13.67 13.38
C GLU D 147 21.26 -13.17 13.97
N MET D 148 20.70 -12.12 13.37
CA MET D 148 19.47 -11.53 13.87
C MET D 148 18.27 -12.41 13.54
N ILE D 149 18.20 -12.88 12.30
CA ILE D 149 17.13 -13.79 11.90
C ILE D 149 17.15 -14.99 12.84
N MET D 150 18.37 -15.47 13.13
CA MET D 150 18.55 -16.62 14.00
C MET D 150 18.13 -16.36 15.44
N LYS D 151 18.39 -15.16 15.94
CA LYS D 151 17.96 -14.83 17.28
C LYS D 151 16.44 -14.83 17.36
N SER D 152 15.80 -14.31 16.32
CA SER D 152 14.35 -14.29 16.27
C SER D 152 13.81 -15.72 16.21
N ILE D 153 14.51 -16.57 15.47
CA ILE D 153 14.14 -17.97 15.35
C ILE D 153 14.23 -18.70 16.70
N LEU D 154 15.21 -18.33 17.52
CA LEU D 154 15.39 -18.98 18.80
C LEU D 154 14.27 -18.56 19.75
N GLN D 155 13.82 -17.33 19.60
CA GLN D 155 12.89 -16.73 20.54
C GLN D 155 11.51 -17.37 20.50
N SER D 156 11.22 -18.04 19.38
CA SER D 156 9.90 -18.65 19.19
C SER D 156 9.79 -20.04 19.81
N THR D 157 10.81 -20.44 20.58
CA THR D 157 10.81 -21.76 21.19
C THR D 157 10.89 -21.64 22.71
N HIS D 158 10.65 -22.75 23.40
CA HIS D 158 10.64 -22.74 24.85
C HIS D 158 12.03 -22.93 25.47
N ASN D 159 12.54 -24.15 25.39
CA ASN D 159 13.80 -24.51 26.05
C ASN D 159 15.03 -23.83 25.44
N LEU D 160 15.04 -23.75 24.11
CA LEU D 160 16.14 -23.07 23.42
C LEU D 160 15.81 -21.60 23.28
N LYS D 161 16.55 -20.76 23.99
CA LYS D 161 16.27 -19.34 23.94
C LYS D 161 17.59 -18.62 23.74
N ASN D 162 18.42 -18.69 24.76
CA ASN D 162 19.70 -18.00 24.80
C ASN D 162 20.85 -18.84 24.27
N SER D 163 20.51 -19.98 23.65
CA SER D 163 21.54 -20.92 23.21
C SER D 163 22.52 -20.30 22.22
N SER D 164 23.69 -20.91 22.09
CA SER D 164 24.86 -20.26 21.53
C SER D 164 24.93 -20.18 20.01
N ILE D 165 25.34 -19.02 19.51
CA ILE D 165 25.55 -18.80 18.08
C ILE D 165 26.95 -18.24 17.83
N ILE D 166 27.70 -18.89 16.95
CA ILE D 166 29.06 -18.45 16.64
C ILE D 166 29.29 -18.30 15.14
N PRO D 167 29.94 -17.18 14.74
CA PRO D 167 30.49 -17.00 13.39
C PRO D 167 31.84 -17.72 13.25
N ILE D 168 32.06 -18.37 12.12
CA ILE D 168 33.25 -19.21 11.93
C ILE D 168 33.71 -19.23 10.46
N SER D 169 35.02 -19.23 10.26
CA SER D 169 35.59 -19.36 8.92
C SER D 169 36.58 -20.53 8.86
N ALA D 170 36.58 -21.27 7.76
CA ALA D 170 37.44 -22.43 7.60
C ALA D 170 38.85 -22.08 7.14
N LYS D 171 38.92 -21.16 6.17
CA LYS D 171 40.19 -20.76 5.58
C LYS D 171 41.05 -19.93 6.53
N THR D 172 40.41 -18.99 7.23
CA THR D 172 41.10 -18.19 8.23
C THR D 172 41.27 -18.98 9.52
N GLY D 173 40.18 -19.60 9.98
CA GLY D 173 40.19 -20.38 11.19
C GLY D 173 39.70 -19.59 12.38
N PHE D 174 39.21 -18.38 12.12
CA PHE D 174 38.77 -17.47 13.17
C PHE D 174 37.60 -18.02 13.99
N GLY D 175 37.71 -17.90 15.31
CA GLY D 175 36.64 -18.27 16.21
C GLY D 175 36.45 -19.77 16.41
N VAL D 176 37.39 -20.55 15.89
CA VAL D 176 37.33 -22.01 16.04
C VAL D 176 37.63 -22.42 17.48
N ASP D 177 38.46 -21.65 18.15
CA ASP D 177 38.83 -21.92 19.53
C ASP D 177 37.65 -21.76 20.47
N GLU D 178 36.85 -20.72 20.21
CA GLU D 178 35.73 -20.38 21.09
C GLU D 178 34.54 -21.31 20.85
N LEU D 179 34.54 -22.01 19.72
CA LEU D 179 33.56 -23.06 19.48
C LEU D 179 33.94 -24.27 20.31
N LYS D 180 35.22 -24.61 20.26
CA LYS D 180 35.76 -25.75 21.00
C LYS D 180 35.46 -25.64 22.50
N ASN D 181 35.69 -24.46 23.08
CA ASN D 181 35.44 -24.27 24.52
C ASN D 181 33.96 -24.35 24.89
N LEU D 182 33.11 -24.06 23.91
CA LEU D 182 31.67 -24.04 24.11
C LEU D 182 31.05 -25.43 23.99
N ILE D 183 31.47 -26.18 22.98
CA ILE D 183 30.95 -27.53 22.76
C ILE D 183 31.17 -28.40 23.99
N ILE D 184 32.32 -28.23 24.62
CA ILE D 184 32.60 -28.91 25.88
C ILE D 184 31.76 -28.30 26.99
N THR D 185 31.70 -26.97 27.02
CA THR D 185 30.92 -26.23 28.01
C THR D 185 29.47 -26.67 27.99
N THR D 186 28.93 -26.83 26.78
CA THR D 186 27.57 -27.31 26.60
C THR D 186 27.39 -28.70 27.20
N LEU D 187 28.35 -29.58 26.93
CA LEU D 187 28.28 -30.97 27.35
C LEU D 187 28.59 -31.14 28.85
N ASN D 188 29.48 -30.32 29.38
CA ASN D 188 29.75 -30.32 30.82
C ASN D 188 28.53 -29.86 31.60
N ASN D 189 28.02 -28.69 31.24
CA ASN D 189 26.86 -28.11 31.91
C ASN D 189 25.62 -29.01 31.84
N ALA D 190 25.31 -29.52 30.65
CA ALA D 190 24.17 -30.41 30.47
C ALA D 190 24.34 -31.70 31.27
N GLU D 191 23.23 -32.22 31.78
CA GLU D 191 23.26 -33.38 32.65
C GLU D 191 23.06 -34.69 31.87
N ILE D 192 24.10 -35.53 31.84
CA ILE D 192 24.03 -36.77 31.08
C ILE D 192 24.17 -38.01 31.95
N ILE D 193 23.08 -38.78 32.06
CA ILE D 193 23.09 -40.07 32.73
C ILE D 193 22.36 -41.10 31.88
N ARG D 194 23.07 -42.09 31.37
CA ARG D 194 22.47 -43.15 30.56
C ARG D 194 21.61 -44.05 31.44
N ASN D 195 20.88 -44.98 30.83
CA ASN D 195 20.09 -45.94 31.59
C ASN D 195 20.66 -47.35 31.43
N THR D 196 21.35 -47.81 32.46
CA THR D 196 21.99 -49.12 32.44
C THR D 196 21.09 -50.19 33.03
N GLU D 197 20.42 -49.85 34.13
CA GLU D 197 19.75 -50.84 34.96
C GLU D 197 18.41 -51.35 34.43
N SER D 198 17.98 -50.86 33.27
CA SER D 198 16.73 -51.33 32.70
C SER D 198 16.94 -52.38 31.60
N TYR D 199 15.83 -52.81 31.01
CA TYR D 199 15.87 -53.79 29.91
C TYR D 199 16.58 -53.20 28.69
N PHE D 200 17.09 -54.07 27.82
CA PHE D 200 17.81 -53.63 26.63
C PHE D 200 16.87 -53.21 25.50
N LYS D 201 16.95 -51.96 25.08
CA LYS D 201 16.10 -51.43 24.03
C LYS D 201 16.89 -50.66 22.98
N MET D 202 16.96 -51.20 21.77
CA MET D 202 17.63 -50.52 20.68
C MET D 202 16.76 -50.49 19.43
N PRO D 203 16.21 -49.30 19.11
CA PRO D 203 15.49 -49.11 17.85
C PRO D 203 16.48 -49.21 16.69
N LEU D 204 16.09 -49.90 15.62
CA LEU D 204 16.96 -50.12 14.47
C LEU D 204 16.78 -49.02 13.45
N ASP D 205 17.87 -48.37 13.07
CA ASP D 205 17.84 -47.38 11.99
C ASP D 205 18.01 -48.09 10.66
N HIS D 206 18.82 -49.15 10.65
CA HIS D 206 18.98 -49.99 9.47
C HIS D 206 18.85 -51.46 9.84
N ALA D 207 18.33 -52.25 8.89
CA ALA D 207 18.24 -53.70 9.05
C ALA D 207 18.31 -54.34 7.68
N PHE D 208 19.38 -55.07 7.44
CA PHE D 208 19.64 -55.59 6.10
C PHE D 208 20.62 -56.75 6.14
N PRO D 209 20.43 -57.73 5.23
CA PRO D 209 21.32 -58.87 5.05
C PRO D 209 22.58 -58.52 4.26
N ILE D 210 23.69 -59.17 4.59
CA ILE D 210 24.95 -58.93 3.92
C ILE D 210 25.68 -60.26 3.70
N LYS D 211 26.11 -60.50 2.47
CA LYS D 211 26.74 -61.77 2.09
C LYS D 211 25.77 -62.91 2.41
N GLY D 212 26.33 -64.05 2.81
CA GLY D 212 25.53 -65.12 3.40
C GLY D 212 25.92 -65.18 4.86
N ALA D 213 26.83 -64.28 5.24
CA ALA D 213 27.44 -64.26 6.56
C ALA D 213 26.43 -64.02 7.69
N GLY D 214 25.71 -62.90 7.63
CA GLY D 214 24.74 -62.59 8.66
C GLY D 214 23.77 -61.51 8.22
N THR D 215 22.94 -61.07 9.16
CA THR D 215 22.04 -59.92 8.93
C THR D 215 22.39 -58.80 9.91
N VAL D 216 22.99 -57.74 9.39
CA VAL D 216 23.50 -56.67 10.26
C VAL D 216 22.50 -55.52 10.47
N VAL D 217 22.52 -54.96 11.68
CA VAL D 217 21.63 -53.85 12.02
C VAL D 217 22.43 -52.65 12.55
N THR D 218 21.81 -51.47 12.56
CA THR D 218 22.46 -50.24 12.98
C THR D 218 21.50 -49.30 13.71
N GLY D 219 21.92 -48.81 14.87
CA GLY D 219 21.10 -47.92 15.66
C GLY D 219 21.74 -47.53 16.97
N THR D 220 21.16 -46.54 17.63
CA THR D 220 21.63 -46.08 18.94
C THR D 220 20.93 -46.89 20.03
N ILE D 221 21.70 -47.36 21.00
CA ILE D 221 21.13 -48.12 22.10
C ILE D 221 20.53 -47.16 23.13
N ASN D 222 19.22 -47.25 23.33
CA ASN D 222 18.54 -46.34 24.26
C ASN D 222 18.71 -46.72 25.72
N LYS D 223 18.56 -48.00 26.02
CA LYS D 223 18.63 -48.46 27.41
C LYS D 223 19.34 -49.81 27.54
N GLY D 224 20.22 -49.94 28.53
CA GLY D 224 20.72 -51.25 28.93
C GLY D 224 22.08 -51.70 28.42
N ILE D 225 22.32 -53.01 28.51
CA ILE D 225 23.60 -53.59 28.13
C ILE D 225 23.41 -54.75 27.15
N VAL D 226 24.36 -54.89 26.23
CA VAL D 226 24.34 -56.01 25.30
C VAL D 226 25.73 -56.65 25.28
N LYS D 227 25.76 -57.98 25.43
CA LYS D 227 27.01 -58.73 25.43
C LYS D 227 27.02 -59.70 24.26
N VAL D 228 28.17 -59.84 23.61
CA VAL D 228 28.25 -60.71 22.45
C VAL D 228 27.89 -62.14 22.83
N GLY D 229 26.92 -62.70 22.12
CA GLY D 229 26.44 -64.04 22.40
C GLY D 229 25.11 -64.01 23.13
N ASP D 230 24.51 -62.83 23.24
CA ASP D 230 23.24 -62.69 23.94
C ASP D 230 22.03 -63.12 23.12
N GLU D 231 21.03 -63.66 23.80
CA GLU D 231 19.75 -63.94 23.17
C GLU D 231 18.91 -62.68 23.18
N LEU D 232 18.45 -62.25 22.01
CA LEU D 232 17.63 -61.06 21.91
C LEU D 232 16.26 -61.39 21.33
N LYS D 233 15.36 -60.42 21.40
CA LYS D 233 14.01 -60.56 20.89
C LYS D 233 13.73 -59.34 20.00
N VAL D 234 13.46 -59.59 18.72
CA VAL D 234 13.10 -58.51 17.81
C VAL D 234 11.59 -58.27 17.78
N LEU D 235 11.20 -57.01 17.76
CA LEU D 235 9.79 -56.65 17.68
C LEU D 235 9.58 -55.77 16.44
N PRO D 236 8.36 -55.77 15.87
CA PRO D 236 7.12 -56.42 16.31
C PRO D 236 7.07 -57.92 16.04
N ILE D 237 7.99 -58.40 15.20
CA ILE D 237 7.95 -59.78 14.70
C ILE D 237 8.09 -60.85 15.77
N ASN D 238 8.44 -60.44 16.98
CA ASN D 238 8.54 -61.34 18.13
C ASN D 238 9.50 -62.53 17.90
N MET D 239 10.46 -62.36 17.00
CA MET D 239 11.43 -63.42 16.76
C MET D 239 12.59 -63.32 17.75
N SER D 240 13.17 -64.47 18.07
CA SER D 240 14.36 -64.48 18.92
C SER D 240 15.59 -64.62 18.04
N THR D 241 16.49 -63.64 18.16
CA THR D 241 17.75 -63.64 17.42
C THR D 241 18.93 -63.63 18.41
N LYS D 242 20.09 -64.11 17.96
CA LYS D 242 21.30 -64.12 18.80
C LYS D 242 22.33 -63.07 18.36
N VAL D 243 23.01 -62.46 19.32
CA VAL D 243 24.09 -61.52 19.01
C VAL D 243 25.35 -62.26 18.56
N ARG D 244 25.66 -62.21 17.28
CA ARG D 244 26.88 -62.85 16.81
C ARG D 244 28.08 -61.90 16.92
N SER D 245 27.81 -60.60 16.80
CA SER D 245 28.88 -59.61 16.87
C SER D 245 28.40 -58.18 17.12
N ILE D 246 29.29 -57.39 17.72
CA ILE D 246 28.97 -56.02 18.10
C ILE D 246 30.17 -55.11 17.86
N GLN D 247 29.90 -53.92 17.32
CA GLN D 247 30.95 -52.93 17.09
C GLN D 247 30.55 -51.51 17.45
N TYR D 248 31.55 -50.75 17.86
CA TYR D 248 31.40 -49.39 18.32
C TYR D 248 32.70 -48.68 18.00
N PHE D 249 32.60 -47.39 17.64
CA PHE D 249 33.76 -46.56 17.34
C PHE D 249 34.71 -47.19 16.32
N LYS D 250 34.13 -47.67 15.23
CA LYS D 250 34.89 -48.28 14.12
C LYS D 250 35.88 -49.36 14.60
N GLU D 251 35.47 -50.14 15.60
CA GLU D 251 36.28 -51.23 16.13
C GLU D 251 35.35 -52.28 16.73
N SER D 252 35.78 -53.54 16.79
CA SER D 252 34.93 -54.60 17.32
C SER D 252 34.99 -54.68 18.84
N VAL D 253 33.82 -54.64 19.47
CA VAL D 253 33.72 -54.74 20.93
C VAL D 253 32.85 -55.94 21.34
N MET D 254 32.97 -56.37 22.59
CA MET D 254 32.17 -57.49 23.07
C MET D 254 30.92 -57.05 23.83
N GLU D 255 30.96 -55.84 24.36
CA GLU D 255 29.86 -55.30 25.15
C GLU D 255 29.56 -53.88 24.70
N ALA D 256 28.28 -53.51 24.67
CA ALA D 256 27.90 -52.12 24.44
C ALA D 256 26.79 -51.66 25.39
N LYS D 257 26.77 -50.36 25.65
CA LYS D 257 25.84 -49.77 26.62
C LYS D 257 25.04 -48.63 26.01
N ALA D 258 24.23 -47.96 26.83
CA ALA D 258 23.32 -46.94 26.32
C ALA D 258 24.04 -45.70 25.78
N GLY D 259 23.50 -45.14 24.69
CA GLY D 259 24.02 -43.93 24.10
C GLY D 259 24.98 -44.17 22.94
N ASP D 260 25.38 -45.43 22.78
CA ASP D 260 26.37 -45.77 21.77
C ASP D 260 25.75 -46.06 20.41
N ARG D 261 26.48 -45.69 19.36
CA ARG D 261 26.13 -46.08 18.00
C ARG D 261 26.74 -47.44 17.72
N VAL D 262 25.89 -48.44 17.62
CA VAL D 262 26.36 -49.81 17.52
C VAL D 262 25.99 -50.45 16.19
N GLY D 263 26.94 -51.21 15.64
CA GLY D 263 26.65 -52.09 14.52
C GLY D 263 26.66 -53.50 15.02
N MET D 264 25.59 -54.25 14.73
CA MET D 264 25.46 -55.63 15.22
C MET D 264 25.18 -56.63 14.10
N ALA D 265 25.92 -57.75 14.10
CA ALA D 265 25.60 -58.84 13.20
C ALA D 265 24.91 -59.96 13.98
N ILE D 266 23.71 -60.31 13.53
CA ILE D 266 22.91 -61.30 14.23
C ILE D 266 22.55 -62.44 13.29
N GLN D 267 22.11 -63.55 13.86
CA GLN D 267 21.73 -64.72 13.07
C GLN D 267 20.40 -65.25 13.59
N GLY D 268 19.71 -66.02 12.76
CA GLY D 268 18.53 -66.75 13.20
C GLY D 268 17.20 -66.21 12.73
N VAL D 269 17.21 -65.06 12.07
CA VAL D 269 15.97 -64.40 11.63
C VAL D 269 16.04 -63.95 10.18
N ASP D 270 14.99 -64.24 9.41
CA ASP D 270 14.94 -63.86 8.00
C ASP D 270 14.95 -62.33 7.82
N ALA D 271 15.58 -61.88 6.73
CA ALA D 271 15.72 -60.46 6.46
C ALA D 271 14.38 -59.78 6.15
N LYS D 272 13.38 -60.57 5.78
CA LYS D 272 12.06 -60.04 5.48
C LYS D 272 11.42 -59.40 6.71
N GLN D 273 11.69 -59.94 7.88
CA GLN D 273 10.96 -59.53 9.08
C GLN D 273 11.66 -58.48 9.94
N ILE D 274 12.94 -58.23 9.69
CA ILE D 274 13.65 -57.15 10.38
C ILE D 274 13.93 -55.98 9.45
N TYR D 275 13.25 -54.86 9.68
CA TYR D 275 13.43 -53.67 8.86
C TYR D 275 13.65 -52.39 9.67
N ARG D 276 13.65 -51.25 8.97
CA ARG D 276 14.14 -50.00 9.53
C ARG D 276 13.23 -49.37 10.58
N GLY D 277 12.05 -49.95 10.78
CA GLY D 277 11.13 -49.45 11.79
C GLY D 277 11.04 -50.42 12.95
N CMH D 278 11.99 -51.34 13.01
CA CMH D 278 11.94 -52.43 13.96
C CMH D 278 12.84 -52.20 15.16
O CMH D 278 13.85 -51.51 15.08
CB CMH D 278 12.29 -53.75 13.28
SG CMH D 278 11.19 -54.29 11.98
CM CMH D 278 7.89 -51.31 11.92
HG CMH D 278 9.51 -52.64 11.92
N ILE D 279 12.45 -52.78 16.30
CA ILE D 279 13.20 -52.64 17.53
C ILE D 279 13.81 -53.96 17.95
N LEU D 280 15.10 -53.94 18.25
CA LEU D 280 15.79 -55.09 18.79
C LEU D 280 15.82 -54.97 20.30
N THR D 281 15.11 -55.85 21.01
CA THR D 281 14.94 -55.70 22.45
C THR D 281 15.28 -56.97 23.24
N SER D 282 15.23 -56.85 24.57
CA SER D 282 15.49 -57.98 25.45
C SER D 282 14.28 -58.91 25.49
N LYS D 283 14.39 -59.99 26.26
CA LYS D 283 13.30 -60.96 26.35
C LYS D 283 12.21 -60.55 27.33
N ASP D 284 12.61 -59.97 28.46
CA ASP D 284 11.67 -59.65 29.53
C ASP D 284 11.18 -58.21 29.43
N THR D 285 11.51 -57.56 28.33
CA THR D 285 11.23 -56.15 28.10
C THR D 285 9.80 -55.73 28.42
N LYS D 286 9.65 -54.52 28.96
CA LYS D 286 8.34 -53.95 29.25
C LYS D 286 7.79 -53.23 28.02
N LEU D 287 8.51 -53.33 26.92
CA LEU D 287 8.05 -52.81 25.64
C LEU D 287 6.87 -53.64 25.18
N GLN D 288 5.79 -52.98 24.78
CA GLN D 288 4.56 -53.66 24.40
C GLN D 288 4.19 -53.38 22.95
N THR D 289 3.52 -54.32 22.31
CA THR D 289 3.01 -54.13 20.96
C THR D 289 1.62 -53.51 21.06
N VAL D 290 1.48 -52.31 20.51
CA VAL D 290 0.36 -51.44 20.86
C VAL D 290 -0.35 -50.78 19.67
N ASP D 291 -1.67 -50.88 19.64
CA ASP D 291 -2.46 -50.11 18.69
C ASP D 291 -3.33 -49.09 19.43
N LYS D 292 -3.22 -49.09 20.76
CA LYS D 292 -4.04 -48.21 21.61
C LYS D 292 -3.22 -47.51 22.72
N ILE D 293 -3.04 -46.20 22.59
CA ILE D 293 -2.26 -45.42 23.54
C ILE D 293 -3.06 -44.27 24.19
N VAL D 294 -3.00 -44.18 25.52
CA VAL D 294 -3.53 -43.03 26.22
C VAL D 294 -2.37 -42.24 26.82
N ALA D 295 -2.29 -40.95 26.49
CA ALA D 295 -1.16 -40.15 26.95
C ALA D 295 -1.59 -38.79 27.47
N LYS D 296 -0.73 -38.14 28.23
CA LYS D 296 -1.00 -36.83 28.80
C LYS D 296 -0.39 -35.80 27.88
N ILE D 297 -1.22 -34.90 27.33
CA ILE D 297 -0.71 -34.06 26.26
C ILE D 297 -0.77 -32.54 26.44
N LYS D 298 0.42 -31.96 26.37
CA LYS D 298 0.64 -30.54 26.43
C LYS D 298 0.80 -30.00 25.02
N ILE D 299 -0.15 -29.19 24.57
CA ILE D 299 -0.07 -28.60 23.24
C ILE D 299 0.67 -27.26 23.29
N SER D 300 1.94 -27.30 22.89
CA SER D 300 2.88 -26.23 23.20
C SER D 300 3.19 -25.30 22.02
N ASP D 301 2.47 -25.44 20.92
CA ASP D 301 2.90 -24.81 19.68
C ASP D 301 2.29 -23.44 19.36
N ILE D 302 2.76 -22.86 18.24
CA ILE D 302 2.61 -21.44 17.97
C ILE D 302 1.25 -20.97 17.44
N PHE D 303 0.59 -21.80 16.63
CA PHE D 303 -0.62 -21.36 15.93
C PHE D 303 -1.89 -21.60 16.75
N LYS D 304 -1.71 -21.94 18.03
CA LYS D 304 -2.81 -22.30 18.94
C LYS D 304 -3.91 -23.20 18.34
N TYR D 305 -3.59 -24.48 18.17
CA TYR D 305 -4.49 -25.42 17.53
C TYR D 305 -5.76 -25.69 18.36
N ASN D 306 -6.86 -25.99 17.67
CA ASN D 306 -8.12 -26.37 18.33
C ASN D 306 -8.49 -27.79 17.95
N LEU D 307 -9.21 -28.47 18.84
CA LEU D 307 -9.36 -29.91 18.70
C LEU D 307 -10.78 -30.41 18.93
N THR D 308 -11.16 -31.38 18.11
CA THR D 308 -12.50 -31.97 18.13
C THR D 308 -12.35 -33.45 18.43
N PRO D 309 -13.31 -34.03 19.15
CA PRO D 309 -13.36 -35.48 19.35
C PRO D 309 -13.35 -36.26 18.04
N LYS D 310 -12.86 -37.49 18.08
CA LYS D 310 -12.80 -38.39 16.92
C LYS D 310 -11.99 -37.84 15.74
N MET D 311 -10.98 -37.02 16.01
CA MET D 311 -10.24 -36.42 14.89
C MET D 311 -8.96 -37.17 14.54
N LYS D 312 -8.79 -37.43 13.25
CA LYS D 312 -7.63 -38.15 12.75
C LYS D 312 -6.38 -37.27 12.82
N VAL D 313 -5.30 -37.83 13.34
CA VAL D 313 -4.00 -37.16 13.34
C VAL D 313 -2.93 -38.18 13.04
N HIS D 314 -1.72 -37.70 12.75
CA HIS D 314 -0.60 -38.59 12.55
C HIS D 314 0.27 -38.60 13.79
N LEU D 315 0.24 -39.70 14.53
CA LEU D 315 0.94 -39.78 15.80
C LEU D 315 2.37 -40.28 15.62
N ASN D 316 3.29 -39.70 16.38
CA ASN D 316 4.69 -40.15 16.37
C ASN D 316 5.11 -40.73 17.71
N VAL D 317 5.31 -42.05 17.74
CA VAL D 317 5.75 -42.74 18.95
C VAL D 317 7.05 -43.48 18.69
N GLY D 318 8.08 -43.15 19.45
CA GLY D 318 9.40 -43.67 19.18
C GLY D 318 9.90 -43.10 17.86
N MET D 319 10.17 -43.97 16.89
CA MET D 319 10.67 -43.51 15.60
C MET D 319 9.68 -43.72 14.47
N LEU D 320 8.50 -44.23 14.79
CA LEU D 320 7.45 -44.45 13.80
C LEU D 320 6.46 -43.29 13.75
N ILE D 321 5.60 -43.30 12.73
CA ILE D 321 4.45 -42.40 12.67
C ILE D 321 3.24 -43.16 12.13
N VAL D 322 2.15 -43.15 12.87
CA VAL D 322 0.95 -43.90 12.49
C VAL D 322 -0.30 -43.03 12.43
N PRO D 323 -1.20 -43.32 11.47
CA PRO D 323 -2.48 -42.64 11.41
C PRO D 323 -3.30 -43.03 12.62
N ALA D 324 -3.88 -42.07 13.31
CA ALA D 324 -4.56 -42.38 14.56
C ALA D 324 -5.86 -41.59 14.73
N VAL D 325 -6.87 -42.21 15.32
CA VAL D 325 -8.03 -41.47 15.81
C VAL D 325 -7.57 -40.86 17.11
N ALA D 326 -8.02 -39.64 17.40
CA ALA D 326 -7.48 -38.94 18.54
C ALA D 326 -8.55 -38.30 19.41
N VAL D 327 -8.59 -38.76 20.65
CA VAL D 327 -9.60 -38.28 21.58
C VAL D 327 -9.01 -37.41 22.71
N PRO D 328 -9.45 -36.14 22.79
CA PRO D 328 -9.18 -35.19 23.87
C PRO D 328 -10.21 -35.35 24.99
N PHE D 329 -9.77 -35.66 26.19
CA PHE D 329 -10.74 -35.82 27.28
C PHE D 329 -10.28 -35.11 28.56
N LYS D 330 -11.23 -34.48 29.25
CA LYS D 330 -10.97 -33.84 30.53
C LYS D 330 -11.36 -34.81 31.64
N LYS D 331 -10.43 -35.06 32.55
CA LYS D 331 -10.71 -35.92 33.70
C LYS D 331 -11.11 -35.09 34.93
N VAL D 332 -12.26 -35.39 35.50
CA VAL D 332 -12.82 -34.60 36.61
C VAL D 332 -13.17 -35.42 37.85
N THR D 333 -12.75 -34.94 39.02
CA THR D 333 -13.14 -35.54 40.28
C THR D 333 -14.01 -34.57 41.07
N PHE D 334 -15.30 -34.89 41.22
CA PHE D 334 -16.20 -34.05 42.01
C PHE D 334 -16.79 -34.77 43.23
N GLY D 335 -16.16 -34.54 44.40
CA GLY D 335 -16.68 -35.02 45.67
C GLY D 335 -16.78 -36.51 45.94
N LYS D 336 -16.90 -37.30 44.88
CA LYS D 336 -17.13 -38.75 45.04
C LYS D 336 -16.32 -39.64 44.10
N THR D 337 -16.54 -39.46 42.79
CA THR D 337 -15.95 -40.36 41.80
C THR D 337 -14.89 -39.65 40.95
N GLU D 338 -13.90 -40.41 40.50
CA GLU D 338 -13.00 -39.96 39.46
C GLU D 338 -13.71 -40.16 38.12
N GLU D 339 -13.70 -39.13 37.28
CA GLU D 339 -14.42 -39.21 36.00
C GLU D 339 -13.58 -38.82 34.79
N ASN D 340 -14.00 -39.27 33.62
CA ASN D 340 -13.35 -38.93 32.35
C ASN D 340 -14.36 -38.34 31.37
N ILE D 341 -14.17 -37.08 31.02
CA ILE D 341 -15.13 -36.37 30.18
C ILE D 341 -14.49 -35.90 28.88
N ILE D 342 -15.18 -36.10 27.76
CA ILE D 342 -14.72 -35.55 26.48
C ILE D 342 -14.73 -34.03 26.54
N LEU D 343 -13.63 -33.41 26.12
CA LEU D 343 -13.49 -31.97 26.23
C LEU D 343 -14.33 -31.24 25.18
N ASN D 344 -14.84 -30.07 25.55
CA ASN D 344 -15.55 -29.22 24.61
C ASN D 344 -14.58 -28.57 23.63
N GLU D 345 -15.06 -27.57 22.90
CA GLU D 345 -14.21 -26.73 22.08
C GLU D 345 -13.23 -25.98 23.00
N VAL D 346 -11.94 -26.19 22.81
CA VAL D 346 -10.92 -25.60 23.67
C VAL D 346 -9.67 -25.13 22.90
N ILE D 347 -9.20 -23.92 23.20
CA ILE D 347 -8.02 -23.34 22.57
C ILE D 347 -6.73 -23.92 23.14
N SER D 348 -5.63 -23.79 22.40
CA SER D 348 -4.36 -24.41 22.79
C SER D 348 -3.64 -23.63 23.87
N GLY D 349 -2.57 -24.23 24.39
CA GLY D 349 -1.77 -23.61 25.42
C GLY D 349 -2.10 -24.14 26.81
N ASN D 350 -3.38 -24.45 27.01
CA ASN D 350 -3.82 -25.01 28.27
C ASN D 350 -3.35 -26.45 28.40
N GLU D 351 -3.13 -26.89 29.65
CA GLU D 351 -2.83 -28.30 29.87
C GLU D 351 -4.11 -29.11 29.73
N CMH D 352 -3.99 -30.28 29.12
CA CMH D 352 -5.15 -31.08 28.77
C CMH D 352 -4.66 -32.47 28.39
O CMH D 352 -3.48 -32.77 28.58
CB CMH D 352 -5.88 -30.40 27.62
SG CMH D 352 -4.82 -29.84 26.31
CM CMH D 352 -6.34 -33.01 23.68
HG CMH D 352 -5.55 -31.49 24.84
N TYR D 353 -5.53 -33.34 27.89
CA TYR D 353 -5.16 -34.75 27.70
C TYR D 353 -5.67 -35.40 26.41
N CMH D 354 -4.85 -36.30 25.87
CA CMH D 354 -5.10 -36.94 24.59
C CMH D 354 -5.28 -38.47 24.67
O CMH D 354 -4.72 -39.13 25.54
CB CMH D 354 -4.02 -36.51 23.57
SG CMH D 354 -4.21 -34.81 22.99
CM CMH D 354 -5.91 -34.98 18.92
HG CMH D 354 -5.28 -35.08 20.93
N ALA D 355 -6.11 -39.02 23.78
CA ALA D 355 -6.17 -40.48 23.63
C ALA D 355 -5.86 -40.80 22.19
N PHE D 356 -5.05 -41.84 21.98
CA PHE D 356 -4.65 -42.20 20.63
C PHE D 356 -4.92 -43.66 20.27
N GLU D 357 -5.78 -43.86 19.28
CA GLU D 357 -6.02 -45.19 18.76
C GLU D 357 -5.24 -45.39 17.46
N LEU D 358 -4.25 -46.25 17.48
CA LEU D 358 -3.35 -46.38 16.34
C LEU D 358 -3.85 -47.44 15.37
N GLU D 359 -4.08 -47.04 14.13
CA GLU D 359 -4.53 -47.96 13.10
C GLU D 359 -3.39 -48.89 12.69
N GLU D 360 -2.17 -48.47 12.97
CA GLU D 360 -0.98 -49.26 12.68
C GLU D 360 -0.17 -49.45 13.97
N LYS D 361 0.11 -50.70 14.31
CA LYS D 361 0.70 -51.03 15.61
C LYS D 361 2.10 -50.47 15.84
N VAL D 362 2.32 -49.96 17.05
CA VAL D 362 3.55 -49.26 17.42
C VAL D 362 4.10 -49.82 18.73
N LEU D 363 5.42 -49.88 18.83
CA LEU D 363 6.07 -50.45 20.02
C LEU D 363 6.47 -49.36 21.01
N ALA D 364 5.93 -49.45 22.23
CA ALA D 364 6.17 -48.43 23.25
C ALA D 364 5.97 -48.94 24.67
N GLU D 365 6.47 -48.16 25.64
CA GLU D 365 6.30 -48.47 27.06
C GLU D 365 5.66 -47.29 27.78
N VAL D 366 5.27 -47.50 29.04
CA VAL D 366 4.75 -46.43 29.87
C VAL D 366 5.89 -45.51 30.30
N GLY D 367 5.64 -44.21 30.29
CA GLY D 367 6.66 -43.23 30.64
C GLY D 367 7.46 -42.83 29.43
N ASP D 368 6.97 -43.19 28.24
CA ASP D 368 7.61 -42.82 26.99
C ASP D 368 7.09 -41.50 26.46
N ARG D 369 7.87 -40.87 25.60
CA ARG D 369 7.53 -39.57 25.03
C ARG D 369 6.75 -39.73 23.73
N VAL D 370 5.68 -38.97 23.57
CA VAL D 370 4.82 -39.08 22.40
C VAL D 370 4.57 -37.72 21.76
N LEU D 371 4.71 -37.65 20.44
CA LEU D 371 4.52 -36.40 19.71
C LEU D 371 3.35 -36.46 18.73
N ILE D 372 2.56 -35.40 18.70
CA ILE D 372 1.52 -35.23 17.69
C ILE D 372 2.14 -34.53 16.49
N THR D 373 2.00 -35.10 15.30
CA THR D 373 2.56 -34.48 14.09
C THR D 373 1.54 -34.24 12.98
N ARG D 374 1.55 -33.03 12.45
CA ARG D 374 0.75 -32.69 11.28
C ARG D 374 1.67 -32.66 10.07
N LEU D 375 1.27 -33.30 8.98
CA LEU D 375 1.99 -33.17 7.72
C LEU D 375 1.13 -32.27 6.85
N ASP D 376 0.09 -31.75 7.49
CA ASP D 376 -0.90 -30.87 6.88
C ASP D 376 -0.30 -29.60 6.32
N LEU D 377 0.77 -29.13 6.96
CA LEU D 377 1.25 -27.76 6.79
C LEU D 377 2.53 -27.67 5.98
N PRO D 378 2.40 -27.48 4.66
CA PRO D 378 3.35 -27.69 3.55
C PRO D 378 4.78 -27.18 3.67
N PRO D 379 5.01 -25.95 4.13
CA PRO D 379 6.43 -25.55 4.04
C PRO D 379 7.32 -26.32 5.01
N THR D 380 6.71 -26.89 6.04
CA THR D 380 7.41 -27.78 6.97
C THR D 380 6.89 -29.19 6.77
N THR D 381 7.78 -30.14 6.52
CA THR D 381 7.36 -31.52 6.22
C THR D 381 6.39 -32.09 7.26
N LEU D 382 6.85 -32.20 8.49
CA LEU D 382 5.97 -32.55 9.60
C LEU D 382 6.10 -31.54 10.74
N ARG D 383 4.96 -31.10 11.27
CA ARG D 383 4.94 -30.11 12.33
C ARG D 383 4.58 -30.74 13.65
N ILE D 384 5.32 -30.39 14.70
CA ILE D 384 5.00 -30.88 16.02
C ILE D 384 3.76 -30.12 16.49
N CMH D 385 2.94 -30.79 17.31
CA CMH D 385 1.62 -30.27 17.63
C CMH D 385 1.14 -30.69 19.01
O CMH D 385 0.23 -30.08 19.56
CB CMH D 385 0.63 -30.73 16.57
SG CMH D 385 -0.81 -29.73 16.36
CM CMH D 385 -3.74 -32.35 18.42
HG CMH D 385 -2.32 -31.18 17.39
N GLY D 386 1.76 -31.73 19.57
CA GLY D 386 1.39 -32.21 20.89
C GLY D 386 2.55 -32.86 21.63
N HIS D 387 2.55 -32.76 22.97
CA HIS D 387 3.65 -33.27 23.79
C HIS D 387 3.19 -34.04 25.02
N GLY D 388 4.00 -34.99 25.47
CA GLY D 388 3.74 -35.63 26.75
C GLY D 388 4.14 -37.08 26.87
N LEU D 389 3.62 -37.73 27.92
CA LEU D 389 4.01 -39.09 28.26
C LEU D 389 2.81 -40.03 28.24
N ILE D 390 3.10 -41.33 28.15
CA ILE D 390 2.04 -42.34 28.10
C ILE D 390 1.57 -42.76 29.48
N GLU D 391 0.28 -42.59 29.75
CA GLU D 391 -0.30 -43.04 31.01
C GLU D 391 -0.63 -44.53 30.94
N GLU D 392 -1.65 -44.86 30.15
CA GLU D 392 -2.16 -46.24 30.08
C GLU D 392 -2.35 -46.68 28.63
N PHE D 393 -2.62 -47.96 28.44
CA PHE D 393 -3.00 -48.48 27.13
C PHE D 393 -4.40 -49.05 27.21
N LYS D 394 -5.38 -48.35 26.64
CA LYS D 394 -6.78 -48.74 26.77
C LYS D 394 -7.61 -48.44 25.51
N PRO D 395 -8.53 -49.35 25.14
CA PRO D 395 -9.47 -49.10 24.04
C PRO D 395 -10.42 -48.00 24.49
N ILE D 396 -11.01 -47.27 23.56
CA ILE D 396 -12.02 -46.26 23.89
C ILE D 396 -13.15 -46.85 24.74
N LYS D 397 -13.60 -48.06 24.39
CA LYS D 397 -14.68 -48.74 25.10
C LYS D 397 -14.37 -48.95 26.59
N ASP D 398 -13.10 -49.23 26.90
CA ASP D 398 -12.70 -49.39 28.29
C ASP D 398 -12.62 -48.06 29.01
N LEU D 399 -12.26 -47.01 28.27
CA LEU D 399 -11.95 -45.71 28.85
C LEU D 399 -13.13 -45.01 29.54
N ASN D 400 -14.34 -45.52 29.33
CA ASN D 400 -15.58 -44.97 29.87
C ASN D 400 -15.71 -43.43 29.90
N ILE D 401 -15.48 -42.80 28.76
CA ILE D 401 -15.57 -41.35 28.68
C ILE D 401 -17.01 -40.87 28.63
N LYS D 402 -17.28 -39.75 29.29
CA LYS D 402 -18.64 -39.22 29.42
C LYS D 402 -18.81 -37.90 28.69
N LYS D 403 -20.05 -37.57 28.31
CA LYS D 403 -20.35 -36.26 27.73
C LYS D 403 -21.35 -35.50 28.59
N GLU D 404 -21.15 -34.19 28.69
CA GLU D 404 -22.02 -33.36 29.52
C GLU D 404 -23.29 -32.96 28.76
N VAL D 405 -24.37 -32.74 29.52
CA VAL D 405 -25.64 -32.30 28.93
C VAL D 405 -26.23 -31.15 29.73
N LEU D 406 -26.39 -30.00 29.07
CA LEU D 406 -26.93 -28.80 29.71
C LEU D 406 -28.42 -28.65 29.38
N ARG D 407 -29.24 -28.49 30.41
CA ARG D 407 -30.69 -28.40 30.23
C ARG D 407 -31.29 -27.12 30.81
N GLU D 408 -32.23 -26.53 30.08
CA GLU D 408 -32.84 -25.27 30.49
C GLU D 408 -34.23 -25.42 31.08
N GLY D 409 -34.55 -24.58 32.05
CA GLY D 409 -35.87 -24.58 32.67
C GLY D 409 -36.20 -23.25 33.32
N LYS D 410 -37.49 -23.02 33.58
CA LYS D 410 -37.93 -21.79 34.24
C LYS D 410 -38.62 -22.09 35.57
N VAL D 411 -38.37 -21.26 36.57
CA VAL D 411 -39.04 -21.38 37.87
C VAL D 411 -40.34 -20.58 37.85
N LYS D 412 -41.47 -21.29 37.89
CA LYS D 412 -42.77 -20.64 37.80
C LYS D 412 -43.65 -20.85 39.02
N ILE D 413 -44.40 -19.82 39.40
CA ILE D 413 -45.29 -19.89 40.55
C ILE D 413 -46.76 -20.04 40.08
N ASP D 414 -47.35 -21.19 40.37
CA ASP D 414 -48.73 -21.47 39.97
C ASP D 414 -49.56 -22.00 41.13
N LYS D 415 -50.54 -21.20 41.56
CA LYS D 415 -51.46 -21.56 42.65
C LYS D 415 -50.75 -21.86 43.98
N GLY D 416 -49.67 -21.16 44.26
CA GLY D 416 -48.97 -21.28 45.52
C GLY D 416 -47.70 -22.11 45.48
N ARG D 417 -47.58 -22.95 44.45
CA ARG D 417 -46.42 -23.82 44.33
C ARG D 417 -45.25 -23.11 43.67
N THR D 418 -44.04 -23.53 44.01
CA THR D 418 -42.85 -23.10 43.28
C THR D 418 -42.47 -24.23 42.34
N VAL D 419 -42.63 -23.97 41.04
CA VAL D 419 -42.59 -25.03 40.04
C VAL D 419 -41.57 -24.77 38.95
N ILE D 420 -40.90 -25.84 38.50
CA ILE D 420 -39.99 -25.76 37.37
C ILE D 420 -40.69 -26.14 36.07
N ASP D 421 -40.45 -25.35 35.02
CA ASP D 421 -41.09 -25.54 33.73
C ASP D 421 -40.05 -25.50 32.60
N GLY D 422 -40.29 -26.31 31.57
CA GLY D 422 -39.41 -26.32 30.41
C GLY D 422 -38.51 -27.53 30.35
N LEU D 423 -38.86 -28.55 31.13
CA LEU D 423 -38.04 -29.76 31.25
C LEU D 423 -38.69 -30.94 30.53
N ALA D 424 -39.69 -31.53 31.16
CA ALA D 424 -40.37 -32.69 30.59
C ALA D 424 -41.74 -32.35 30.07
N GLN D 425 -42.08 -32.86 28.89
CA GLN D 425 -43.36 -32.59 28.26
C GLN D 425 -44.47 -33.47 28.82
N SER D 426 -44.10 -34.68 29.24
CA SER D 426 -45.08 -35.65 29.71
C SER D 426 -44.90 -36.02 31.19
N LYS D 427 -45.92 -36.67 31.74
CA LYS D 427 -45.92 -37.08 33.15
C LYS D 427 -44.82 -38.09 33.45
N VAL D 428 -44.71 -39.11 32.60
CA VAL D 428 -43.69 -40.15 32.77
C VAL D 428 -42.27 -39.61 32.57
N ALA D 429 -42.10 -38.77 31.55
CA ALA D 429 -40.80 -38.11 31.29
C ALA D 429 -40.32 -37.36 32.51
N ALA D 430 -41.26 -36.67 33.17
CA ALA D 430 -41.00 -35.93 34.39
C ALA D 430 -40.66 -36.87 35.55
N GLU D 431 -41.26 -38.06 35.55
CA GLU D 431 -40.98 -39.06 36.59
C GLU D 431 -39.55 -39.60 36.49
N LYS D 432 -39.02 -39.66 35.27
CA LYS D 432 -37.65 -40.07 35.05
C LYS D 432 -36.69 -39.00 35.56
N LEU D 433 -37.19 -37.78 35.71
CA LEU D 433 -36.38 -36.64 36.12
C LEU D 433 -36.29 -36.46 37.64
N ILE D 434 -37.02 -37.27 38.39
CA ILE D 434 -37.08 -37.12 39.85
C ILE D 434 -35.73 -37.38 40.51
N GLY D 435 -35.42 -36.58 41.53
CA GLY D 435 -34.16 -36.70 42.23
C GLY D 435 -33.04 -35.93 41.53
N GLU D 436 -33.42 -34.91 40.79
CA GLU D 436 -32.49 -34.14 39.98
C GLU D 436 -31.72 -33.08 40.78
N GLU D 437 -30.44 -32.93 40.48
CA GLU D 437 -29.61 -31.91 41.12
C GLU D 437 -29.55 -30.66 40.24
N ILE D 438 -29.85 -29.51 40.84
CA ILE D 438 -30.17 -28.30 40.08
C ILE D 438 -29.35 -27.07 40.52
N SER D 439 -28.94 -26.25 39.54
CA SER D 439 -28.27 -24.98 39.81
C SER D 439 -28.93 -23.84 39.05
N ILE D 440 -29.10 -22.70 39.71
CA ILE D 440 -29.77 -21.56 39.10
C ILE D 440 -28.79 -20.61 38.41
N GLU D 441 -29.26 -19.92 37.38
CA GLU D 441 -28.41 -19.04 36.61
C GLU D 441 -28.08 -17.75 37.36
N GLY D 442 -26.78 -17.48 37.52
CA GLY D 442 -26.31 -16.19 37.97
C GLY D 442 -26.50 -15.84 39.44
N LYS D 443 -27.40 -16.54 40.11
CA LYS D 443 -27.67 -16.26 41.52
C LYS D 443 -26.96 -17.24 42.43
N ASP D 444 -26.27 -18.21 41.82
CA ASP D 444 -25.46 -19.19 42.53
C ASP D 444 -26.20 -19.88 43.68
N ILE D 445 -27.19 -20.71 43.33
CA ILE D 445 -27.91 -21.46 44.33
C ILE D 445 -27.96 -22.95 43.97
N VAL D 446 -27.94 -23.80 45.00
CA VAL D 446 -28.05 -25.24 44.79
C VAL D 446 -29.49 -25.70 45.02
N GLY D 447 -29.92 -26.71 44.27
CA GLY D 447 -31.29 -27.17 44.33
C GLY D 447 -31.48 -28.65 44.10
N LYS D 448 -32.60 -29.18 44.59
CA LYS D 448 -32.93 -30.59 44.44
C LYS D 448 -34.40 -30.73 44.07
N ILE D 449 -34.70 -31.61 43.11
CA ILE D 449 -36.07 -31.77 42.62
C ILE D 449 -36.80 -32.89 43.34
N LYS D 450 -38.11 -32.74 43.50
CA LYS D 450 -38.93 -33.73 44.20
C LYS D 450 -40.26 -33.98 43.47
N GLY D 451 -41.18 -33.03 43.60
CA GLY D 451 -42.54 -33.19 43.11
C GLY D 451 -42.71 -33.17 41.61
N THR D 452 -43.57 -34.07 41.10
CA THR D 452 -43.85 -34.18 39.68
C THR D 452 -45.33 -33.97 39.38
N PHE D 453 -45.64 -32.89 38.66
CA PHE D 453 -47.00 -32.62 38.23
C PHE D 453 -47.23 -33.17 36.82
N GLY D 454 -48.30 -33.94 36.67
CA GLY D 454 -48.50 -34.74 35.47
C GLY D 454 -49.11 -34.06 34.26
N THR D 455 -50.07 -33.17 34.49
CA THR D 455 -50.85 -32.57 33.40
C THR D 455 -49.99 -31.86 32.35
N LYS D 456 -49.36 -30.76 32.72
CA LYS D 456 -48.55 -29.99 31.77
C LYS D 456 -47.06 -30.30 31.86
N GLY D 457 -46.72 -31.34 32.63
CA GLY D 457 -45.34 -31.78 32.75
C GLY D 457 -44.47 -30.81 33.54
N LEU D 458 -44.98 -30.37 34.68
CA LEU D 458 -44.27 -29.40 35.51
C LEU D 458 -43.70 -30.06 36.76
N LEU D 459 -42.61 -29.51 37.28
CA LEU D 459 -41.87 -30.15 38.36
C LEU D 459 -41.71 -29.27 39.61
N THR D 460 -42.02 -29.85 40.76
CA THR D 460 -41.83 -29.17 42.05
C THR D 460 -40.48 -29.53 42.63
N ALA D 461 -39.80 -28.55 43.24
CA ALA D 461 -38.44 -28.78 43.71
C ALA D 461 -38.12 -28.11 45.05
N GLU D 462 -36.88 -28.30 45.48
CA GLU D 462 -36.34 -27.63 46.66
C GLU D 462 -35.04 -26.92 46.28
N PHE D 463 -34.89 -25.69 46.74
CA PHE D 463 -33.70 -24.90 46.42
C PHE D 463 -33.10 -24.29 47.67
N SER D 464 -31.78 -24.07 47.64
CA SER D 464 -31.11 -23.32 48.70
C SER D 464 -31.03 -21.86 48.30
N GLY D 465 -31.96 -21.06 48.79
CA GLY D 465 -32.02 -19.65 48.46
C GLY D 465 -33.46 -19.20 48.23
N ASN D 466 -33.63 -18.15 47.42
CA ASN D 466 -34.96 -17.69 47.05
C ASN D 466 -35.19 -17.84 45.56
N VAL D 467 -36.16 -18.68 45.19
CA VAL D 467 -36.49 -18.85 43.78
C VAL D 467 -37.63 -17.93 43.36
N GLU D 468 -37.27 -16.91 42.59
CA GLU D 468 -38.23 -15.93 42.11
C GLU D 468 -38.89 -16.42 40.83
N ASN D 469 -40.05 -15.87 40.52
CA ASN D 469 -40.78 -16.22 39.31
C ASN D 469 -40.02 -15.80 38.05
N ARG D 470 -40.11 -16.61 37.01
CA ARG D 470 -39.46 -16.36 35.72
C ARG D 470 -37.94 -16.23 35.85
N ASP D 471 -37.33 -17.16 36.56
CA ASP D 471 -35.87 -17.29 36.57
C ASP D 471 -35.47 -18.52 35.77
N LYS D 472 -34.36 -18.43 35.06
CA LYS D 472 -33.89 -19.57 34.27
C LYS D 472 -32.97 -20.48 35.08
N VAL D 473 -33.03 -21.78 34.78
CA VAL D 473 -32.31 -22.79 35.52
C VAL D 473 -31.26 -23.48 34.64
N ILE D 474 -30.03 -23.56 35.13
CA ILE D 474 -28.99 -24.33 34.46
C ILE D 474 -28.91 -25.74 35.04
N LEU D 475 -29.26 -26.72 34.21
CA LEU D 475 -29.23 -28.12 34.63
C LEU D 475 -28.20 -28.90 33.84
N ASN D 476 -27.15 -29.35 34.51
CA ASN D 476 -26.16 -30.21 33.88
C ASN D 476 -26.42 -31.67 34.19
N ARG D 477 -26.18 -32.53 33.21
CA ARG D 477 -26.47 -33.95 33.33
C ARG D 477 -25.34 -34.78 32.72
N LEU D 478 -24.93 -35.84 33.43
CA LEU D 478 -23.86 -36.71 32.95
C LEU D 478 -24.39 -37.83 32.06
N ARG D 479 -23.82 -37.93 30.86
CA ARG D 479 -24.17 -38.98 29.91
C ARG D 479 -22.88 -39.62 29.40
N ARG D 480 -22.99 -40.66 28.58
CA ARG D 480 -21.81 -41.27 27.98
C ARG D 480 -21.50 -40.65 26.62
N TRP D 481 -20.42 -41.12 25.98
CA TRP D 481 -19.97 -40.54 24.71
C TRP D 481 -19.60 -41.59 23.68
N GLY D 482 -19.83 -41.28 22.40
CA GLY D 482 -19.49 -42.18 21.32
C GLY D 482 -20.47 -42.14 20.16
PG GNP E . 4.83 -7.66 -47.14
O1G GNP E . 5.17 -7.55 -45.67
O2G GNP E . 5.32 -8.89 -47.87
O3G GNP E . 5.23 -6.33 -47.72
N3B GNP E . 3.25 -7.74 -47.29
PB GNP E . 2.40 -8.85 -46.55
O1B GNP E . 2.85 -10.20 -46.95
O2B GNP E . 2.46 -8.51 -45.11
O3A GNP E . 0.98 -8.70 -47.08
PA GNP E . -0.10 -7.92 -46.34
O1A GNP E . -0.55 -8.79 -45.24
O2A GNP E . 0.37 -6.57 -45.99
O5' GNP E . -1.33 -7.72 -47.32
C5' GNP E . -1.18 -7.12 -48.60
C4' GNP E . -2.52 -6.92 -49.30
O4' GNP E . -3.23 -8.18 -49.34
C3' GNP E . -3.47 -5.92 -48.64
O3' GNP E . -4.19 -5.19 -49.64
C2' GNP E . -4.43 -6.81 -47.87
O2' GNP E . -5.69 -6.20 -47.72
C1' GNP E . -4.53 -8.01 -48.80
N9 GNP E . -4.92 -9.21 -48.08
C8 GNP E . -4.19 -9.88 -47.14
N7 GNP E . -4.79 -10.92 -46.63
C5 GNP E . -6.02 -10.95 -47.28
C6 GNP E . -7.10 -11.85 -47.15
O6 GNP E . -7.17 -12.84 -46.39
N1 GNP E . -8.15 -11.52 -47.99
C2 GNP E . -8.16 -10.45 -48.86
N2 GNP E . -9.27 -10.30 -49.59
N3 GNP E . -7.15 -9.60 -48.99
C4 GNP E . -6.12 -9.90 -48.18
MG MG F . 3.92 -7.44 -44.05
PB GDP G . -3.05 -8.87 -1.77
O1B GDP G . -1.66 -8.72 -2.33
O2B GDP G . -3.32 -7.64 -0.92
O3B GDP G . -4.04 -8.93 -2.90
O3A GDP G . -3.13 -10.21 -0.86
PA GDP G . -4.25 -11.37 -1.01
O1A GDP G . -4.61 -11.95 0.34
O2A GDP G . -5.52 -10.90 -1.69
O5' GDP G . -3.51 -12.51 -1.87
C5' GDP G . -4.11 -13.00 -3.08
C4' GDP G . -4.44 -14.47 -2.91
O4' GDP G . -3.35 -15.12 -2.26
C3' GDP G . -5.66 -14.63 -2.02
O3' GDP G . -6.62 -15.46 -2.66
C2' GDP G . -5.15 -15.29 -0.76
O2' GDP G . -6.09 -16.26 -0.30
C1' GDP G . -3.84 -15.92 -1.18
N9 GDP G . -2.81 -15.93 -0.12
C8 GDP G . -2.48 -14.89 0.68
N7 GDP G . -1.48 -15.24 1.53
C5 GDP G . -1.15 -16.52 1.27
C6 GDP G . -0.17 -17.50 1.80
O6 GDP G . 0.62 -17.20 2.73
N1 GDP G . -0.15 -18.73 1.25
C2 GDP G . -0.98 -19.07 0.24
N2 GDP G . -0.90 -20.34 -0.26
N3 GDP G . -1.90 -18.22 -0.28
C4 GDP G . -2.03 -16.96 0.19
MG MG H . -5.19 -6.78 -0.90
S SO4 I . -7.26 7.59 -8.16
O1 SO4 I . -6.92 8.48 -9.27
O2 SO4 I . -8.37 8.15 -7.39
O3 SO4 I . -7.62 6.28 -8.69
O4 SO4 I . -6.09 7.44 -7.29
S SO4 J . -26.28 18.78 9.77
O1 SO4 J . -26.32 20.15 9.27
O2 SO4 J . -25.16 18.65 10.70
O3 SO4 J . -27.55 18.47 10.44
O4 SO4 J . -26.10 17.85 8.66
C1 DXC K . -16.54 7.34 19.52
C2 DXC K . -15.85 8.37 18.66
C3 DXC K . -16.36 8.47 17.24
C4 DXC K . -16.99 7.17 16.68
C5 DXC K . -17.81 6.49 17.74
C6 DXC K . -16.84 6.08 18.78
C7 DXC K . -15.21 8.98 16.35
C8 DXC K . -14.25 7.86 15.88
C9 DXC K . -15.05 6.78 15.19
C10 DXC K . -16.00 6.15 16.18
C11 DXC K . -14.16 5.60 14.76
C12 DXC K . -14.88 4.42 14.10
C13 DXC K . -15.81 3.84 15.10
C14 DXC K . -16.77 4.92 15.63
C15 DXC K . -12.99 5.94 13.85
C16 DXC K . -12.68 4.59 13.16
C17 DXC K . -13.67 3.56 13.71
C18 DXC K . -17.93 7.64 15.62
C19 DXC K . -13.85 2.33 12.81
O1 DXC K . -15.08 3.22 16.13
O2 DXC K . -15.79 7.03 20.65
C20 DXC K . -15.68 4.76 12.87
C21 DXC K . -12.50 1.72 12.47
C22 DXC K . -12.70 0.60 11.45
C23 DXC K . -11.41 0.01 10.94
O3 DXC K . -10.73 0.64 10.07
O4 DXC K . -11.00 -1.12 11.35
C24 DXC K . -14.62 1.25 13.51
P 5GP L . 10.94 -7.08 -10.87
O1P 5GP L . 11.86 -8.14 -11.43
O2P 5GP L . 10.81 -7.03 -9.37
O3P 5GP L . 9.66 -6.82 -11.63
O5' 5GP L . 11.80 -5.79 -11.16
C5' 5GP L . 13.02 -5.60 -10.46
C4' 5GP L . 13.71 -4.36 -10.94
O4' 5GP L . 13.53 -3.32 -9.94
C3' 5GP L . 15.21 -4.53 -11.13
O3' 5GP L . 15.64 -3.71 -12.22
C2' 5GP L . 15.77 -3.97 -9.82
O2' 5GP L . 17.10 -3.49 -9.92
C1' 5GP L . 14.80 -2.84 -9.53
N9 5GP L . 14.69 -2.46 -8.12
C8 5GP L . 13.97 -3.11 -7.18
N7 5GP L . 14.09 -2.44 -6.01
C5 5GP L . 14.86 -1.36 -6.22
C6 5GP L . 15.31 -0.32 -5.42
O6 5GP L . 15.01 -0.27 -4.21
N1 5GP L . 16.09 0.63 -5.94
C2 5GP L . 16.43 0.62 -7.23
N2 5GP L . 17.22 1.61 -7.72
N3 5GP L . 16.01 -0.38 -8.05
C4 5GP L . 15.22 -1.37 -7.56
S SO4 M . -28.62 54.85 28.59
O1 SO4 M . -29.86 55.03 29.38
O2 SO4 M . -27.48 54.83 29.49
O3 SO4 M . -28.55 53.62 27.74
O4 SO4 M . -28.56 56.06 27.76
S SO4 N . -23.07 55.21 31.99
O1 SO4 N . -22.45 53.88 32.12
O2 SO4 N . -24.15 55.14 30.99
O3 SO4 N . -23.61 55.66 33.28
O4 SO4 N . -22.06 56.18 31.55
S SO4 O . -58.25 66.07 47.49
O1 SO4 O . -57.64 67.37 47.77
O2 SO4 O . -57.49 65.03 48.18
O3 SO4 O . -59.63 66.08 47.96
O4 SO4 O . -58.24 65.81 46.05
C1 DXC P . -42.21 20.33 6.99
C2 DXC P . -42.29 21.61 7.74
C3 DXC P . -43.44 22.38 7.11
C4 DXC P . -43.15 22.63 5.63
C5 DXC P . -42.90 21.29 4.93
C6 DXC P . -41.73 20.64 5.62
C7 DXC P . -43.78 23.71 7.79
C8 DXC P . -42.58 24.66 7.72
C9 DXC P . -42.21 24.92 6.27
C10 DXC P . -41.98 23.64 5.51
C11 DXC P . -40.85 25.68 6.20
C12 DXC P . -40.34 26.02 4.83
C13 DXC P . -40.19 24.76 4.07
C14 DXC P . -41.49 23.95 4.09
C15 DXC P . -40.74 27.06 6.82
C16 DXC P . -39.30 27.41 6.43
C17 DXC P . -39.03 26.72 5.11
C18 DXC P . -44.48 23.08 5.07
C19 DXC P . -38.49 27.68 4.02
O1 DXC P . -39.16 24.10 4.71
O2 DXC P . -41.41 19.38 7.60
C20 DXC P . -41.26 26.94 4.10
C21 DXC P . -37.57 28.75 4.59
C22 DXC P . -37.03 29.70 3.52
C23 DXC P . -35.75 30.37 3.93
O3 DXC P . -35.68 31.06 5.00
O4 DXC P . -34.72 30.25 3.21
C24 DXC P . -37.74 26.95 2.97
C1 DXC Q . -19.51 11.51 21.58
C2 DXC Q . -20.16 10.19 21.73
C3 DXC Q . -20.05 9.43 20.42
C4 DXC Q . -20.68 10.18 19.25
C5 DXC Q . -20.03 11.54 19.14
C6 DXC Q . -20.10 12.26 20.44
C7 DXC Q . -20.64 8.01 20.54
C8 DXC Q . -22.15 8.15 20.80
C9 DXC Q . -22.73 8.83 19.57
C10 DXC Q . -22.21 10.23 19.31
C11 DXC Q . -24.29 8.86 19.54
C12 DXC Q . -24.89 9.43 18.30
C13 DXC Q . -24.36 10.81 18.16
C14 DXC Q . -22.84 10.81 18.02
C15 DXC Q . -24.97 7.51 19.61
C16 DXC Q . -26.43 7.86 19.31
C17 DXC Q . -26.37 9.21 18.60
C18 DXC Q . -20.17 9.41 18.06
C19 DXC Q . -27.42 9.21 17.46
O1 DXC Q . -24.68 11.55 19.29
O2 DXC Q . -19.67 12.27 22.75
C20 DXC Q . -24.52 8.69 17.06
C21 DXC Q . -28.74 8.60 17.93
C22 DXC Q . -29.80 9.68 17.95
C23 DXC Q . -31.14 9.13 18.26
O3 DXC Q . -31.29 8.40 19.28
O4 DXC Q . -32.11 9.43 17.51
C24 DXC Q . -27.63 10.59 16.91
C1 DXC R . -27.94 61.89 19.28
C2 DXC R . -28.66 61.54 18.01
C3 DXC R . -28.44 60.11 17.60
C4 DXC R . -26.97 59.73 17.55
C5 DXC R . -26.36 60.05 18.89
C6 DXC R . -26.49 61.53 19.15
C7 DXC R . -29.09 59.95 16.23
C8 DXC R . -28.38 60.84 15.21
C9 DXC R . -26.97 60.28 15.11
C10 DXC R . -26.23 60.39 16.42
C11 DXC R . -26.07 61.07 14.10
C12 DXC R . -24.63 60.62 13.97
C13 DXC R . -24.06 60.86 15.31
C14 DXC R . -24.78 59.92 16.29
C15 DXC R . -26.55 61.23 12.67
C16 DXC R . -25.33 61.92 12.05
C17 DXC R . -24.10 61.50 12.85
C18 DXC R . -26.85 58.27 17.38
C19 DXC R . -22.99 60.90 11.94
O1 DXC R . -24.21 62.20 15.66
O2 DXC R . -28.11 63.25 19.61
C20 DXC R . -24.43 59.18 13.66
C21 DXC R . -22.86 61.64 10.60
C22 DXC R . -21.74 62.68 10.61
C23 DXC R . -21.29 63.06 9.24
O3 DXC R . -22.11 63.31 8.33
O4 DXC R . -20.05 63.12 8.97
C24 DXC R . -21.66 60.90 12.63
C1 DXC S . -9.08 45.10 1.37
C2 DXC S . -7.69 45.36 1.82
C3 DXC S . -7.74 46.10 3.15
C4 DXC S . -8.51 47.42 3.05
C5 DXC S . -9.89 47.13 2.52
C6 DXC S . -9.75 46.43 1.19
C7 DXC S . -6.29 46.35 3.59
C8 DXC S . -5.59 47.15 2.47
C9 DXC S . -6.26 48.51 2.48
C10 DXC S . -7.76 48.46 2.19
C11 DXC S . -5.61 49.44 1.43
C12 DXC S . -6.22 50.82 1.31
C13 DXC S . -7.69 50.65 1.04
C14 DXC S . -8.36 49.88 2.20
C15 DXC S . -4.14 49.77 1.66
C16 DXC S . -3.94 50.79 0.52
C17 DXC S . -5.31 51.38 0.21
C18 DXC S . -8.69 47.93 4.43
C19 DXC S . -5.34 52.93 0.03
O1 DXC S . -7.88 49.97 -0.17
O2 DXC S . -9.08 44.38 0.20
C20 DXC S . -6.05 51.64 2.56
C21 DXC S . -4.11 53.51 -0.64
C22 DXC S . -4.07 53.12 -2.11
C23 DXC S . -3.00 53.86 -2.88
O3 DXC S . -2.16 54.55 -2.25
O4 DXC S . -2.95 53.77 -4.15
C24 DXC S . -6.51 53.40 -0.76
C1 DXC T . -7.48 51.06 10.47
C2 DXC T . -6.06 51.52 10.33
C3 DXC T . -5.68 51.75 8.88
C4 DXC T . -6.12 50.59 8.01
C5 DXC T . -7.58 50.28 8.14
C6 DXC T . -7.76 49.89 9.57
C7 DXC T . -4.18 51.97 8.69
C8 DXC T . -3.36 50.74 9.07
C9 DXC T . -3.83 49.63 8.17
C10 DXC T . -5.31 49.33 8.27
C11 DXC T . -3.14 48.28 8.42
C12 DXC T . -3.52 47.17 7.47
C13 DXC T . -4.99 46.90 7.58
C14 DXC T . -5.74 48.20 7.30
C15 DXC T . -1.64 48.33 8.23
C16 DXC T . -1.28 46.84 8.25
C17 DXC T . -2.56 46.09 7.93
C18 DXC T . -5.95 51.15 6.65
C19 DXC T . -2.33 44.94 6.95
O1 DXC T . -5.32 46.47 8.86
O2 DXC T . -7.79 50.76 11.80
C20 DXC T . -3.25 47.48 6.03
C21 DXC T . -0.84 44.57 6.91
C22 DXC T . -0.58 43.08 6.76
C23 DXC T . 0.70 42.81 6.03
O3 DXC T . 1.58 43.70 5.94
O4 DXC T . 0.89 41.67 5.51
C24 DXC T . -3.16 43.83 7.44
C1 DXC U . -25.20 66.64 25.93
C2 DXC U . -25.27 67.62 27.07
C3 DXC U . -25.51 66.85 28.36
C4 DXC U . -26.83 66.10 28.29
C5 DXC U . -26.66 65.12 27.19
C6 DXC U . -26.45 65.85 25.90
C7 DXC U . -25.53 67.80 29.55
C8 DXC U . -26.65 68.83 29.37
C9 DXC U . -27.95 68.05 29.33
C10 DXC U . -28.00 67.04 28.20
C11 DXC U . -29.19 68.99 29.21
C12 DXC U . -30.53 68.31 29.23
C13 DXC U . -30.50 67.40 28.05
C14 DXC U . -29.39 66.35 28.18
C15 DXC U . -29.39 70.10 30.23
C16 DXC U . -30.72 70.68 29.68
C17 DXC U . -31.49 69.50 29.09
C18 DXC U . -26.91 65.20 29.46
C19 DXC U . -32.92 69.32 29.65
O1 DXC U . -30.28 68.20 26.93
O2 DXC U . -25.00 67.24 24.68
C20 DXC U . -30.73 67.61 30.54
C21 DXC U . -33.62 70.62 29.94
C22 DXC U . -35.04 70.41 30.49
C23 DXC U . -35.90 71.64 30.31
O3 DXC U . -35.51 72.67 29.67
O4 DXC U . -37.07 71.65 30.82
C24 DXC U . -33.77 68.64 28.65
S SO4 V . -41.31 73.26 28.60
O1 SO4 V . -41.16 74.44 29.45
O2 SO4 V . -39.98 72.71 28.30
O3 SO4 V . -42.11 72.24 29.28
O4 SO4 V . -41.98 73.63 27.35
#